data_5VI4
#
_entry.id   5VI4
#
_cell.length_a   106.314
_cell.length_b   107.332
_cell.length_c   176.036
_cell.angle_alpha   90.000
_cell.angle_beta   107.270
_cell.angle_gamma   90.000
#
_symmetry.space_group_name_H-M   'I 1 2 1'
#
loop_
_entity.id
_entity.type
_entity.pdbx_description
1 polymer Interleukin-33
2 polymer 'Interleukin-1 receptor-like 1'
3 polymer 'Interleukin-1 receptor accessory protein'
4 non-polymer 2-acetamido-2-deoxy-beta-D-glucopyranose
#
loop_
_entity_poly.entity_id
_entity_poly.type
_entity_poly.pdbx_seq_one_letter_code
_entity_poly.pdbx_strand_id
1 'polypeptide(L)'
;SIQGTSLLTQSPASLSTYNDQSVSFVLENGSYVINVDDSGKDQEQDQVLLRYYESPSPASQSGDGVDGKKLMVNMSPIKD
TDIWLHANDKDYSVELQRGDVSPPEQAFFVLHKKSSDFVSFESKNLPGTYIGVKDNQLALVEEKDESSNNIMFKLSKI
;
A,D
2 'polypeptide(L)'
;ETGSKSSWGLENEALIVRCPQRGRSTYPVEWYYSDTNESIPTQKRNRIFVSRDRLKFLPARVEDSGIYACVIRSPNLNKT
GYLNVTIHKKPPSCNIPDYLMYSTVRGSDKNFKITCPTIDLYNWTAPVQWFKNCKALQEPRFRAHRSYLFIDNVTHDDEG
DYTCQFTHAENGTNYIVTATRSFTVEEKGFSMFPVITNPPYNHTMEVEIGKPASIACSACFGKGSHFLADVLWQINKTVV
GNFGEARIQEEEGRNESSSNDMDCLTSVLRITGVTEKDLSLEYDCLALNLHGMIRHTIRLRRKHHHHHH
;
B,E
3 'polypeptide(L)'
;ETGSERCDDWGLDTMRQIQVFEDEPARIKCPLFEHFLKYNYSTAHSSGLTLIWYWTRQDRDLEEPINFRLPENRISKEKD
VLWFRPTLLQDTGQYTCMLRNTTYCSKVAFPLEVVQKDSCFNSAMRFPVHKMYIEHGIHKITCPNVDGYFPSSVKPSVTW
YKGCTEIVDFHNVLPEGMQLSFFIPLVSNNGQYTCVVTYPENGRLFHLTRTVTVKVVGSPKDALPPQIYSPNDRVVYEKE
PGEELVIPCKVYFSFIMDSHNEVWWTIDGKKPDDVTVDITINESVSYSSTEDETRTQILSIKKVTPEDLRRNYVCHARNT
KGEAEQAAKVKQKHHHHHH
;
C,F
#
# COMPACT_ATOMS: atom_id res chain seq x y z
N SER A 6 24.23 11.04 -46.33
CA SER A 6 23.12 11.50 -45.49
C SER A 6 23.22 10.92 -44.09
N LEU A 7 24.45 10.65 -43.64
CA LEU A 7 24.66 10.09 -42.31
C LEU A 7 24.41 11.15 -41.26
N LEU A 8 23.61 10.80 -40.25
CA LEU A 8 23.27 11.71 -39.15
C LEU A 8 24.24 11.60 -37.98
N THR A 9 24.34 10.44 -37.34
CA THR A 9 25.21 10.29 -36.18
C THR A 9 25.73 8.85 -36.09
N GLN A 10 26.86 8.70 -35.42
CA GLN A 10 27.44 7.41 -35.10
C GLN A 10 27.53 7.29 -33.59
N SER A 11 27.46 6.05 -33.11
CA SER A 11 27.58 5.87 -31.68
C SER A 11 27.92 4.42 -31.38
N PRO A 12 28.88 4.16 -30.52
CA PRO A 12 29.17 2.78 -30.13
C PRO A 12 28.26 2.34 -28.99
N ALA A 13 27.97 1.05 -28.99
CA ALA A 13 27.08 0.50 -27.98
C ALA A 13 27.22 -1.01 -28.00
N SER A 14 26.89 -1.61 -26.86
CA SER A 14 26.78 -3.05 -26.72
C SER A 14 25.32 -3.48 -26.80
N LEU A 15 25.11 -4.66 -27.39
CA LEU A 15 23.80 -5.21 -27.69
C LEU A 15 23.49 -6.40 -26.78
N SER A 16 22.38 -6.35 -26.08
CA SER A 16 21.94 -7.50 -25.29
C SER A 16 20.54 -7.88 -25.73
N THR A 17 20.09 -9.04 -25.26
CA THR A 17 18.78 -9.55 -25.63
C THR A 17 17.78 -9.32 -24.51
N TYR A 18 16.51 -9.44 -24.86
CA TYR A 18 15.42 -9.38 -23.89
C TYR A 18 15.63 -10.40 -22.79
N ASN A 19 16.16 -11.57 -23.13
CA ASN A 19 16.46 -12.61 -22.15
C ASN A 19 17.86 -12.47 -21.55
N ASP A 20 18.36 -11.25 -21.52
CA ASP A 20 19.60 -10.89 -20.82
C ASP A 20 20.77 -11.75 -21.23
N GLN A 21 20.90 -11.93 -22.55
CA GLN A 21 22.04 -12.61 -23.14
C GLN A 21 22.79 -11.62 -24.00
N SER A 22 24.07 -11.90 -24.25
CA SER A 22 24.95 -10.97 -24.96
C SER A 22 25.15 -11.44 -26.39
N VAL A 23 25.27 -10.47 -27.31
CA VAL A 23 25.63 -10.78 -28.69
C VAL A 23 27.09 -10.41 -28.89
N SER A 24 27.82 -11.30 -29.54
CA SER A 24 29.27 -11.24 -29.69
C SER A 24 29.65 -11.51 -31.14
N PHE A 25 30.85 -11.03 -31.47
CA PHE A 25 31.49 -11.17 -32.77
C PHE A 25 32.80 -11.90 -32.52
N VAL A 26 32.99 -13.08 -33.12
CA VAL A 26 34.12 -13.95 -32.81
C VAL A 26 35.17 -13.83 -33.90
N LEU A 27 36.43 -13.74 -33.48
CA LEU A 27 37.53 -13.65 -34.42
C LEU A 27 37.67 -14.99 -35.14
N GLU A 28 37.79 -14.94 -36.46
CA GLU A 28 37.84 -16.13 -37.31
C GLU A 28 36.74 -17.15 -36.99
N TYR A 32 34.55 -13.84 -38.97
CA TYR A 32 33.59 -13.33 -38.00
C TYR A 32 32.27 -14.07 -38.05
N VAL A 33 31.72 -14.36 -36.88
CA VAL A 33 30.41 -14.97 -36.76
C VAL A 33 29.73 -14.35 -35.55
N ILE A 34 28.42 -14.36 -35.57
CA ILE A 34 27.55 -13.82 -34.53
C ILE A 34 27.29 -14.90 -33.50
N ASN A 35 27.26 -14.52 -32.23
CA ASN A 35 26.92 -15.39 -31.11
C ASN A 35 26.07 -14.71 -30.07
N VAL A 36 25.17 -15.49 -29.47
CA VAL A 36 24.18 -15.01 -28.52
C VAL A 36 24.21 -15.97 -27.34
N ASP A 37 24.73 -15.52 -26.19
CA ASP A 37 24.72 -16.35 -24.99
C ASP A 37 25.03 -15.46 -23.80
N ASP A 38 24.79 -16.01 -22.60
CA ASP A 38 25.09 -15.30 -21.37
C ASP A 38 26.59 -15.29 -21.13
N SER A 39 27.02 -14.31 -20.37
CA SER A 39 28.43 -14.12 -20.10
C SER A 39 28.63 -13.91 -18.62
N GLY A 40 29.89 -14.02 -18.20
CA GLY A 40 30.18 -13.81 -16.80
C GLY A 40 30.11 -12.35 -16.45
N LYS A 41 29.85 -12.07 -15.18
CA LYS A 41 29.82 -10.68 -14.75
C LYS A 41 31.18 -10.03 -14.96
N ASP A 42 31.15 -8.78 -15.41
CA ASP A 42 32.34 -7.94 -15.50
C ASP A 42 33.35 -8.53 -16.47
N GLN A 43 32.83 -9.25 -17.46
CA GLN A 43 33.57 -9.73 -18.61
C GLN A 43 33.23 -8.78 -19.75
N GLU A 44 34.24 -8.08 -20.27
CA GLU A 44 33.93 -7.04 -21.24
C GLU A 44 33.34 -7.68 -22.49
N GLN A 45 32.19 -7.20 -22.88
CA GLN A 45 31.44 -7.72 -24.02
C GLN A 45 31.70 -6.84 -25.24
N ASP A 46 31.38 -7.39 -26.41
CA ASP A 46 31.74 -6.69 -27.63
C ASP A 46 30.88 -5.45 -27.82
N GLN A 47 31.42 -4.51 -28.57
CA GLN A 47 30.74 -3.28 -28.89
C GLN A 47 30.56 -3.23 -30.40
N VAL A 48 29.61 -2.41 -30.84
CA VAL A 48 29.29 -2.24 -32.25
C VAL A 48 29.03 -0.76 -32.48
N LEU A 49 29.45 -0.25 -33.63
CA LEU A 49 29.18 1.12 -34.02
C LEU A 49 27.87 1.16 -34.81
N LEU A 50 26.93 1.97 -34.34
CA LEU A 50 25.64 2.19 -34.98
C LEU A 50 25.67 3.50 -35.75
N ARG A 51 25.35 3.45 -37.05
CA ARG A 51 25.18 4.65 -37.86
C ARG A 51 23.70 4.87 -38.10
N TYR A 52 23.21 6.05 -37.72
CA TYR A 52 21.80 6.41 -37.80
C TYR A 52 21.57 7.33 -38.98
N TYR A 53 20.55 7.01 -39.77
CA TYR A 53 20.09 7.76 -40.93
C TYR A 53 18.59 7.97 -40.79
N GLU A 54 18.03 8.76 -41.71
CA GLU A 54 16.60 8.99 -41.77
C GLU A 54 16.01 7.87 -42.63
N SER A 55 15.09 7.11 -42.08
CA SER A 55 14.47 6.05 -42.86
C SER A 55 13.31 6.62 -43.63
N PRO A 56 12.75 5.86 -44.58
CA PRO A 56 11.53 6.32 -45.26
C PRO A 56 10.25 6.00 -44.50
N SER A 57 10.34 5.32 -43.34
CA SER A 57 9.12 4.90 -42.63
C SER A 57 8.58 6.07 -41.81
N PRO A 58 7.26 6.24 -41.77
CA PRO A 58 6.69 7.27 -40.90
C PRO A 58 6.96 6.93 -39.45
N ALA A 59 7.23 7.95 -38.65
CA ALA A 59 7.25 7.78 -37.21
C ALA A 59 5.82 7.50 -36.81
N SER A 60 5.56 6.30 -36.32
CA SER A 60 4.24 5.72 -36.54
C SER A 60 3.13 6.59 -35.95
N GLN A 61 3.31 7.02 -34.70
CA GLN A 61 2.50 8.07 -34.09
C GLN A 61 3.43 9.10 -33.47
N SER A 62 4.00 9.93 -34.35
CA SER A 62 4.70 11.17 -34.05
C SER A 62 3.75 12.29 -33.65
N GLY A 63 2.45 12.10 -33.86
CA GLY A 63 1.49 13.10 -33.46
C GLY A 63 0.74 13.68 -34.63
N ASP A 64 -0.39 14.32 -34.34
CA ASP A 64 -1.20 14.95 -35.37
C ASP A 64 -0.48 16.19 -35.92
N GLY A 65 -0.13 16.14 -37.20
CA GLY A 65 0.48 17.28 -37.88
C GLY A 65 1.98 17.23 -38.02
N VAL A 66 2.65 16.35 -37.29
CA VAL A 66 4.11 16.25 -37.31
C VAL A 66 4.52 15.13 -38.25
N ASP A 67 5.39 15.46 -39.20
CA ASP A 67 5.83 14.50 -40.21
C ASP A 67 7.10 13.80 -39.72
N GLY A 68 6.94 13.06 -38.63
CA GLY A 68 8.06 12.33 -38.09
C GLY A 68 8.43 11.15 -38.97
N LYS A 69 9.70 10.75 -38.90
CA LYS A 69 10.15 9.53 -39.55
C LYS A 69 11.00 8.73 -38.59
N LYS A 70 11.06 7.42 -38.81
CA LYS A 70 11.85 6.57 -37.93
C LYS A 70 13.30 6.62 -38.36
N LEU A 71 14.16 6.11 -37.49
CA LEU A 71 15.55 6.09 -37.89
C LEU A 71 15.88 4.75 -38.52
N MET A 72 17.00 4.74 -39.20
CA MET A 72 17.52 3.61 -39.95
C MET A 72 18.95 3.41 -39.48
N VAL A 73 19.33 2.17 -39.19
CA VAL A 73 20.65 1.93 -38.63
C VAL A 73 21.44 1.04 -39.57
N ASN A 74 22.76 1.12 -39.48
CA ASN A 74 23.59 0.02 -39.95
C ASN A 74 24.65 -0.18 -38.88
N MET A 75 25.05 -1.43 -38.68
CA MET A 75 25.88 -1.81 -37.54
C MET A 75 27.19 -2.42 -37.99
N SER A 76 28.26 -2.05 -37.29
CA SER A 76 29.61 -2.55 -37.52
C SER A 76 30.22 -3.01 -36.21
N PRO A 77 31.16 -3.94 -36.24
CA PRO A 77 31.95 -4.18 -35.03
C PRO A 77 32.91 -3.02 -34.81
N ILE A 78 33.19 -2.70 -33.55
CA ILE A 78 34.15 -1.63 -33.30
C ILE A 78 35.55 -2.08 -33.72
N LYS A 79 35.85 -3.37 -33.59
CA LYS A 79 37.18 -3.86 -33.97
C LYS A 79 37.49 -3.60 -35.45
N ASP A 80 36.56 -3.87 -36.35
CA ASP A 80 36.75 -3.51 -37.75
C ASP A 80 35.48 -2.85 -38.25
N THR A 81 35.64 -1.61 -38.75
CA THR A 81 34.54 -0.71 -39.06
C THR A 81 34.08 -0.78 -40.51
N ASP A 82 34.56 -1.76 -41.28
CA ASP A 82 34.03 -1.95 -42.63
C ASP A 82 33.23 -3.24 -42.77
N ILE A 83 32.73 -3.78 -41.67
CA ILE A 83 31.93 -5.00 -41.69
C ILE A 83 30.53 -4.61 -41.26
N TRP A 84 29.52 -5.18 -41.90
CA TRP A 84 28.16 -4.73 -41.67
C TRP A 84 27.29 -5.91 -41.30
N LEU A 85 26.29 -5.64 -40.47
CA LEU A 85 25.20 -6.60 -40.28
C LEU A 85 24.35 -6.59 -41.54
N HIS A 86 24.26 -7.73 -42.19
CA HIS A 86 23.69 -7.89 -43.52
C HIS A 86 22.60 -8.96 -43.45
N ALA A 87 21.43 -8.64 -44.01
CA ALA A 87 20.27 -9.52 -44.00
C ALA A 87 20.13 -10.22 -45.34
N ASN A 88 20.02 -11.56 -45.31
CA ASN A 88 19.96 -12.36 -46.52
C ASN A 88 18.55 -12.44 -47.07
N ASP A 89 18.38 -12.05 -48.34
CA ASP A 89 17.07 -11.91 -48.93
C ASP A 89 16.26 -13.21 -48.89
N LYS A 90 16.90 -14.34 -49.22
CA LYS A 90 16.19 -15.60 -49.42
C LYS A 90 16.64 -16.71 -48.48
N ASP A 91 17.71 -16.46 -47.72
CA ASP A 91 18.25 -17.36 -46.71
C ASP A 91 17.81 -16.99 -45.30
N TYR A 92 17.26 -15.77 -45.12
CA TYR A 92 16.67 -15.32 -43.86
C TYR A 92 17.64 -15.33 -42.67
N SER A 93 18.91 -15.04 -42.93
CA SER A 93 19.90 -15.02 -41.88
C SER A 93 20.48 -13.63 -41.73
N VAL A 94 21.07 -13.39 -40.57
CA VAL A 94 21.83 -12.17 -40.31
C VAL A 94 23.29 -12.55 -40.21
N GLU A 95 24.09 -12.02 -41.12
CA GLU A 95 25.49 -12.38 -41.22
C GLU A 95 26.31 -11.11 -41.33
N LEU A 96 27.58 -11.22 -40.98
CA LEU A 96 28.50 -10.10 -41.10
C LEU A 96 29.12 -10.16 -42.50
N GLN A 97 29.14 -9.04 -43.21
CA GLN A 97 29.64 -9.03 -44.58
C GLN A 97 30.52 -7.82 -44.84
N ARG A 98 31.44 -7.97 -45.79
CA ARG A 98 32.47 -6.96 -46.08
C ARG A 98 32.02 -6.01 -47.19
N SER A 102 29.98 2.31 -48.20
CA SER A 102 28.93 2.00 -49.16
C SER A 102 28.30 0.63 -48.91
N PRO A 103 27.33 0.57 -47.99
CA PRO A 103 26.59 -0.68 -47.76
C PRO A 103 25.31 -0.71 -48.59
N PRO A 104 24.82 -1.90 -48.93
CA PRO A 104 23.57 -2.01 -49.69
C PRO A 104 22.37 -1.91 -48.74
N GLU A 105 21.17 -1.94 -49.34
CA GLU A 105 19.95 -1.90 -48.55
C GLU A 105 19.81 -3.15 -47.66
N GLN A 106 20.66 -4.15 -47.85
CA GLN A 106 20.59 -5.35 -47.03
C GLN A 106 21.28 -5.16 -45.68
N ALA A 107 21.94 -4.03 -45.47
CA ALA A 107 22.62 -3.77 -44.20
C ALA A 107 21.93 -2.67 -43.40
N PHE A 108 20.77 -2.20 -43.86
CA PHE A 108 20.02 -1.16 -43.17
C PHE A 108 18.80 -1.75 -42.49
N PHE A 109 18.54 -1.31 -41.25
CA PHE A 109 17.45 -1.82 -40.45
C PHE A 109 16.69 -0.63 -39.84
N VAL A 110 15.40 -0.54 -40.14
CA VAL A 110 14.56 0.46 -39.49
C VAL A 110 14.49 0.16 -38.01
N LEU A 111 14.65 1.20 -37.21
CA LEU A 111 14.75 1.06 -35.76
C LEU A 111 13.39 1.39 -35.17
N HIS A 112 12.84 0.46 -34.40
CA HIS A 112 11.61 0.69 -33.65
C HIS A 112 11.95 0.74 -32.17
N LYS A 113 11.39 1.71 -31.46
CA LYS A 113 11.48 1.76 -30.01
C LYS A 113 10.30 0.95 -29.47
N LYS A 114 10.59 -0.15 -28.77
CA LYS A 114 9.52 -1.04 -28.34
C LYS A 114 9.22 -0.93 -26.85
N SER A 115 10.13 -0.39 -26.06
CA SER A 115 9.94 -0.21 -24.62
C SER A 115 11.03 0.74 -24.17
N SER A 116 10.98 1.11 -22.88
CA SER A 116 11.99 2.01 -22.32
C SER A 116 13.39 1.51 -22.59
N ASP A 117 13.61 0.19 -22.58
CA ASP A 117 14.95 -0.36 -22.67
C ASP A 117 15.22 -1.25 -23.89
N PHE A 118 14.23 -1.53 -24.76
CA PHE A 118 14.46 -2.44 -25.87
C PHE A 118 13.99 -1.86 -27.20
N VAL A 119 14.73 -2.18 -28.27
CA VAL A 119 14.43 -1.73 -29.62
C VAL A 119 14.40 -2.93 -30.56
N SER A 120 13.92 -2.70 -31.78
CA SER A 120 13.81 -3.74 -32.80
C SER A 120 14.36 -3.25 -34.14
N PHE A 121 14.92 -4.18 -34.90
CA PHE A 121 15.57 -3.87 -36.18
C PHE A 121 14.80 -4.55 -37.30
N GLU A 122 13.93 -3.80 -37.97
CA GLU A 122 13.21 -4.36 -39.09
C GLU A 122 14.09 -4.28 -40.32
N SER A 123 14.25 -5.39 -41.04
CA SER A 123 15.10 -5.39 -42.22
C SER A 123 14.49 -4.49 -43.29
N LYS A 124 15.24 -3.47 -43.72
CA LYS A 124 14.73 -2.60 -44.77
C LYS A 124 14.62 -3.37 -46.09
N ASN A 125 15.55 -4.28 -46.33
CA ASN A 125 15.53 -5.04 -47.57
C ASN A 125 14.30 -5.92 -47.69
N LEU A 126 13.78 -6.43 -46.56
CA LEU A 126 12.60 -7.29 -46.54
C LEU A 126 11.63 -6.80 -45.46
N PRO A 127 10.74 -5.87 -45.81
CA PRO A 127 9.78 -5.32 -44.83
C PRO A 127 8.96 -6.40 -44.14
N GLY A 128 8.67 -6.15 -42.86
CA GLY A 128 7.88 -7.04 -42.03
C GLY A 128 8.69 -8.08 -41.28
N THR A 129 10.00 -8.15 -41.51
CA THR A 129 10.85 -9.09 -40.82
C THR A 129 11.92 -8.36 -40.05
N TYR A 130 12.19 -8.85 -38.85
CA TYR A 130 13.10 -8.22 -37.92
C TYR A 130 14.26 -9.14 -37.64
N ILE A 131 15.31 -8.56 -37.09
CA ILE A 131 16.41 -9.35 -36.54
C ILE A 131 15.91 -9.96 -35.24
N GLY A 132 16.15 -11.26 -35.08
CA GLY A 132 15.79 -11.95 -33.85
C GLY A 132 16.81 -13.02 -33.56
N VAL A 133 16.83 -13.48 -32.32
CA VAL A 133 17.79 -14.50 -31.90
C VAL A 133 17.17 -15.88 -32.06
N LYS A 134 17.92 -16.79 -32.68
CA LYS A 134 17.41 -18.13 -32.96
C LYS A 134 18.55 -19.09 -32.77
N ASP A 135 18.43 -19.98 -31.78
CA ASP A 135 19.47 -20.97 -31.50
C ASP A 135 20.83 -20.29 -31.37
N ASN A 136 20.87 -19.26 -30.52
CA ASN A 136 22.09 -18.53 -30.21
C ASN A 136 22.73 -17.92 -31.46
N GLN A 137 21.91 -17.59 -32.45
CA GLN A 137 22.35 -16.94 -33.68
C GLN A 137 21.39 -15.79 -33.97
N LEU A 138 21.62 -15.12 -35.09
CA LEU A 138 20.77 -14.05 -35.57
C LEU A 138 20.04 -14.52 -36.83
N ALA A 139 18.72 -14.39 -36.85
CA ALA A 139 17.93 -14.75 -38.02
C ALA A 139 16.90 -13.67 -38.27
N LEU A 140 16.23 -13.74 -39.41
CA LEU A 140 15.14 -12.83 -39.73
C LEU A 140 13.83 -13.55 -39.42
N VAL A 141 13.06 -12.97 -38.49
CA VAL A 141 11.80 -13.57 -38.05
C VAL A 141 10.70 -12.51 -38.13
N GLU A 142 9.47 -12.93 -37.86
CA GLU A 142 8.35 -12.00 -37.83
C GLU A 142 8.04 -11.65 -36.38
N GLU A 143 7.43 -10.49 -36.19
CA GLU A 143 7.02 -10.06 -34.85
C GLU A 143 5.70 -10.72 -34.49
N LYS A 144 5.70 -11.51 -33.40
CA LYS A 144 4.44 -12.10 -32.96
C LYS A 144 4.37 -12.00 -31.44
N ASP A 145 3.15 -11.80 -30.95
CA ASP A 145 2.96 -11.40 -29.56
C ASP A 145 3.46 -12.47 -28.59
N GLU A 146 3.27 -13.74 -28.92
CA GLU A 146 3.72 -14.81 -28.04
C GLU A 146 5.24 -14.80 -27.90
N SER A 147 5.96 -14.46 -28.98
CA SER A 147 7.40 -14.57 -29.03
C SER A 147 8.07 -13.23 -29.34
N SER A 148 7.37 -12.11 -29.14
CA SER A 148 7.92 -10.77 -29.41
C SER A 148 9.30 -10.60 -28.82
N ASN A 149 9.57 -11.30 -27.71
CA ASN A 149 10.87 -11.20 -27.07
C ASN A 149 12.01 -11.61 -28.00
N ASN A 150 11.70 -12.40 -29.05
CA ASN A 150 12.71 -12.74 -30.04
C ASN A 150 13.39 -11.50 -30.62
N ILE A 151 12.62 -10.44 -30.88
CA ILE A 151 13.13 -9.36 -31.71
C ILE A 151 13.55 -8.13 -30.91
N MET A 152 13.52 -8.20 -29.58
CA MET A 152 13.78 -7.06 -28.71
C MET A 152 15.22 -7.05 -28.22
N PHE A 153 15.90 -5.90 -28.40
CA PHE A 153 17.32 -5.77 -28.06
C PHE A 153 17.59 -4.50 -27.27
N LYS A 154 18.52 -4.59 -26.31
CA LYS A 154 18.86 -3.46 -25.48
C LYS A 154 20.22 -2.89 -25.88
N LEU A 155 20.25 -1.58 -26.09
CA LEU A 155 21.45 -0.84 -26.43
C LEU A 155 22.00 -0.17 -25.17
N SER A 156 23.22 -0.52 -24.78
CA SER A 156 23.86 0.07 -23.60
C SER A 156 25.22 0.62 -24.00
N LYS A 157 25.68 1.65 -23.28
CA LYS A 157 26.93 2.30 -23.66
C LYS A 157 28.14 1.63 -23.01
N SER B 6 34.79 -20.10 -22.04
CA SER B 6 34.72 -20.48 -20.64
C SER B 6 33.31 -20.90 -20.22
N SER B 7 33.23 -21.88 -19.32
CA SER B 7 31.97 -22.37 -18.77
C SER B 7 32.22 -22.84 -17.33
N TRP B 8 31.19 -22.79 -16.50
CA TRP B 8 31.38 -23.13 -15.10
C TRP B 8 30.10 -23.71 -14.52
N GLY B 9 30.27 -24.46 -13.44
CA GLY B 9 29.13 -25.03 -12.76
C GLY B 9 29.53 -25.54 -11.39
N LEU B 10 28.50 -25.76 -10.56
CA LEU B 10 28.72 -26.30 -9.24
C LEU B 10 28.72 -27.83 -9.28
N GLU B 11 29.46 -28.43 -8.36
CA GLU B 11 29.57 -29.88 -8.29
C GLU B 11 28.29 -30.51 -7.74
N ASN B 12 28.01 -31.74 -8.18
CA ASN B 12 26.75 -32.44 -7.94
C ASN B 12 25.57 -31.74 -8.59
N GLU B 13 25.84 -30.85 -9.55
CA GLU B 13 24.81 -30.19 -10.35
C GLU B 13 24.98 -30.62 -11.79
N ALA B 14 23.89 -30.58 -12.55
CA ALA B 14 23.99 -30.83 -13.98
C ALA B 14 24.70 -29.68 -14.66
N LEU B 15 25.48 -30.00 -15.70
CA LEU B 15 26.11 -28.96 -16.50
C LEU B 15 26.06 -29.33 -17.98
N ILE B 16 25.61 -28.41 -18.84
CA ILE B 16 25.48 -28.66 -20.27
C ILE B 16 26.09 -27.49 -21.02
N VAL B 17 26.94 -27.76 -22.01
CA VAL B 17 27.62 -26.66 -22.68
C VAL B 17 27.49 -26.71 -24.19
N ARG B 18 27.57 -25.51 -24.79
CA ARG B 18 27.45 -25.26 -26.22
C ARG B 18 28.83 -24.95 -26.79
N CYS B 19 29.16 -25.55 -27.92
CA CYS B 19 30.43 -25.23 -28.54
C CYS B 19 30.17 -24.50 -29.86
N PRO B 20 31.01 -23.53 -30.29
CA PRO B 20 30.81 -22.89 -31.61
C PRO B 20 31.03 -23.82 -32.79
N PRO B 28 27.69 -35.61 -36.87
CA PRO B 28 28.92 -34.98 -37.33
C PRO B 28 29.69 -34.25 -36.23
N VAL B 29 29.39 -34.54 -34.96
CA VAL B 29 30.06 -33.90 -33.84
C VAL B 29 30.58 -34.99 -32.90
N GLU B 30 31.83 -34.82 -32.44
CA GLU B 30 32.50 -35.81 -31.62
C GLU B 30 33.21 -35.14 -30.45
N TRP B 31 33.24 -35.81 -29.31
CA TRP B 31 33.88 -35.27 -28.10
C TRP B 31 34.87 -36.27 -27.48
N ARG B 47 28.19 -39.99 -15.36
CA ARG B 47 29.39 -39.50 -16.03
C ARG B 47 29.06 -38.76 -17.35
N ILE B 48 30.05 -38.00 -17.82
CA ILE B 48 30.01 -37.18 -19.02
C ILE B 48 29.34 -37.89 -20.20
N PHE B 49 28.30 -37.28 -20.76
CA PHE B 49 27.66 -37.77 -21.98
C PHE B 49 27.71 -36.69 -23.07
N VAL B 50 27.26 -37.06 -24.26
CA VAL B 50 27.16 -36.14 -25.39
C VAL B 50 25.93 -36.50 -26.19
N SER B 51 25.08 -35.50 -26.45
CA SER B 51 23.86 -35.69 -27.25
C SER B 51 23.87 -34.63 -28.33
N ARG B 52 23.76 -35.06 -29.59
CA ARG B 52 23.90 -34.18 -30.73
C ARG B 52 25.21 -33.42 -30.60
N ASP B 53 25.14 -32.09 -30.52
CA ASP B 53 26.33 -31.24 -30.44
C ASP B 53 26.59 -30.75 -29.02
N ARG B 54 26.09 -31.43 -27.99
CA ARG B 54 26.25 -30.85 -26.66
C ARG B 54 26.86 -31.85 -25.69
N LEU B 55 27.64 -31.28 -24.77
CA LEU B 55 28.44 -32.01 -23.80
C LEU B 55 27.81 -31.82 -22.44
N LYS B 56 27.57 -32.92 -21.75
CA LYS B 56 26.77 -32.96 -20.54
C LYS B 56 27.54 -33.61 -19.39
N PHE B 57 27.47 -32.98 -18.23
CA PHE B 57 28.01 -33.52 -16.98
C PHE B 57 26.81 -33.82 -16.08
N LEU B 58 26.57 -35.11 -15.83
CA LEU B 58 25.45 -35.53 -14.97
C LEU B 58 25.90 -36.65 -14.04
N PRO B 59 26.23 -36.33 -12.78
CA PRO B 59 26.38 -34.93 -12.37
C PRO B 59 27.77 -34.41 -12.71
N ALA B 60 27.99 -33.12 -12.50
CA ALA B 60 29.29 -32.52 -12.73
C ALA B 60 30.10 -32.68 -11.46
N ARG B 61 31.33 -33.19 -11.60
CA ARG B 61 32.21 -33.34 -10.46
C ARG B 61 33.55 -32.69 -10.77
N VAL B 62 34.19 -32.17 -9.72
CA VAL B 62 35.28 -31.23 -9.90
C VAL B 62 36.46 -31.81 -10.70
N GLU B 63 36.61 -33.13 -10.72
CA GLU B 63 37.72 -33.75 -11.45
C GLU B 63 37.65 -33.49 -12.96
N ASP B 64 36.45 -33.44 -13.54
CA ASP B 64 36.33 -33.28 -14.99
C ASP B 64 36.56 -31.85 -15.47
N SER B 65 36.71 -30.87 -14.59
CA SER B 65 37.01 -29.50 -15.02
C SER B 65 38.31 -29.42 -15.80
N GLY B 66 38.22 -29.22 -17.10
CA GLY B 66 39.36 -29.12 -17.97
C GLY B 66 38.94 -28.47 -19.27
N ILE B 67 39.82 -28.58 -20.26
CA ILE B 67 39.57 -28.10 -21.61
C ILE B 67 39.21 -29.22 -22.56
N TYR B 68 38.00 -29.09 -23.11
CA TYR B 68 37.31 -30.00 -23.98
C TYR B 68 37.29 -29.45 -25.40
N ALA B 69 37.34 -30.37 -26.37
CA ALA B 69 37.47 -30.06 -27.78
C ALA B 69 36.28 -30.63 -28.56
N CYS B 70 35.73 -29.82 -29.44
CA CYS B 70 34.59 -30.22 -30.24
C CYS B 70 35.00 -30.18 -31.70
N VAL B 71 34.54 -31.17 -32.49
CA VAL B 71 34.92 -31.28 -33.90
C VAL B 71 33.66 -31.38 -34.74
N ILE B 72 33.67 -30.74 -35.92
CA ILE B 72 32.56 -30.75 -36.88
C ILE B 72 33.15 -31.20 -38.22
N ARG B 73 32.52 -32.17 -38.86
CA ARG B 73 33.01 -32.69 -40.14
C ARG B 73 31.95 -32.51 -41.23
N LYS B 79 36.83 -25.90 -38.28
CA LYS B 79 35.85 -26.95 -38.00
C LYS B 79 35.82 -27.32 -36.51
N THR B 80 36.58 -26.62 -35.67
CA THR B 80 36.75 -27.03 -34.29
C THR B 80 36.66 -25.85 -33.34
N GLY B 81 36.63 -26.17 -32.05
CA GLY B 81 36.60 -25.17 -31.00
C GLY B 81 36.86 -25.80 -29.65
N TYR B 82 37.27 -24.95 -28.70
CA TYR B 82 37.51 -25.38 -27.32
C TYR B 82 36.99 -24.34 -26.34
N LEU B 83 36.61 -24.81 -25.15
CA LEU B 83 36.23 -23.97 -24.02
C LEU B 83 36.80 -24.60 -22.75
N ASN B 84 37.20 -23.76 -21.79
CA ASN B 84 37.72 -24.24 -20.51
C ASN B 84 36.59 -24.22 -19.47
N VAL B 85 36.23 -25.42 -19.02
CA VAL B 85 35.16 -25.66 -18.06
C VAL B 85 35.76 -25.73 -16.66
N THR B 86 35.12 -25.07 -15.71
CA THR B 86 35.56 -25.13 -14.31
C THR B 86 34.38 -25.52 -13.43
N ILE B 87 34.61 -26.54 -12.61
CA ILE B 87 33.63 -27.04 -11.67
C ILE B 87 34.05 -26.55 -10.29
N HIS B 88 33.11 -26.13 -9.48
CA HIS B 88 33.45 -25.52 -8.22
C HIS B 88 32.74 -26.20 -7.06
N LYS B 89 33.26 -25.95 -5.86
CA LYS B 89 32.67 -26.45 -4.64
C LYS B 89 31.65 -25.43 -4.16
N LYS B 90 30.50 -25.92 -3.72
CA LYS B 90 29.38 -25.05 -3.36
C LYS B 90 29.88 -23.97 -2.41
N PRO B 91 29.59 -22.70 -2.67
CA PRO B 91 30.26 -21.62 -1.95
C PRO B 91 30.07 -21.80 -0.43
N PRO B 92 31.07 -21.41 0.35
CA PRO B 92 30.88 -21.59 1.80
C PRO B 92 29.80 -20.68 2.33
N SER B 93 29.88 -19.40 2.03
CA SER B 93 28.91 -18.42 2.48
C SER B 93 27.81 -18.33 1.44
N CYS B 94 26.75 -17.60 1.82
CA CYS B 94 25.68 -17.38 0.85
C CYS B 94 26.12 -16.42 -0.24
N ASN B 95 26.84 -15.36 0.10
CA ASN B 95 27.29 -14.45 -0.96
C ASN B 95 28.24 -15.21 -1.87
N ILE B 96 27.79 -15.43 -3.12
CA ILE B 96 28.59 -16.11 -4.13
C ILE B 96 29.57 -15.08 -4.70
N PRO B 97 30.82 -15.44 -4.96
CA PRO B 97 31.75 -14.46 -5.53
C PRO B 97 31.39 -14.13 -6.96
N ASP B 98 32.08 -13.14 -7.52
CA ASP B 98 31.70 -12.65 -8.84
C ASP B 98 31.99 -13.67 -9.94
N TYR B 99 32.98 -14.54 -9.76
CA TYR B 99 33.45 -15.39 -10.86
C TYR B 99 32.52 -16.57 -11.18
N LEU B 100 31.44 -16.79 -10.43
CA LEU B 100 30.40 -17.74 -10.83
C LEU B 100 29.05 -17.07 -11.06
N MET B 101 29.04 -15.77 -11.24
CA MET B 101 27.81 -15.07 -11.60
C MET B 101 27.81 -14.70 -13.08
N TYR B 102 26.60 -14.60 -13.63
CA TYR B 102 26.45 -14.24 -15.02
C TYR B 102 26.24 -12.72 -15.13
N SER B 103 26.13 -12.26 -16.38
CA SER B 103 26.14 -10.84 -16.67
C SER B 103 25.09 -10.12 -15.83
N THR B 104 25.46 -8.93 -15.37
CA THR B 104 24.60 -8.15 -14.50
C THR B 104 23.37 -7.70 -15.27
N VAL B 105 22.22 -7.68 -14.60
CA VAL B 105 21.00 -7.15 -15.20
C VAL B 105 20.81 -5.74 -14.66
N ARG B 106 21.00 -4.76 -15.55
CA ARG B 106 20.81 -3.35 -15.23
C ARG B 106 19.34 -3.04 -15.46
N GLY B 107 18.55 -3.24 -14.41
CA GLY B 107 17.12 -2.99 -14.47
C GLY B 107 16.73 -1.59 -14.02
N SER B 108 15.42 -1.35 -14.13
CA SER B 108 14.85 -0.05 -13.84
C SER B 108 13.46 -0.26 -13.24
N ASP B 109 12.80 0.84 -12.90
CA ASP B 109 11.40 0.77 -12.52
C ASP B 109 10.49 0.46 -13.70
N LYS B 110 11.07 0.35 -14.89
CA LYS B 110 10.31 0.06 -16.08
C LYS B 110 10.68 -1.29 -16.70
N ASN B 111 11.74 -1.94 -16.18
CA ASN B 111 12.21 -3.26 -16.66
C ASN B 111 12.67 -4.03 -15.43
N PHE B 112 11.71 -4.59 -14.71
CA PHE B 112 11.96 -5.33 -13.46
C PHE B 112 11.86 -6.82 -13.68
N LYS B 113 12.59 -7.31 -14.69
CA LYS B 113 12.56 -8.70 -15.09
C LYS B 113 13.99 -9.24 -15.10
N ILE B 114 14.18 -10.41 -14.51
CA ILE B 114 15.48 -11.07 -14.45
C ILE B 114 15.36 -12.42 -15.14
N THR B 115 16.23 -12.69 -16.10
CA THR B 115 16.21 -13.96 -16.82
C THR B 115 17.18 -14.93 -16.14
N CYS B 116 16.80 -16.21 -16.11
CA CYS B 116 17.65 -17.27 -15.58
C CYS B 116 18.66 -17.72 -16.63
N PRO B 117 19.95 -17.50 -16.43
CA PRO B 117 20.92 -17.80 -17.49
C PRO B 117 21.09 -19.29 -17.75
N THR B 118 21.32 -19.63 -19.03
CA THR B 118 21.65 -20.95 -19.56
C THR B 118 20.50 -21.97 -19.43
N ILE B 119 19.33 -21.58 -18.93
CA ILE B 119 18.35 -22.58 -18.53
C ILE B 119 17.77 -23.32 -19.73
N ASP B 120 17.79 -22.71 -20.91
CA ASP B 120 17.17 -23.41 -22.04
C ASP B 120 18.08 -24.47 -22.68
N LEU B 121 19.22 -24.79 -22.08
CA LEU B 121 20.02 -25.91 -22.55
C LEU B 121 19.56 -27.20 -21.92
N TYR B 122 18.93 -27.10 -20.76
CA TYR B 122 18.51 -28.25 -20.00
C TYR B 122 17.07 -28.59 -20.36
N ASN B 123 16.64 -29.77 -19.93
CA ASN B 123 15.28 -30.23 -20.14
C ASN B 123 14.54 -29.97 -18.83
N TRP B 124 13.97 -28.76 -18.74
CA TRP B 124 13.41 -28.23 -17.51
C TRP B 124 11.91 -27.98 -17.68
N THR B 125 11.22 -27.89 -16.54
CA THR B 125 9.78 -27.69 -16.50
C THR B 125 9.45 -26.68 -15.41
N ALA B 126 8.36 -25.93 -15.61
CA ALA B 126 7.97 -24.97 -14.59
C ALA B 126 7.58 -25.70 -13.31
N PRO B 127 7.84 -25.10 -12.13
CA PRO B 127 8.34 -23.73 -11.93
C PRO B 127 9.83 -23.63 -11.61
N VAL B 128 10.44 -22.52 -11.99
CA VAL B 128 11.81 -22.19 -11.62
C VAL B 128 11.77 -21.46 -10.28
N GLN B 129 12.70 -21.80 -9.39
CA GLN B 129 12.72 -21.20 -8.06
C GLN B 129 13.77 -20.10 -8.00
N TRP B 130 13.47 -19.05 -7.25
CA TRP B 130 14.32 -17.86 -7.21
C TRP B 130 14.70 -17.52 -5.78
N PHE B 131 15.91 -17.00 -5.66
CA PHE B 131 16.44 -16.60 -4.36
C PHE B 131 17.11 -15.25 -4.55
N LYS B 132 17.05 -14.44 -3.50
CA LYS B 132 17.78 -13.18 -3.48
C LYS B 132 18.61 -13.13 -2.22
N ASN B 133 19.92 -12.95 -2.39
CA ASN B 133 20.87 -13.03 -1.29
C ASN B 133 20.60 -14.31 -0.49
N CYS B 134 20.49 -15.42 -1.22
CA CYS B 134 20.38 -16.75 -0.63
C CYS B 134 19.10 -16.93 0.17
N LYS B 135 18.05 -16.19 -0.18
CA LYS B 135 16.78 -16.29 0.54
C LYS B 135 15.65 -16.47 -0.44
N ALA B 136 14.76 -17.42 -0.14
CA ALA B 136 13.71 -17.75 -1.10
C ALA B 136 12.75 -16.59 -1.29
N LEU B 137 12.44 -16.31 -2.57
CA LEU B 137 11.40 -15.33 -2.93
C LEU B 137 10.09 -16.08 -3.10
N GLN B 138 9.16 -15.89 -2.17
CA GLN B 138 7.90 -16.61 -2.12
C GLN B 138 6.86 -15.54 -1.88
N GLU B 139 6.27 -14.99 -2.94
CA GLU B 139 5.28 -13.95 -2.77
C GLU B 139 4.44 -13.71 -4.01
N PRO B 140 3.46 -12.81 -3.94
CA PRO B 140 2.81 -12.33 -5.17
C PRO B 140 3.66 -11.22 -5.77
N ARG B 141 4.55 -10.67 -4.96
CA ARG B 141 5.42 -9.60 -5.44
C ARG B 141 6.48 -10.14 -6.37
N PHE B 142 6.94 -11.36 -6.11
CA PHE B 142 7.89 -12.03 -6.99
C PHE B 142 7.14 -13.09 -7.78
N ARG B 143 6.99 -12.86 -9.08
CA ARG B 143 6.26 -13.76 -9.96
C ARG B 143 7.23 -14.45 -10.90
N ALA B 144 7.16 -15.78 -10.97
CA ALA B 144 8.01 -16.52 -11.89
C ALA B 144 7.17 -16.95 -13.09
N HIS B 145 7.70 -16.70 -14.29
CA HIS B 145 7.00 -17.02 -15.52
C HIS B 145 8.00 -17.40 -16.59
N ARG B 146 7.78 -18.52 -17.25
CA ARG B 146 8.80 -19.15 -18.09
C ARG B 146 10.16 -19.06 -17.44
N SER B 147 11.11 -18.39 -18.08
CA SER B 147 12.47 -18.32 -17.56
C SER B 147 12.74 -17.02 -16.82
N TYR B 148 11.71 -16.21 -16.60
CA TYR B 148 11.81 -14.87 -16.07
C TYR B 148 11.28 -14.78 -14.64
N LEU B 149 11.83 -13.83 -13.89
CA LEU B 149 11.34 -13.43 -12.59
C LEU B 149 10.95 -11.95 -12.67
N PHE B 150 9.70 -11.65 -12.35
CA PHE B 150 9.19 -10.30 -12.38
C PHE B 150 9.00 -9.83 -10.95
N ILE B 151 9.49 -8.63 -10.66
CA ILE B 151 9.42 -8.03 -9.35
C ILE B 151 8.41 -6.89 -9.41
N ASP B 152 7.25 -7.10 -8.76
CA ASP B 152 6.24 -6.05 -8.66
C ASP B 152 6.69 -5.01 -7.63
N ASN B 153 6.24 -3.77 -7.82
CA ASN B 153 6.56 -2.65 -6.94
C ASN B 153 8.07 -2.52 -6.72
N VAL B 154 8.82 -2.62 -7.80
CA VAL B 154 10.27 -2.62 -7.69
C VAL B 154 10.77 -1.31 -7.08
N THR B 155 11.82 -1.42 -6.29
CA THR B 155 12.42 -0.30 -5.61
C THR B 155 13.93 -0.54 -5.56
N HIS B 156 14.69 0.50 -5.21
CA HIS B 156 16.13 0.34 -5.11
C HIS B 156 16.52 -0.71 -4.09
N ASP B 157 15.66 -0.97 -3.11
CA ASP B 157 15.94 -1.97 -2.08
C ASP B 157 15.97 -3.40 -2.63
N ASP B 158 15.54 -3.60 -3.87
CA ASP B 158 15.55 -4.94 -4.45
C ASP B 158 16.84 -5.25 -5.20
N GLU B 159 17.83 -4.38 -5.12
CA GLU B 159 19.14 -4.68 -5.70
C GLU B 159 19.79 -5.86 -4.97
N GLY B 160 20.60 -6.62 -5.70
CA GLY B 160 21.34 -7.70 -5.08
C GLY B 160 21.58 -8.83 -6.06
N ASP B 161 22.02 -9.96 -5.51
CA ASP B 161 22.40 -11.11 -6.32
C ASP B 161 21.30 -12.17 -6.27
N TYR B 162 20.73 -12.47 -7.43
CA TYR B 162 19.63 -13.42 -7.56
C TYR B 162 20.14 -14.74 -8.11
N THR B 163 19.69 -15.82 -7.49
CA THR B 163 20.02 -17.17 -7.91
C THR B 163 18.73 -17.84 -8.38
N CYS B 164 18.72 -18.30 -9.63
CA CYS B 164 17.66 -19.19 -10.11
C CYS B 164 18.12 -20.63 -9.94
N GLN B 165 17.18 -21.49 -9.58
CA GLN B 165 17.44 -22.92 -9.51
C GLN B 165 16.29 -23.66 -10.19
N PHE B 166 16.64 -24.61 -11.04
CA PHE B 166 15.66 -25.37 -11.80
C PHE B 166 16.13 -26.81 -11.85
N THR B 167 15.30 -27.66 -12.45
CA THR B 167 15.59 -29.08 -12.52
C THR B 167 15.67 -29.52 -13.98
N HIS B 168 16.70 -30.29 -14.27
CA HIS B 168 16.90 -30.90 -15.58
C HIS B 168 16.64 -32.41 -15.43
N ALA B 169 15.69 -32.92 -16.19
CA ALA B 169 15.30 -34.31 -16.10
C ALA B 169 15.91 -35.05 -17.27
N GLU B 170 16.55 -36.18 -16.98
CA GLU B 170 17.18 -37.02 -17.99
C GLU B 170 17.02 -38.47 -17.56
N ASN B 171 16.30 -39.25 -18.36
CA ASN B 171 16.12 -40.69 -18.14
C ASN B 171 15.74 -41.00 -16.69
N GLY B 172 14.59 -40.47 -16.28
CA GLY B 172 14.05 -40.74 -14.96
C GLY B 172 14.78 -40.06 -13.81
N THR B 173 16.03 -39.63 -14.02
CA THR B 173 16.81 -38.98 -12.98
C THR B 173 16.69 -37.47 -13.11
N ASN B 174 16.45 -36.81 -12.00
CA ASN B 174 16.41 -35.34 -11.97
C ASN B 174 17.73 -34.86 -11.41
N TYR B 175 18.40 -33.98 -12.16
CA TYR B 175 19.61 -33.31 -11.69
C TYR B 175 19.27 -31.83 -11.54
N ILE B 176 19.74 -31.22 -10.46
CA ILE B 176 19.42 -29.82 -10.20
C ILE B 176 20.48 -28.91 -10.80
N VAL B 177 20.06 -27.69 -11.17
CA VAL B 177 20.93 -26.67 -11.76
C VAL B 177 20.61 -25.32 -11.12
N THR B 178 21.66 -24.54 -10.85
CA THR B 178 21.51 -23.19 -10.35
C THR B 178 22.37 -22.26 -11.19
N ALA B 179 21.95 -21.00 -11.30
CA ALA B 179 22.79 -19.95 -11.85
C ALA B 179 22.48 -18.66 -11.12
N THR B 180 23.46 -17.77 -11.07
CA THR B 180 23.35 -16.55 -10.29
C THR B 180 23.79 -15.36 -11.14
N ARG B 181 23.10 -14.24 -10.98
CA ARG B 181 23.52 -12.99 -11.56
C ARG B 181 23.07 -11.87 -10.64
N SER B 182 23.75 -10.75 -10.70
CA SER B 182 23.35 -9.61 -9.88
C SER B 182 22.46 -8.69 -10.68
N PHE B 183 21.76 -7.82 -9.95
CA PHE B 183 20.62 -7.05 -10.47
C PHE B 183 20.59 -5.69 -9.77
N THR B 184 20.59 -4.63 -10.57
CA THR B 184 20.47 -3.29 -10.03
C THR B 184 19.22 -2.61 -10.57
N VAL B 185 18.83 -1.50 -9.93
CA VAL B 185 17.58 -0.81 -10.22
C VAL B 185 17.88 0.68 -10.23
N GLU B 186 17.88 1.28 -11.42
CA GLU B 186 18.00 2.73 -11.54
C GLU B 186 16.63 3.31 -11.86
N GLU B 187 16.33 4.49 -11.34
CA GLU B 187 15.03 5.09 -11.64
C GLU B 187 15.13 5.83 -12.95
N LYS B 188 14.34 5.37 -13.93
CA LYS B 188 14.60 5.61 -15.34
C LYS B 188 14.25 7.03 -15.78
N GLY B 189 12.99 7.41 -15.67
CA GLY B 189 12.60 8.55 -16.46
C GLY B 189 12.25 8.14 -17.87
N PHE B 190 11.33 8.88 -18.46
CA PHE B 190 10.73 8.50 -19.73
C PHE B 190 11.36 9.28 -20.89
N SER B 191 10.96 8.88 -22.10
CA SER B 191 11.39 9.53 -23.32
C SER B 191 10.24 9.57 -24.32
N MET B 192 10.29 10.54 -25.22
CA MET B 192 9.21 10.79 -26.15
C MET B 192 9.77 11.01 -27.55
N PHE B 193 8.88 11.09 -28.53
CA PHE B 193 9.29 11.51 -29.84
C PHE B 193 9.70 12.98 -29.78
N PRO B 194 10.81 13.36 -30.43
CA PRO B 194 11.34 14.72 -30.25
C PRO B 194 10.38 15.79 -30.72
N VAL B 195 10.41 16.93 -30.02
CA VAL B 195 9.57 18.06 -30.35
C VAL B 195 10.46 19.29 -30.48
N ILE B 196 10.44 19.90 -31.66
CA ILE B 196 11.22 21.09 -31.93
C ILE B 196 10.42 22.30 -31.48
N THR B 197 10.98 23.06 -30.55
CA THR B 197 10.33 24.27 -30.02
C THR B 197 10.68 25.50 -30.85
N ASN B 198 11.90 25.55 -31.36
CA ASN B 198 12.28 26.62 -32.26
C ASN B 198 13.34 26.14 -33.23
N PRO B 199 13.28 26.55 -34.51
CA PRO B 199 12.25 27.47 -35.02
C PRO B 199 10.92 26.78 -35.30
N PRO B 200 9.86 27.55 -35.49
CA PRO B 200 8.55 26.94 -35.78
C PRO B 200 8.52 26.33 -37.17
N TYR B 201 7.50 25.48 -37.38
CA TYR B 201 7.35 24.68 -38.59
C TYR B 201 7.56 25.48 -39.88
N ASN B 202 6.69 26.47 -40.13
CA ASN B 202 6.68 27.24 -41.36
C ASN B 202 7.11 28.68 -41.02
N HIS B 203 8.44 28.90 -41.02
CA HIS B 203 9.04 30.20 -40.72
C HIS B 203 10.09 30.57 -41.76
N THR B 204 10.49 31.84 -41.69
CA THR B 204 11.42 32.54 -42.54
C THR B 204 12.00 33.70 -41.72
N MET B 205 13.33 33.81 -41.63
CA MET B 205 13.96 34.89 -40.88
C MET B 205 14.82 35.73 -41.81
N GLU B 206 14.87 37.04 -41.56
CA GLU B 206 15.65 37.94 -42.40
C GLU B 206 17.11 38.04 -41.96
N PRO B 212 26.98 37.84 -40.45
CA PRO B 212 26.33 37.97 -39.14
C PRO B 212 24.88 37.46 -39.11
N ALA B 213 24.70 36.16 -38.92
CA ALA B 213 23.36 35.59 -38.84
C ALA B 213 23.33 34.48 -37.80
N SER B 214 22.19 34.36 -37.11
CA SER B 214 22.06 33.38 -36.03
C SER B 214 20.67 32.76 -36.02
N ILE B 215 20.61 31.43 -35.97
CA ILE B 215 19.33 30.72 -35.80
C ILE B 215 19.54 29.51 -34.89
N ALA B 216 18.71 29.40 -33.86
CA ALA B 216 18.82 28.34 -32.87
C ALA B 216 17.80 27.23 -33.11
N CYS B 217 18.27 25.98 -32.98
CA CYS B 217 17.46 24.79 -33.16
C CYS B 217 17.36 24.09 -31.81
N SER B 218 16.19 24.12 -31.20
CA SER B 218 16.01 23.50 -29.89
C SER B 218 14.93 22.44 -29.95
N ALA B 219 15.10 21.39 -29.14
CA ALA B 219 14.11 20.34 -29.04
C ALA B 219 14.13 19.76 -27.63
N CYS B 220 13.02 19.14 -27.24
CA CYS B 220 12.91 18.43 -25.96
C CYS B 220 12.57 16.97 -26.20
N PHE B 221 13.09 16.09 -25.34
CA PHE B 221 13.05 14.66 -25.57
C PHE B 221 12.38 13.90 -24.43
N GLY B 222 11.65 14.59 -23.57
CA GLY B 222 11.16 13.99 -22.36
C GLY B 222 12.00 14.39 -21.18
N LYS B 223 11.87 13.64 -20.10
CA LYS B 223 12.59 13.93 -18.88
C LYS B 223 13.18 12.63 -18.36
N GLY B 224 14.50 12.54 -18.35
CA GLY B 224 15.11 11.32 -17.86
C GLY B 224 16.51 11.13 -18.42
N SER B 225 16.91 9.87 -18.46
CA SER B 225 18.19 9.48 -19.03
C SER B 225 17.96 9.01 -20.45
N HIS B 226 18.76 9.50 -21.38
CA HIS B 226 18.58 9.20 -22.79
C HIS B 226 19.81 8.48 -23.32
N PHE B 227 19.56 7.38 -24.03
CA PHE B 227 20.66 6.67 -24.68
C PHE B 227 21.20 7.48 -25.86
N LEU B 228 20.31 8.09 -26.62
CA LEU B 228 20.75 8.93 -27.71
C LEU B 228 19.73 10.03 -27.89
N ALA B 229 20.23 11.25 -28.07
CA ALA B 229 19.41 12.45 -28.23
C ALA B 229 20.32 13.48 -28.84
N ASP B 230 19.97 13.97 -30.02
CA ASP B 230 20.84 14.94 -30.67
C ASP B 230 19.98 15.95 -31.42
N VAL B 231 20.52 17.15 -31.53
CA VAL B 231 19.94 18.24 -32.31
C VAL B 231 21.05 18.75 -33.22
N LEU B 232 20.72 18.95 -34.50
CA LEU B 232 21.76 19.40 -35.41
C LEU B 232 21.15 20.13 -36.60
N TRP B 233 22.02 20.82 -37.34
CA TRP B 233 21.66 21.60 -38.52
C TRP B 233 22.14 20.87 -39.77
N GLN B 234 21.33 20.90 -40.82
CA GLN B 234 21.70 20.30 -42.10
C GLN B 234 21.54 21.34 -43.20
N ILE B 235 22.61 21.57 -43.96
CA ILE B 235 22.67 22.58 -45.02
C ILE B 235 22.59 21.82 -46.34
N ASN B 236 21.49 22.01 -47.09
CA ASN B 236 21.24 21.24 -48.31
C ASN B 236 21.30 19.74 -48.03
N LYS B 237 20.54 19.32 -47.02
CA LYS B 237 20.41 17.89 -46.66
C LYS B 237 21.75 17.19 -46.40
N THR B 238 22.73 17.90 -45.83
CA THR B 238 23.90 17.20 -45.31
C THR B 238 24.51 18.01 -44.15
N VAL B 239 25.01 17.27 -43.16
CA VAL B 239 25.53 17.85 -41.91
C VAL B 239 26.58 18.90 -42.20
N VAL B 240 26.58 19.97 -41.40
CA VAL B 240 27.34 21.18 -41.71
C VAL B 240 28.80 20.84 -42.01
N GLY B 241 29.43 20.05 -41.14
CA GLY B 241 30.81 19.63 -41.32
C GLY B 241 31.12 19.04 -42.69
N ASN B 255 22.40 32.03 -22.58
CA ASN B 255 22.00 30.65 -22.87
C ASN B 255 20.96 30.12 -21.89
N GLU B 256 19.74 30.59 -22.10
CA GLU B 256 18.67 30.68 -21.13
C GLU B 256 17.51 29.84 -21.70
N SER B 257 16.61 29.35 -20.85
CA SER B 257 15.71 28.29 -21.34
C SER B 257 14.26 28.60 -21.02
N SER B 258 13.35 27.94 -21.74
CA SER B 258 11.92 28.14 -21.57
C SER B 258 11.43 27.53 -20.26
N SER B 259 10.11 27.63 -20.02
CA SER B 259 9.47 27.07 -18.84
C SER B 259 9.19 25.58 -19.08
N ASN B 260 10.28 24.81 -19.13
CA ASN B 260 10.20 23.38 -19.33
C ASN B 260 11.07 22.65 -18.32
N ASP B 261 10.52 21.57 -17.77
CA ASP B 261 11.24 20.66 -16.90
C ASP B 261 11.90 19.59 -17.73
N MET B 262 11.55 19.51 -19.01
CA MET B 262 12.01 18.46 -19.87
C MET B 262 13.48 18.65 -20.20
N ASP B 263 14.08 17.58 -20.74
CA ASP B 263 15.46 17.59 -21.17
C ASP B 263 15.48 18.16 -22.58
N CYS B 264 16.09 19.34 -22.75
CA CYS B 264 16.10 19.97 -24.06
C CYS B 264 17.53 20.28 -24.46
N LEU B 265 17.78 20.17 -25.77
CA LEU B 265 19.07 20.43 -26.37
C LEU B 265 18.91 21.47 -27.47
N THR B 266 19.96 22.28 -27.65
CA THR B 266 19.95 23.37 -28.62
C THR B 266 21.25 23.37 -29.40
N SER B 267 21.16 23.46 -30.72
CA SER B 267 22.31 23.68 -31.57
C SER B 267 22.10 25.00 -32.28
N VAL B 268 23.02 25.94 -32.07
CA VAL B 268 22.91 27.26 -32.66
C VAL B 268 23.78 27.28 -33.90
N LEU B 269 23.17 27.61 -35.03
CA LEU B 269 23.88 27.72 -36.29
C LEU B 269 24.10 29.20 -36.52
N ARG B 270 25.36 29.56 -36.76
CA ARG B 270 25.71 30.94 -37.04
C ARG B 270 26.75 30.91 -38.14
N ILE B 271 26.44 31.56 -39.25
CA ILE B 271 27.31 31.64 -40.40
C ILE B 271 27.83 33.07 -40.43
N THR B 272 29.07 33.29 -40.02
CA THR B 272 29.55 34.64 -39.73
C THR B 272 29.84 35.40 -41.04
N GLY B 273 28.76 35.73 -41.74
CA GLY B 273 28.86 36.38 -43.04
C GLY B 273 27.64 36.24 -43.95
N GLU B 282 18.35 25.80 -48.37
CA GLU B 282 17.48 25.23 -47.34
C GLU B 282 18.27 24.94 -46.07
N TYR B 283 17.80 25.47 -44.95
CA TYR B 283 18.43 25.25 -43.65
C TYR B 283 17.54 24.33 -42.82
N ASP B 284 18.09 23.20 -42.36
CA ASP B 284 17.29 22.18 -41.68
C ASP B 284 17.65 22.09 -40.21
N CYS B 285 16.64 22.10 -39.36
CA CYS B 285 16.80 21.86 -37.93
C CYS B 285 16.29 20.44 -37.68
N LEU B 286 17.17 19.57 -37.19
CA LEU B 286 16.89 18.15 -37.00
C LEU B 286 16.96 17.82 -35.53
N ALA B 287 16.00 17.04 -35.06
CA ALA B 287 16.05 16.49 -33.71
C ALA B 287 15.80 14.99 -33.80
N LEU B 288 16.61 14.19 -33.11
CA LEU B 288 16.45 12.74 -33.23
C LEU B 288 16.79 12.02 -31.93
N ASN B 289 16.04 10.93 -31.70
CA ASN B 289 16.40 9.88 -30.74
C ASN B 289 15.86 8.56 -31.31
N LEU B 290 15.90 7.50 -30.51
CA LEU B 290 15.51 6.19 -30.99
C LEU B 290 14.03 6.17 -31.42
N HIS B 291 13.21 7.07 -30.89
CA HIS B 291 11.82 7.16 -31.34
C HIS B 291 11.73 7.62 -32.79
N GLY B 292 12.65 8.44 -33.25
CA GLY B 292 12.65 8.93 -34.61
C GLY B 292 13.29 10.31 -34.71
N MET B 293 13.09 10.93 -35.86
CA MET B 293 13.70 12.21 -36.17
C MET B 293 12.64 13.11 -36.81
N ILE B 294 12.71 14.38 -36.45
CA ILE B 294 11.79 15.38 -36.98
C ILE B 294 12.65 16.54 -37.46
N ARG B 295 12.20 17.16 -38.55
CA ARG B 295 12.93 18.23 -39.22
C ARG B 295 12.01 19.43 -39.38
N HIS B 296 12.51 20.62 -39.04
CA HIS B 296 11.85 21.88 -39.33
C HIS B 296 12.79 22.65 -40.24
N THR B 297 12.32 23.05 -41.41
CA THR B 297 13.17 23.73 -42.36
C THR B 297 12.89 25.23 -42.34
N ILE B 298 13.97 26.00 -42.40
CA ILE B 298 13.96 27.46 -42.33
C ILE B 298 14.69 27.97 -43.58
N ARG B 299 14.18 29.07 -44.13
CA ARG B 299 14.74 29.66 -45.33
C ARG B 299 14.85 31.15 -45.14
N LEU B 300 15.76 31.77 -45.90
CA LEU B 300 16.02 33.21 -45.74
C LEU B 300 16.25 33.95 -47.07
N ARG C 6 -55.61 0.00 -14.46
CA ARG C 6 -54.34 0.16 -15.17
C ARG C 6 -53.24 0.59 -14.22
N CYS C 7 -52.03 0.76 -14.76
CA CYS C 7 -50.83 1.01 -13.97
C CYS C 7 -50.34 2.45 -14.15
N ASP C 8 -49.33 2.83 -13.38
CA ASP C 8 -48.60 4.08 -13.58
C ASP C 8 -47.26 3.76 -14.23
N ASP C 9 -46.92 4.49 -15.28
CA ASP C 9 -45.80 4.16 -16.15
C ASP C 9 -44.66 5.14 -15.91
N TRP C 10 -43.49 4.61 -15.57
CA TRP C 10 -42.30 5.44 -15.40
C TRP C 10 -41.60 5.69 -16.73
N GLY C 11 -42.22 5.33 -17.85
CA GLY C 11 -41.61 5.53 -19.12
C GLY C 11 -40.61 4.42 -19.44
N LEU C 12 -39.56 4.77 -20.15
CA LEU C 12 -38.50 3.84 -20.49
C LEU C 12 -37.25 4.22 -19.72
N ASP C 13 -36.72 3.24 -18.96
CA ASP C 13 -35.58 3.47 -18.08
C ASP C 13 -34.38 4.00 -18.85
N THR C 14 -34.14 3.49 -20.05
CA THR C 14 -32.96 3.84 -20.81
C THR C 14 -33.31 3.81 -22.28
N MET C 15 -32.43 4.41 -23.07
CA MET C 15 -32.50 4.29 -24.51
C MET C 15 -31.24 3.58 -25.00
N ARG C 16 -30.35 3.20 -24.08
CA ARG C 16 -29.23 2.32 -24.38
C ARG C 16 -29.69 0.89 -24.40
N GLN C 17 -29.42 0.22 -25.49
CA GLN C 17 -29.71 -1.19 -25.54
C GLN C 17 -28.75 -1.91 -24.61
N ILE C 18 -29.31 -2.84 -23.85
CA ILE C 18 -28.49 -3.81 -23.14
C ILE C 18 -28.10 -4.85 -24.18
N GLN C 19 -26.80 -5.04 -24.40
CA GLN C 19 -26.37 -6.00 -25.41
C GLN C 19 -25.94 -7.30 -24.75
N VAL C 20 -26.53 -8.41 -25.19
CA VAL C 20 -26.17 -9.74 -24.71
C VAL C 20 -25.90 -10.60 -25.93
N PHE C 21 -24.91 -11.49 -25.83
CA PHE C 21 -24.54 -12.33 -26.97
C PHE C 21 -25.57 -13.42 -27.21
N GLU C 22 -25.72 -13.80 -28.48
CA GLU C 22 -26.66 -14.84 -28.85
C GLU C 22 -26.18 -16.22 -28.40
N ASP C 23 -27.12 -17.03 -27.92
CA ASP C 23 -26.87 -18.41 -27.51
C ASP C 23 -25.93 -18.48 -26.32
N GLU C 24 -26.09 -17.53 -25.39
CA GLU C 24 -25.34 -17.48 -24.13
C GLU C 24 -26.29 -17.06 -23.02
N PRO C 25 -26.14 -17.61 -21.81
CA PRO C 25 -27.06 -17.23 -20.75
C PRO C 25 -26.89 -15.76 -20.42
N ALA C 26 -27.95 -15.13 -19.96
CA ALA C 26 -27.91 -13.70 -19.66
C ALA C 26 -28.92 -13.36 -18.57
N ARG C 27 -28.49 -12.67 -17.55
CA ARG C 27 -29.42 -12.22 -16.52
C ARG C 27 -29.51 -10.71 -16.59
N ILE C 28 -30.72 -10.20 -16.79
CA ILE C 28 -30.94 -8.77 -16.88
C ILE C 28 -31.83 -8.36 -15.72
N LYS C 29 -31.56 -7.19 -15.16
CA LYS C 29 -32.19 -6.78 -13.92
C LYS C 29 -33.30 -5.77 -14.17
N CYS C 30 -34.38 -5.93 -13.42
CA CYS C 30 -35.44 -4.95 -13.46
C CYS C 30 -34.90 -3.68 -12.83
N PRO C 31 -34.88 -2.56 -13.56
CA PRO C 31 -34.29 -1.33 -13.00
C PRO C 31 -35.19 -0.64 -12.01
N LEU C 32 -36.43 -1.10 -11.85
CA LEU C 32 -37.41 -0.45 -11.01
C LEU C 32 -36.91 -0.15 -9.59
N PHE C 33 -35.94 -0.91 -9.08
CA PHE C 33 -35.62 -0.77 -7.67
C PHE C 33 -34.58 0.30 -7.35
N GLU C 34 -33.63 0.56 -8.25
CA GLU C 34 -32.61 1.53 -7.94
C GLU C 34 -32.72 2.82 -8.73
N HIS C 35 -33.59 2.89 -9.74
CA HIS C 35 -33.68 4.09 -10.56
C HIS C 35 -34.99 4.85 -10.39
N PHE C 36 -36.01 4.24 -9.80
CA PHE C 36 -37.31 4.88 -9.69
C PHE C 36 -38.01 4.75 -8.35
N LEU C 37 -37.58 3.85 -7.46
CA LEU C 37 -38.35 3.63 -6.25
C LEU C 37 -37.52 3.76 -4.99
N LYS C 38 -38.25 4.02 -3.91
CA LYS C 38 -37.68 4.05 -2.57
C LYS C 38 -37.34 2.64 -2.11
N TYR C 39 -38.10 1.67 -2.60
CA TYR C 39 -38.01 0.25 -2.28
C TYR C 39 -36.68 -0.37 -2.71
N ASN C 40 -36.40 -1.54 -2.11
CA ASN C 40 -35.45 -2.52 -2.65
C ASN C 40 -36.22 -3.84 -2.75
N TYR C 41 -35.67 -4.79 -3.50
CA TYR C 41 -36.45 -5.99 -3.82
C TYR C 41 -36.87 -6.76 -2.57
N SER C 42 -35.97 -6.89 -1.59
CA SER C 42 -36.30 -7.68 -0.40
C SER C 42 -37.48 -7.08 0.36
N THR C 43 -37.42 -5.79 0.66
CA THR C 43 -38.52 -5.11 1.36
C THR C 43 -39.83 -5.27 0.59
N ALA C 44 -39.78 -5.13 -0.73
CA ALA C 44 -41.00 -5.22 -1.53
C ALA C 44 -41.59 -6.62 -1.43
N HIS C 45 -40.74 -7.64 -1.62
CA HIS C 45 -41.24 -9.01 -1.53
C HIS C 45 -41.81 -9.30 -0.14
N SER C 46 -41.30 -8.60 0.87
CA SER C 46 -41.86 -8.76 2.20
C SER C 46 -43.22 -8.06 2.31
N SER C 47 -43.46 -7.03 1.49
CA SER C 47 -44.70 -6.26 1.55
C SER C 47 -45.86 -6.90 0.78
N GLY C 48 -45.71 -8.15 0.34
CA GLY C 48 -46.83 -8.90 -0.22
C GLY C 48 -47.29 -8.48 -1.60
N LEU C 49 -46.36 -8.28 -2.53
CA LEU C 49 -46.69 -7.98 -3.92
C LEU C 49 -45.65 -8.66 -4.80
N THR C 50 -45.92 -8.74 -6.10
CA THR C 50 -45.03 -9.52 -6.97
C THR C 50 -44.58 -8.73 -8.18
N LEU C 51 -43.57 -9.28 -8.82
CA LEU C 51 -42.93 -8.74 -10.02
C LEU C 51 -43.24 -9.64 -11.22
N ILE C 52 -43.87 -9.04 -12.25
CA ILE C 52 -44.26 -9.76 -13.45
C ILE C 52 -43.66 -9.05 -14.65
N TRP C 53 -43.50 -9.79 -15.74
CA TRP C 53 -42.77 -9.32 -16.90
C TRP C 53 -43.61 -9.40 -18.16
N TYR C 54 -43.40 -8.43 -19.05
CA TYR C 54 -44.00 -8.37 -20.38
C TYR C 54 -42.91 -7.96 -21.37
N TRP C 55 -43.19 -8.08 -22.66
CA TRP C 55 -42.24 -7.58 -23.65
C TRP C 55 -42.91 -7.36 -25.00
N THR C 56 -42.22 -6.59 -25.84
CA THR C 56 -42.55 -6.41 -27.24
C THR C 56 -41.35 -6.80 -28.08
N ARG C 57 -41.50 -7.83 -28.89
CA ARG C 57 -40.36 -8.25 -29.68
C ARG C 57 -40.10 -7.24 -30.79
N GLN C 58 -38.82 -7.13 -31.16
CA GLN C 58 -38.34 -6.07 -32.05
C GLN C 58 -39.22 -5.89 -33.28
N ASP C 59 -39.71 -6.98 -33.86
CA ASP C 59 -40.42 -6.91 -35.14
C ASP C 59 -41.93 -6.86 -34.97
N ARG C 60 -42.43 -6.62 -33.76
CA ARG C 60 -43.85 -6.60 -33.52
C ARG C 60 -44.28 -5.25 -32.96
N ASP C 61 -45.60 -5.07 -32.81
CA ASP C 61 -46.15 -3.81 -32.34
C ASP C 61 -47.18 -3.99 -31.22
N LEU C 62 -47.17 -5.15 -30.55
CA LEU C 62 -48.06 -5.43 -29.44
C LEU C 62 -47.24 -6.05 -28.32
N GLU C 63 -47.77 -6.01 -27.11
CA GLU C 63 -47.09 -6.61 -25.98
C GLU C 63 -47.66 -7.99 -25.69
N GLU C 64 -46.78 -8.89 -25.27
CA GLU C 64 -47.11 -10.26 -24.94
C GLU C 64 -46.58 -10.56 -23.55
N PRO C 65 -47.26 -11.42 -22.81
CA PRO C 65 -46.69 -11.90 -21.55
C PRO C 65 -45.45 -12.72 -21.82
N ILE C 66 -44.46 -12.59 -20.94
CA ILE C 66 -43.26 -13.39 -21.09
C ILE C 66 -43.61 -14.84 -20.80
N ASN C 67 -43.28 -15.73 -21.74
CA ASN C 67 -43.67 -17.13 -21.62
C ASN C 67 -42.63 -17.84 -20.75
N PHE C 68 -43.10 -18.35 -19.61
CA PHE C 68 -42.27 -19.04 -18.63
C PHE C 68 -42.39 -20.55 -18.78
N ARG C 69 -43.01 -21.02 -19.85
CA ARG C 69 -43.23 -22.43 -20.10
C ARG C 69 -42.37 -22.96 -21.25
N LEU C 70 -41.25 -22.30 -21.56
CA LEU C 70 -40.38 -22.77 -22.62
C LEU C 70 -39.68 -24.07 -22.18
N PRO C 71 -39.38 -24.96 -23.13
CA PRO C 71 -38.68 -26.19 -22.79
C PRO C 71 -37.30 -25.91 -22.21
N GLU C 72 -37.01 -26.56 -21.08
CA GLU C 72 -35.76 -26.39 -20.34
C GLU C 72 -35.69 -25.05 -19.60
N ASN C 73 -36.86 -24.47 -19.30
CA ASN C 73 -36.98 -23.17 -18.62
C ASN C 73 -36.03 -22.12 -19.21
N ARG C 74 -36.11 -21.99 -20.55
CA ARG C 74 -35.22 -21.10 -21.28
C ARG C 74 -35.22 -19.70 -20.69
N ILE C 75 -36.40 -19.19 -20.38
CA ILE C 75 -36.56 -17.88 -19.75
C ILE C 75 -37.27 -18.08 -18.41
N SER C 76 -36.63 -17.63 -17.34
CA SER C 76 -37.23 -17.75 -16.02
C SER C 76 -36.93 -16.49 -15.21
N LYS C 77 -37.73 -16.24 -14.19
CA LYS C 77 -37.54 -15.06 -13.34
C LYS C 77 -37.09 -15.47 -11.96
N GLU C 78 -36.03 -14.83 -11.48
CA GLU C 78 -35.47 -15.05 -10.15
C GLU C 78 -35.32 -13.69 -9.47
N LYS C 79 -36.07 -13.49 -8.37
CA LYS C 79 -36.07 -12.25 -7.58
C LYS C 79 -36.32 -11.05 -8.50
N ASP C 80 -35.40 -10.09 -8.58
CA ASP C 80 -35.56 -8.90 -9.42
C ASP C 80 -34.88 -9.07 -10.76
N VAL C 81 -34.52 -10.30 -11.13
CA VAL C 81 -33.78 -10.60 -12.36
C VAL C 81 -34.63 -11.46 -13.26
N LEU C 82 -34.43 -11.29 -14.55
CA LEU C 82 -35.00 -12.19 -15.53
C LEU C 82 -33.84 -12.84 -16.27
N TRP C 83 -33.88 -14.17 -16.31
CA TRP C 83 -32.81 -15.06 -16.72
C TRP C 83 -33.12 -15.68 -18.07
N PHE C 84 -32.10 -15.73 -18.91
CA PHE C 84 -32.16 -16.43 -20.18
C PHE C 84 -31.11 -17.54 -20.12
N ARG C 85 -31.53 -18.77 -20.41
CA ARG C 85 -30.62 -19.92 -20.42
C ARG C 85 -31.01 -20.82 -21.57
N PRO C 86 -30.44 -20.60 -22.76
CA PRO C 86 -29.64 -19.39 -23.00
C PRO C 86 -30.48 -18.32 -23.68
N THR C 87 -29.79 -17.28 -24.10
CA THR C 87 -30.38 -16.24 -24.91
C THR C 87 -30.64 -16.77 -26.33
N LEU C 88 -31.70 -16.27 -26.97
CA LEU C 88 -31.96 -16.55 -28.38
C LEU C 88 -32.10 -15.24 -29.15
N LEU C 89 -31.78 -15.30 -30.45
CA LEU C 89 -31.79 -14.09 -31.26
C LEU C 89 -33.17 -13.43 -31.30
N GLN C 90 -34.24 -14.22 -31.22
CA GLN C 90 -35.60 -13.68 -31.22
C GLN C 90 -35.90 -12.76 -30.03
N ASP C 91 -35.11 -12.81 -28.96
CA ASP C 91 -35.53 -12.07 -27.77
C ASP C 91 -35.18 -10.59 -27.84
N THR C 92 -34.63 -10.10 -28.94
CA THR C 92 -34.39 -8.67 -29.07
C THR C 92 -35.71 -7.92 -29.04
N GLY C 93 -35.89 -7.08 -28.03
CA GLY C 93 -37.12 -6.32 -27.93
C GLY C 93 -37.11 -5.39 -26.74
N GLN C 94 -38.29 -4.84 -26.45
CA GLN C 94 -38.49 -3.95 -25.32
C GLN C 94 -39.16 -4.71 -24.19
N TYR C 95 -38.46 -4.83 -23.07
CA TYR C 95 -39.00 -5.58 -21.96
C TYR C 95 -39.58 -4.62 -20.92
N THR C 96 -40.53 -5.12 -20.16
CA THR C 96 -41.25 -4.34 -19.17
C THR C 96 -41.34 -5.16 -17.90
N CYS C 97 -40.88 -4.59 -16.80
CA CYS C 97 -41.08 -5.20 -15.49
C CYS C 97 -42.05 -4.34 -14.70
N MET C 98 -42.97 -5.01 -14.02
CA MET C 98 -44.07 -4.34 -13.34
C MET C 98 -44.27 -5.00 -11.98
N LEU C 99 -44.34 -4.17 -10.93
CA LEU C 99 -44.63 -4.59 -9.58
C LEU C 99 -46.10 -4.33 -9.29
N ARG C 100 -46.78 -5.28 -8.64
CA ARG C 100 -48.21 -5.10 -8.46
C ARG C 100 -48.76 -5.93 -7.31
N ASN C 101 -49.88 -5.42 -6.79
CA ASN C 101 -50.80 -6.02 -5.85
C ASN C 101 -52.19 -5.51 -6.23
N THR C 102 -53.18 -5.76 -5.37
CA THR C 102 -54.52 -5.20 -5.60
C THR C 102 -54.61 -3.75 -5.15
N THR C 103 -53.53 -3.19 -4.64
CA THR C 103 -53.49 -1.84 -4.10
C THR C 103 -52.57 -0.91 -4.88
N TYR C 104 -51.55 -1.45 -5.54
CA TYR C 104 -50.47 -0.62 -6.03
C TYR C 104 -49.78 -1.31 -7.21
N CYS C 105 -49.38 -0.50 -8.19
CA CYS C 105 -48.68 -0.97 -9.38
C CYS C 105 -47.57 0.00 -9.71
N SER C 106 -46.57 -0.47 -10.47
CA SER C 106 -45.57 0.41 -11.08
C SER C 106 -44.73 -0.39 -12.09
N LYS C 107 -44.42 0.23 -13.23
CA LYS C 107 -43.83 -0.48 -14.34
C LYS C 107 -42.82 0.41 -15.07
N VAL C 108 -41.77 -0.23 -15.60
CA VAL C 108 -40.83 0.44 -16.50
C VAL C 108 -40.40 -0.53 -17.59
N ALA C 109 -39.91 0.03 -18.69
CA ALA C 109 -39.48 -0.72 -19.86
C ALA C 109 -38.07 -0.31 -20.23
N PHE C 110 -37.37 -1.20 -20.93
CA PHE C 110 -36.01 -0.95 -21.34
C PHE C 110 -35.68 -1.87 -22.50
N PRO C 111 -34.75 -1.48 -23.37
CA PRO C 111 -34.45 -2.31 -24.55
C PRO C 111 -33.32 -3.30 -24.34
N LEU C 112 -33.55 -4.50 -24.87
CA LEU C 112 -32.57 -5.57 -24.89
C LEU C 112 -32.30 -5.93 -26.33
N GLU C 113 -31.01 -6.06 -26.67
CA GLU C 113 -30.52 -6.37 -28.01
C GLU C 113 -29.65 -7.61 -27.91
N VAL C 114 -30.04 -8.66 -28.61
CA VAL C 114 -29.22 -9.84 -28.72
C VAL C 114 -28.30 -9.68 -29.92
N VAL C 115 -27.01 -9.95 -29.71
CA VAL C 115 -25.95 -9.69 -30.68
C VAL C 115 -25.37 -11.01 -31.17
N GLN C 116 -25.18 -11.11 -32.48
CA GLN C 116 -24.46 -12.24 -33.07
C GLN C 116 -22.97 -11.96 -33.08
N LYS C 117 -22.18 -13.00 -32.81
CA LYS C 117 -20.74 -12.86 -32.87
C LYS C 117 -20.13 -13.84 -33.84
N ASP C 118 -18.90 -13.51 -34.22
CA ASP C 118 -18.08 -14.19 -35.19
C ASP C 118 -17.34 -15.34 -34.51
N SER C 119 -16.59 -16.11 -35.30
CA SER C 119 -15.61 -17.03 -34.73
C SER C 119 -14.39 -16.27 -34.26
N CYS C 120 -14.13 -15.09 -34.83
CA CYS C 120 -13.11 -14.18 -34.33
C CYS C 120 -13.69 -13.12 -33.40
N PHE C 121 -14.90 -13.35 -32.89
CA PHE C 121 -15.56 -12.49 -31.91
C PHE C 121 -15.81 -11.09 -32.46
N ASN C 122 -16.05 -10.97 -33.76
CA ASN C 122 -16.47 -9.70 -34.35
C ASN C 122 -17.98 -9.55 -34.18
N SER C 123 -18.41 -8.43 -33.61
CA SER C 123 -19.81 -8.23 -33.31
C SER C 123 -20.10 -6.75 -33.12
N ALA C 124 -21.38 -6.43 -33.15
CA ALA C 124 -21.80 -5.07 -32.86
C ALA C 124 -21.73 -4.76 -31.38
N MET C 125 -21.19 -5.67 -30.57
CA MET C 125 -21.09 -5.42 -29.15
C MET C 125 -20.17 -4.23 -28.89
N ARG C 126 -20.51 -3.44 -27.86
CA ARG C 126 -19.70 -2.29 -27.46
C ARG C 126 -18.88 -2.71 -26.23
N PHE C 127 -17.57 -2.85 -26.38
CA PHE C 127 -16.74 -3.33 -25.27
C PHE C 127 -16.35 -2.19 -24.37
N PRO C 128 -15.95 -2.48 -23.14
CA PRO C 128 -15.31 -1.45 -22.33
C PRO C 128 -13.83 -1.35 -22.66
N VAL C 129 -13.30 -0.15 -22.45
CA VAL C 129 -11.88 0.10 -22.62
C VAL C 129 -11.20 0.04 -21.26
N HIS C 130 -10.15 -0.76 -21.16
CA HIS C 130 -9.38 -0.93 -19.94
C HIS C 130 -7.99 -0.37 -20.15
N LYS C 131 -7.66 0.69 -19.43
CA LYS C 131 -6.36 1.34 -19.55
C LYS C 131 -5.41 0.75 -18.52
N MET C 132 -4.14 0.62 -18.93
CA MET C 132 -3.10 -0.08 -18.19
C MET C 132 -1.87 0.82 -18.13
N TYR C 133 -1.31 1.01 -16.95
CA TYR C 133 -0.12 1.83 -16.85
C TYR C 133 1.08 1.14 -17.51
N ILE C 134 1.79 1.87 -18.38
CA ILE C 134 2.89 1.27 -19.11
C ILE C 134 4.06 1.06 -18.16
N GLU C 135 4.65 -0.13 -18.21
CA GLU C 135 5.93 -0.43 -17.54
C GLU C 135 5.89 -0.06 -16.06
N HIS C 136 4.73 -0.27 -15.43
CA HIS C 136 4.44 0.17 -14.07
C HIS C 136 3.85 -1.02 -13.33
N GLY C 137 4.72 -1.92 -12.87
CA GLY C 137 4.27 -3.10 -12.13
C GLY C 137 3.44 -4.09 -12.90
N ILE C 138 3.14 -5.23 -12.28
CA ILE C 138 2.35 -6.30 -12.89
C ILE C 138 0.87 -5.94 -12.80
N HIS C 139 0.17 -5.99 -13.94
CA HIS C 139 -1.24 -5.65 -13.99
C HIS C 139 -2.11 -6.85 -14.35
N LYS C 140 -3.31 -6.94 -13.77
CA LYS C 140 -4.23 -8.06 -14.02
C LYS C 140 -5.57 -7.51 -14.45
N ILE C 141 -6.14 -8.08 -15.51
CA ILE C 141 -7.53 -7.82 -15.85
C ILE C 141 -8.30 -9.09 -15.56
N THR C 142 -9.61 -8.95 -15.44
CA THR C 142 -10.47 -10.05 -15.04
C THR C 142 -11.62 -10.15 -16.01
N CYS C 143 -11.97 -11.37 -16.40
CA CYS C 143 -13.15 -11.57 -17.22
C CYS C 143 -14.34 -10.88 -16.57
N PRO C 144 -15.00 -9.97 -17.26
CA PRO C 144 -16.06 -9.18 -16.63
C PRO C 144 -17.40 -9.90 -16.69
N ASN C 145 -18.26 -9.51 -15.76
CA ASN C 145 -19.63 -9.99 -15.66
C ASN C 145 -19.72 -11.52 -15.71
N VAL C 146 -19.14 -12.13 -14.69
CA VAL C 146 -19.23 -13.59 -14.48
C VAL C 146 -19.91 -13.95 -13.17
N ASP C 147 -20.02 -13.04 -12.21
CA ASP C 147 -20.64 -13.31 -10.93
C ASP C 147 -22.12 -13.62 -11.08
N GLY C 148 -22.63 -14.52 -10.24
CA GLY C 148 -24.02 -14.88 -10.28
C GLY C 148 -24.41 -15.88 -11.34
N TYR C 149 -23.48 -16.32 -12.19
CA TYR C 149 -23.84 -17.27 -13.24
C TYR C 149 -23.70 -18.74 -12.82
N PHE C 150 -22.89 -19.05 -11.82
CA PHE C 150 -22.71 -20.42 -11.32
C PHE C 150 -22.15 -20.35 -9.92
N PRO C 151 -22.45 -21.34 -9.07
CA PRO C 151 -21.98 -21.29 -7.68
C PRO C 151 -20.48 -21.52 -7.59
N SER C 152 -19.96 -21.28 -6.38
CA SER C 152 -18.53 -21.41 -6.13
C SER C 152 -18.06 -22.85 -6.24
N SER C 153 -18.94 -23.82 -6.01
CA SER C 153 -18.53 -25.21 -6.15
C SER C 153 -18.20 -25.59 -7.59
N VAL C 154 -18.65 -24.83 -8.58
CA VAL C 154 -18.40 -25.12 -9.98
C VAL C 154 -17.19 -24.31 -10.44
N LYS C 155 -16.12 -25.00 -10.80
CA LYS C 155 -14.94 -24.31 -11.32
C LYS C 155 -15.00 -24.35 -12.83
N PRO C 156 -15.16 -23.21 -13.49
CA PRO C 156 -15.38 -23.21 -14.93
C PRO C 156 -14.07 -23.29 -15.69
N SER C 157 -14.20 -23.52 -16.99
CA SER C 157 -13.08 -23.45 -17.91
C SER C 157 -13.01 -22.06 -18.53
N VAL C 158 -11.89 -21.38 -18.35
CA VAL C 158 -11.70 -20.06 -18.92
C VAL C 158 -10.60 -20.15 -19.95
N THR C 159 -10.83 -19.55 -21.11
CA THR C 159 -9.80 -19.44 -22.13
C THR C 159 -9.77 -17.99 -22.60
N TRP C 160 -8.56 -17.47 -22.84
CA TRP C 160 -8.39 -16.11 -23.31
C TRP C 160 -7.85 -16.11 -24.74
N TYR C 161 -8.27 -15.10 -25.51
CA TYR C 161 -7.83 -14.88 -26.87
C TYR C 161 -7.35 -13.44 -27.02
N LYS C 162 -6.29 -13.23 -27.80
CA LYS C 162 -6.00 -11.90 -28.30
C LYS C 162 -6.37 -11.90 -29.77
N GLY C 163 -7.24 -10.97 -30.14
CA GLY C 163 -7.84 -11.04 -31.47
C GLY C 163 -8.50 -12.38 -31.68
N CYS C 164 -8.15 -13.05 -32.76
CA CYS C 164 -8.75 -14.35 -33.01
C CYS C 164 -7.96 -15.49 -32.43
N THR C 165 -6.77 -15.24 -31.90
CA THR C 165 -5.82 -16.31 -31.57
C THR C 165 -5.89 -16.65 -30.09
N GLU C 166 -5.94 -17.94 -29.80
CA GLU C 166 -5.96 -18.37 -28.41
C GLU C 166 -4.63 -18.03 -27.74
N ILE C 167 -4.70 -17.61 -26.48
CA ILE C 167 -3.53 -17.33 -25.66
C ILE C 167 -3.24 -18.54 -24.79
N VAL C 168 -2.11 -19.22 -25.02
CA VAL C 168 -1.65 -20.22 -24.05
C VAL C 168 -0.88 -19.39 -23.02
N ASP C 169 0.20 -18.74 -23.46
CA ASP C 169 0.86 -17.70 -22.68
C ASP C 169 1.78 -16.90 -23.60
N PHE C 170 2.00 -15.64 -23.27
CA PHE C 170 3.00 -14.84 -23.98
C PHE C 170 4.21 -14.70 -23.07
N HIS C 171 5.30 -14.15 -23.63
CA HIS C 171 6.49 -13.99 -22.81
C HIS C 171 6.29 -12.96 -21.70
N ASN C 172 5.29 -12.09 -21.84
CA ASN C 172 4.95 -11.09 -20.83
C ASN C 172 3.47 -11.12 -20.47
N VAL C 173 2.72 -12.13 -20.92
CA VAL C 173 1.30 -12.27 -20.64
C VAL C 173 1.05 -13.70 -20.16
N LEU C 174 0.28 -13.85 -19.07
CA LEU C 174 -0.04 -15.19 -18.60
C LEU C 174 -1.49 -15.27 -18.14
N PRO C 175 -2.28 -16.23 -18.65
CA PRO C 175 -3.64 -16.42 -18.14
C PRO C 175 -3.72 -17.36 -16.94
N GLU C 176 -4.43 -16.93 -15.91
CA GLU C 176 -4.70 -17.71 -14.70
C GLU C 176 -6.19 -17.66 -14.43
N GLY C 177 -6.90 -18.64 -14.96
CA GLY C 177 -8.32 -18.77 -14.73
C GLY C 177 -9.04 -17.53 -15.18
N MET C 178 -9.76 -16.92 -14.26
CA MET C 178 -10.56 -15.75 -14.58
C MET C 178 -9.73 -14.50 -14.80
N GLN C 179 -8.41 -14.58 -14.69
CA GLN C 179 -7.60 -13.38 -14.78
C GLN C 179 -6.51 -13.50 -15.83
N LEU C 180 -6.17 -12.35 -16.42
CA LEU C 180 -5.12 -12.25 -17.42
C LEU C 180 -4.08 -11.28 -16.89
N SER C 181 -2.81 -11.70 -16.90
CA SER C 181 -1.72 -10.97 -16.27
C SER C 181 -0.76 -10.40 -17.32
N PHE C 182 -0.47 -9.11 -17.19
CA PHE C 182 0.53 -8.42 -17.97
C PHE C 182 1.71 -8.07 -17.06
N PHE C 183 2.85 -8.75 -17.23
CA PHE C 183 3.95 -8.60 -16.28
C PHE C 183 4.67 -7.26 -16.43
N ILE C 184 4.92 -6.81 -17.66
CA ILE C 184 5.46 -5.48 -17.86
C ILE C 184 4.72 -4.87 -19.04
N PRO C 185 3.63 -4.15 -18.80
CA PRO C 185 2.75 -3.72 -19.89
C PRO C 185 3.45 -2.85 -20.91
N LEU C 186 3.36 -3.26 -22.18
CA LEU C 186 3.87 -2.43 -23.25
C LEU C 186 2.76 -2.08 -24.24
N VAL C 187 3.08 -1.14 -25.13
CA VAL C 187 2.20 -0.85 -26.27
C VAL C 187 1.90 -2.12 -27.05
N SER C 188 2.88 -3.01 -27.15
CA SER C 188 2.74 -4.22 -27.97
C SER C 188 1.58 -5.09 -27.48
N ASN C 189 1.19 -4.95 -26.20
CA ASN C 189 0.10 -5.72 -25.65
C ASN C 189 -1.27 -5.11 -25.90
N ASN C 190 -1.34 -4.01 -26.65
CA ASN C 190 -2.63 -3.44 -26.92
C ASN C 190 -3.47 -4.39 -27.76
N GLY C 191 -4.76 -4.35 -27.56
CA GLY C 191 -5.65 -5.06 -28.46
C GLY C 191 -6.87 -5.56 -27.75
N GLN C 192 -7.66 -6.34 -28.47
CA GLN C 192 -8.89 -6.89 -27.96
C GLN C 192 -8.60 -8.24 -27.32
N TYR C 193 -8.92 -8.36 -26.03
CA TYR C 193 -8.73 -9.61 -25.29
C TYR C 193 -10.10 -10.17 -24.92
N THR C 194 -10.36 -11.41 -25.32
CA THR C 194 -11.65 -12.03 -25.10
C THR C 194 -11.49 -13.20 -24.14
N CYS C 195 -12.34 -13.25 -23.13
CA CYS C 195 -12.46 -14.43 -22.28
C CYS C 195 -13.71 -15.19 -22.67
N VAL C 196 -13.58 -16.51 -22.73
CA VAL C 196 -14.68 -17.46 -22.88
C VAL C 196 -14.72 -18.32 -21.62
N VAL C 197 -15.89 -18.41 -21.02
CA VAL C 197 -16.15 -19.10 -19.75
C VAL C 197 -17.15 -20.20 -20.04
N THR C 198 -16.74 -21.46 -19.86
CA THR C 198 -17.62 -22.60 -20.08
C THR C 198 -17.88 -23.28 -18.74
N TYR C 199 -19.15 -23.56 -18.46
CA TYR C 199 -19.51 -24.19 -17.20
C TYR C 199 -20.71 -25.09 -17.43
N PRO C 200 -20.90 -26.10 -16.61
CA PRO C 200 -22.09 -26.93 -16.72
C PRO C 200 -23.18 -26.47 -15.77
N GLU C 201 -24.43 -26.82 -16.04
CA GLU C 201 -25.51 -26.58 -15.08
C GLU C 201 -26.70 -27.44 -15.47
N ASN C 202 -27.17 -28.28 -14.53
CA ASN C 202 -28.30 -29.18 -14.78
C ASN C 202 -28.11 -29.99 -16.06
N GLY C 203 -26.91 -30.48 -16.30
CA GLY C 203 -26.78 -31.26 -17.50
C GLY C 203 -26.52 -30.49 -18.77
N ARG C 204 -26.68 -29.17 -18.77
CA ARG C 204 -26.40 -28.36 -19.95
C ARG C 204 -25.00 -27.75 -19.88
N LEU C 205 -24.47 -27.38 -21.03
CA LEU C 205 -23.18 -26.72 -21.12
C LEU C 205 -23.41 -25.26 -21.55
N PHE C 206 -22.86 -24.31 -20.80
CA PHE C 206 -23.11 -22.91 -21.10
C PHE C 206 -21.79 -22.17 -21.32
N HIS C 207 -21.84 -21.17 -22.19
CA HIS C 207 -20.70 -20.33 -22.51
C HIS C 207 -21.05 -18.87 -22.28
N LEU C 208 -20.07 -18.11 -21.80
CA LEU C 208 -20.19 -16.66 -21.67
C LEU C 208 -18.91 -16.08 -22.25
N THR C 209 -19.07 -15.16 -23.20
CA THR C 209 -17.96 -14.50 -23.87
C THR C 209 -17.93 -13.02 -23.51
N ARG C 210 -16.74 -12.49 -23.20
CA ARG C 210 -16.60 -11.06 -22.93
C ARG C 210 -15.32 -10.52 -23.54
N THR C 211 -15.43 -9.40 -24.25
CA THR C 211 -14.30 -8.77 -24.92
C THR C 211 -13.96 -7.46 -24.23
N VAL C 212 -12.68 -7.26 -23.96
CA VAL C 212 -12.18 -6.07 -23.29
C VAL C 212 -11.11 -5.44 -24.18
N THR C 213 -11.22 -4.15 -24.43
CA THR C 213 -10.19 -3.45 -25.18
C THR C 213 -9.09 -3.04 -24.21
N VAL C 214 -7.90 -3.62 -24.34
CA VAL C 214 -6.78 -3.24 -23.50
C VAL C 214 -5.95 -2.17 -24.19
N LYS C 215 -5.83 -1.04 -23.53
CA LYS C 215 -5.07 0.11 -24.01
C LYS C 215 -4.07 0.51 -22.94
N VAL C 216 -2.83 0.70 -23.34
CA VAL C 216 -1.76 1.10 -22.43
C VAL C 216 -1.60 2.62 -22.45
N VAL C 217 -1.54 3.22 -21.26
CA VAL C 217 -1.49 4.66 -21.05
C VAL C 217 -0.29 5.04 -20.20
N GLY C 218 0.08 6.32 -20.28
CA GLY C 218 1.28 6.78 -19.60
C GLY C 218 1.15 6.66 -18.10
N SER C 219 2.24 6.21 -17.45
CA SER C 219 2.20 5.89 -16.03
C SER C 219 2.23 7.14 -15.16
N PRO C 220 1.74 7.03 -13.92
CA PRO C 220 1.82 8.17 -12.99
C PRO C 220 3.23 8.60 -12.66
N LYS C 221 4.18 7.68 -12.73
CA LYS C 221 5.55 7.98 -12.37
C LYS C 221 6.19 8.98 -13.33
N ASP C 222 5.74 9.00 -14.59
CA ASP C 222 6.20 9.99 -15.56
C ASP C 222 5.28 11.21 -15.64
N ALA C 223 4.34 11.33 -14.72
CA ALA C 223 3.39 12.43 -14.77
C ALA C 223 4.07 13.73 -14.40
N LEU C 224 3.96 14.72 -15.26
CA LEU C 224 4.59 16.01 -15.01
C LEU C 224 3.53 17.10 -15.00
N PRO C 225 3.86 18.29 -14.53
CA PRO C 225 2.97 19.41 -14.70
C PRO C 225 3.00 19.85 -16.15
N PRO C 226 2.07 20.71 -16.59
CA PRO C 226 2.03 21.08 -18.00
C PRO C 226 3.36 21.64 -18.47
N GLN C 227 3.80 21.19 -19.65
CA GLN C 227 5.01 21.72 -20.28
C GLN C 227 4.62 22.53 -21.51
N ILE C 228 5.01 23.80 -21.51
CA ILE C 228 4.70 24.71 -22.60
C ILE C 228 5.90 24.75 -23.53
N TYR C 229 5.71 24.34 -24.78
CA TYR C 229 6.81 24.37 -25.74
C TYR C 229 6.97 25.76 -26.35
N SER C 230 5.86 26.31 -26.84
CA SER C 230 5.72 27.61 -27.43
C SER C 230 4.50 28.28 -26.80
N PRO C 231 4.56 29.59 -26.50
CA PRO C 231 5.72 30.43 -26.81
C PRO C 231 6.90 30.19 -25.89
N ASN C 232 8.09 30.59 -26.37
CA ASN C 232 9.31 30.59 -25.60
C ASN C 232 10.13 31.79 -26.06
N ASP C 233 11.17 32.12 -25.28
CA ASP C 233 11.87 33.39 -25.51
C ASP C 233 12.42 33.51 -26.93
N ARG C 234 12.91 32.42 -27.50
CA ARG C 234 13.63 32.50 -28.76
C ARG C 234 12.73 32.72 -29.97
N VAL C 235 11.42 32.87 -29.78
CA VAL C 235 10.54 33.33 -30.86
C VAL C 235 10.01 34.69 -30.45
N VAL C 236 9.96 35.60 -31.41
CA VAL C 236 9.47 36.94 -31.19
C VAL C 236 8.46 37.23 -32.28
N TYR C 237 7.40 37.96 -31.92
CA TYR C 237 6.31 38.27 -32.83
C TYR C 237 6.44 39.73 -33.23
N GLU C 238 7.16 39.98 -34.34
CA GLU C 238 7.51 41.32 -34.80
C GLU C 238 6.47 41.80 -35.80
N LYS C 239 5.62 42.73 -35.40
CA LYS C 239 4.56 43.23 -36.28
C LYS C 239 4.59 44.75 -36.46
N VAL C 246 -0.58 36.16 -35.14
CA VAL C 246 -1.05 34.84 -34.68
C VAL C 246 -0.06 34.15 -33.75
N ILE C 247 -0.47 33.81 -32.54
CA ILE C 247 0.43 33.11 -31.61
C ILE C 247 -0.19 31.82 -31.12
N PRO C 248 0.50 30.69 -31.24
CA PRO C 248 -0.05 29.42 -30.75
C PRO C 248 0.53 29.05 -29.40
N CYS C 249 -0.30 28.56 -28.49
CA CYS C 249 0.18 28.00 -27.24
C CYS C 249 0.14 26.49 -27.36
N LYS C 250 1.32 25.86 -27.27
CA LYS C 250 1.51 24.43 -27.44
C LYS C 250 1.94 23.85 -26.09
N VAL C 251 1.05 23.08 -25.46
CA VAL C 251 1.29 22.55 -24.13
C VAL C 251 1.26 21.02 -24.15
N TYR C 252 2.26 20.41 -23.53
CA TYR C 252 2.29 18.97 -23.36
C TYR C 252 1.72 18.62 -22.00
N PHE C 253 0.88 17.58 -21.97
CA PHE C 253 0.29 17.04 -20.75
C PHE C 253 0.59 15.56 -20.65
N SER C 254 1.30 15.17 -19.60
CA SER C 254 1.40 13.77 -19.26
C SER C 254 0.00 13.19 -19.03
N PHE C 255 -0.17 11.92 -19.36
CA PHE C 255 -1.45 11.29 -19.14
C PHE C 255 -1.71 11.12 -17.65
N ILE C 256 -2.88 11.54 -17.21
CA ILE C 256 -3.33 11.31 -15.84
C ILE C 256 -4.80 10.90 -15.87
N MET C 257 -5.13 9.86 -15.10
CA MET C 257 -6.38 9.12 -15.25
C MET C 257 -7.58 10.05 -15.19
N ASP C 258 -7.83 10.65 -14.04
CA ASP C 258 -9.00 11.51 -13.86
C ASP C 258 -8.54 12.95 -13.71
N SER C 259 -7.95 13.48 -14.78
CA SER C 259 -7.45 14.85 -14.80
C SER C 259 -8.08 15.64 -15.91
N HIS C 260 -8.26 16.93 -15.63
CA HIS C 260 -8.93 17.89 -16.49
C HIS C 260 -7.84 18.84 -16.99
N ASN C 261 -7.28 18.58 -18.17
CA ASN C 261 -6.21 19.43 -18.70
C ASN C 261 -6.79 20.74 -19.22
N GLU C 262 -6.12 21.85 -18.90
CA GLU C 262 -6.61 23.17 -19.29
C GLU C 262 -5.49 24.01 -19.88
N VAL C 263 -5.77 24.66 -21.01
CA VAL C 263 -4.88 25.64 -21.61
C VAL C 263 -5.72 26.84 -22.02
N TRP C 264 -5.26 28.05 -21.68
CA TRP C 264 -6.04 29.24 -22.02
C TRP C 264 -5.11 30.44 -22.12
N TRP C 265 -5.59 31.47 -22.80
CA TRP C 265 -4.82 32.69 -23.02
C TRP C 265 -5.34 33.81 -22.13
N THR C 266 -4.45 34.75 -21.80
CA THR C 266 -4.85 35.98 -21.12
C THR C 266 -4.20 37.18 -21.81
N ILE C 267 -5.04 38.18 -22.08
CA ILE C 267 -4.65 39.53 -22.50
C ILE C 267 -4.83 40.44 -21.29
N ASP C 268 -3.74 40.67 -20.56
CA ASP C 268 -3.78 41.45 -19.32
C ASP C 268 -4.96 41.02 -18.45
N GLY C 269 -5.23 39.71 -18.41
CA GLY C 269 -6.11 39.09 -17.45
C GLY C 269 -7.49 38.60 -17.90
N LYS C 270 -7.75 38.44 -19.21
CA LYS C 270 -9.03 37.87 -19.64
C LYS C 270 -8.94 37.49 -21.12
N LYS C 271 -9.81 36.57 -21.53
CA LYS C 271 -9.99 36.13 -22.93
C LYS C 271 -8.70 36.02 -23.74
N ASN C 282 -8.96 29.17 -31.22
CA ASN C 282 -9.05 27.89 -31.93
C ASN C 282 -8.27 26.78 -31.22
N GLU C 283 -9.01 25.79 -30.71
CA GLU C 283 -8.46 24.68 -29.94
C GLU C 283 -8.25 23.43 -30.79
N SER C 284 -7.10 22.78 -30.63
CA SER C 284 -6.88 21.46 -31.20
C SER C 284 -6.00 20.63 -30.26
N VAL C 285 -6.11 19.31 -30.39
CA VAL C 285 -5.46 18.36 -29.49
C VAL C 285 -4.95 17.15 -30.25
N SER C 286 -3.78 16.66 -29.86
CA SER C 286 -3.19 15.47 -30.46
C SER C 286 -2.79 14.49 -29.36
N TYR C 287 -3.00 13.18 -29.62
CA TYR C 287 -2.78 12.15 -28.63
C TYR C 287 -1.57 11.30 -28.99
N SER C 288 -0.86 10.89 -27.97
CA SER C 288 0.28 10.00 -28.02
C SER C 288 -0.18 8.54 -28.08
N SER C 289 0.77 7.61 -28.26
CA SER C 289 0.38 6.20 -28.19
C SER C 289 -0.13 5.89 -26.80
N THR C 290 0.58 6.33 -25.78
CA THR C 290 0.16 6.15 -24.41
C THR C 290 -0.84 7.22 -23.95
N GLU C 291 -1.40 7.98 -24.89
CA GLU C 291 -2.51 8.91 -24.66
C GLU C 291 -2.09 10.15 -23.86
N ASP C 292 -0.81 10.50 -23.89
CA ASP C 292 -0.41 11.81 -23.46
C ASP C 292 -0.96 12.84 -24.45
N GLU C 293 -1.36 14.01 -23.95
CA GLU C 293 -2.04 14.99 -24.79
C GLU C 293 -1.13 16.17 -25.08
N THR C 294 -1.18 16.67 -26.32
CA THR C 294 -0.52 17.89 -26.74
C THR C 294 -1.60 18.83 -27.25
N ARG C 295 -1.86 19.89 -26.50
CA ARG C 295 -2.92 20.83 -26.84
C ARG C 295 -2.32 22.11 -27.42
N THR C 296 -2.85 22.55 -28.55
CA THR C 296 -2.48 23.84 -29.15
C THR C 296 -3.71 24.72 -29.26
N GLN C 297 -3.63 25.90 -28.64
CA GLN C 297 -4.66 26.92 -28.69
C GLN C 297 -4.05 28.13 -29.37
N ILE C 298 -4.54 28.44 -30.56
CA ILE C 298 -3.96 29.48 -31.39
C ILE C 298 -4.85 30.71 -31.24
N LEU C 299 -4.24 31.85 -30.96
CA LEU C 299 -4.96 33.11 -30.80
C LEU C 299 -4.47 34.12 -31.82
N SER C 300 -5.40 34.90 -32.38
CA SER C 300 -5.09 36.22 -32.94
C SER C 300 -6.38 37.00 -33.28
N PRO C 306 -2.03 48.24 -33.37
CA PRO C 306 -2.22 49.53 -32.70
C PRO C 306 -1.71 49.51 -31.26
N GLU C 307 -2.64 49.45 -30.29
CA GLU C 307 -2.28 49.20 -28.91
C GLU C 307 -2.09 47.71 -28.64
N ASP C 308 -2.60 46.85 -29.53
CA ASP C 308 -2.57 45.42 -29.27
C ASP C 308 -1.14 44.91 -29.13
N LEU C 309 -0.15 45.64 -29.66
CA LEU C 309 1.25 45.24 -29.56
C LEU C 309 1.91 45.72 -28.27
N ARG C 310 1.28 46.64 -27.52
CA ARG C 310 1.70 46.96 -26.17
C ARG C 310 1.35 45.86 -25.20
N ARG C 311 0.26 45.15 -25.47
CA ARG C 311 -0.31 44.24 -24.50
C ARG C 311 0.67 43.14 -24.13
N ASN C 312 0.37 42.47 -23.02
CA ASN C 312 1.16 41.38 -22.47
C ASN C 312 0.32 40.13 -22.67
N TYR C 313 0.75 39.27 -23.59
CA TYR C 313 0.03 38.06 -23.96
C TYR C 313 0.64 36.92 -23.17
N VAL C 314 -0.16 36.24 -22.35
CA VAL C 314 0.40 35.17 -21.55
C VAL C 314 -0.43 33.91 -21.75
N CYS C 315 0.24 32.80 -22.04
CA CYS C 315 -0.39 31.49 -22.12
C CYS C 315 -0.32 30.76 -20.79
N HIS C 316 -1.45 30.17 -20.38
CA HIS C 316 -1.63 29.44 -19.14
C HIS C 316 -1.97 27.97 -19.41
N ALA C 317 -1.50 27.10 -18.52
CA ALA C 317 -1.89 25.70 -18.58
C ALA C 317 -1.95 25.12 -17.17
N ARG C 318 -2.78 24.09 -16.98
CA ARG C 318 -2.93 23.45 -15.68
C ARG C 318 -3.32 21.98 -15.83
N ASN C 319 -2.72 21.14 -14.99
CA ASN C 319 -3.15 19.75 -14.80
C ASN C 319 -2.95 19.40 -13.34
N THR C 320 -3.27 18.15 -12.98
CA THR C 320 -3.28 17.73 -11.58
C THR C 320 -1.93 17.98 -10.91
N LYS C 321 -0.85 18.00 -11.68
CA LYS C 321 0.47 18.12 -11.09
C LYS C 321 0.98 19.57 -11.02
N GLY C 322 0.28 20.54 -11.59
CA GLY C 322 0.71 21.91 -11.45
C GLY C 322 0.16 22.80 -12.53
N GLU C 323 0.75 24.00 -12.59
CA GLU C 323 0.29 25.12 -13.39
C GLU C 323 1.50 25.82 -14.01
N ALA C 324 1.35 26.20 -15.29
CA ALA C 324 2.44 26.83 -16.02
C ALA C 324 1.95 28.11 -16.68
N GLU C 325 2.91 29.00 -16.91
CA GLU C 325 2.71 30.32 -17.49
C GLU C 325 3.88 30.67 -18.39
N GLN C 326 3.58 31.24 -19.55
CA GLN C 326 4.66 31.75 -20.39
C GLN C 326 4.14 32.89 -21.23
N ALA C 327 4.87 34.00 -21.23
CA ALA C 327 4.46 35.17 -21.97
C ALA C 327 5.05 35.11 -23.37
N ALA C 328 4.24 35.48 -24.36
CA ALA C 328 4.75 35.60 -25.70
C ALA C 328 5.38 36.96 -25.83
N LYS C 329 6.44 37.04 -26.61
CA LYS C 329 7.13 38.30 -26.84
C LYS C 329 6.52 38.91 -28.09
N VAL C 330 5.84 40.04 -27.94
CA VAL C 330 5.21 40.75 -29.05
C VAL C 330 5.80 42.15 -29.04
N LYS C 331 6.75 42.38 -29.95
CA LYS C 331 7.37 43.69 -30.08
C LYS C 331 7.10 44.24 -31.47
N SER D 6 27.97 -4.73 18.63
CA SER D 6 26.74 -5.34 19.11
C SER D 6 25.56 -4.78 18.35
N LEU D 7 25.82 -4.32 17.12
CA LEU D 7 24.75 -3.81 16.27
C LEU D 7 23.93 -4.97 15.73
N LEU D 8 22.61 -4.86 15.85
CA LEU D 8 21.72 -5.94 15.40
C LEU D 8 21.36 -5.78 13.93
N THR D 9 20.66 -4.71 13.57
CA THR D 9 20.25 -4.45 12.21
C THR D 9 20.12 -2.95 12.03
N GLN D 10 20.30 -2.49 10.80
CA GLN D 10 20.04 -1.11 10.44
C GLN D 10 19.07 -1.08 9.28
N SER D 11 18.29 0.01 9.19
CA SER D 11 17.33 0.11 8.10
C SER D 11 16.91 1.56 7.94
N PRO D 12 16.78 2.05 6.72
CA PRO D 12 16.30 3.42 6.50
C PRO D 12 14.78 3.51 6.51
N ALA D 13 14.31 4.70 6.89
CA ALA D 13 12.89 4.98 6.98
C ALA D 13 12.68 6.48 7.05
N SER D 14 11.51 6.91 6.59
CA SER D 14 11.11 8.30 6.73
C SER D 14 10.22 8.39 7.95
N LEU D 15 10.33 9.52 8.64
CA LEU D 15 9.71 9.75 9.95
C LEU D 15 8.54 10.71 9.80
N SER D 16 7.38 10.31 10.33
CA SER D 16 6.19 11.13 10.36
C SER D 16 5.72 11.32 11.80
N THR D 17 4.80 12.25 11.99
CA THR D 17 4.24 12.51 13.31
C THR D 17 2.81 11.99 13.39
N TYR D 18 2.33 11.89 14.63
CA TYR D 18 0.94 11.55 14.86
C TYR D 18 0.03 12.53 14.12
N ASN D 19 0.40 13.81 14.09
CA ASN D 19 -0.40 14.80 13.38
C ASN D 19 -0.08 14.86 11.90
N ASP D 20 0.40 13.75 11.34
CA ASP D 20 0.62 13.58 9.91
C ASP D 20 1.49 14.68 9.32
N GLN D 21 2.58 15.00 10.03
CA GLN D 21 3.58 15.94 9.54
C GLN D 21 4.93 15.27 9.38
N SER D 22 5.76 15.85 8.52
CA SER D 22 7.03 15.21 8.20
C SER D 22 8.16 15.90 8.95
N VAL D 23 9.15 15.12 9.33
CA VAL D 23 10.38 15.66 9.92
C VAL D 23 11.46 15.57 8.85
N SER D 24 12.18 16.65 8.66
CA SER D 24 13.13 16.82 7.57
C SER D 24 14.43 17.35 8.12
N PHE D 25 15.51 17.16 7.36
CA PHE D 25 16.84 17.64 7.72
C PHE D 25 17.38 18.62 6.67
N VAL D 26 17.57 19.86 7.05
CA VAL D 26 18.11 20.86 6.14
C VAL D 26 19.55 21.20 6.58
N LEU D 27 20.52 20.83 5.74
CA LEU D 27 21.94 21.06 5.99
C LEU D 27 22.36 22.51 5.74
N GLU D 28 23.17 23.04 6.66
CA GLU D 28 23.70 24.42 6.56
C GLU D 28 22.66 25.47 6.18
N TYR D 32 23.15 21.31 9.36
CA TYR D 32 22.02 20.41 9.59
C TYR D 32 21.05 21.00 10.62
N VAL D 33 19.76 20.87 10.32
CA VAL D 33 18.69 21.37 11.18
C VAL D 33 17.52 20.40 11.05
N ILE D 34 16.82 20.18 12.16
CA ILE D 34 15.61 19.37 12.17
C ILE D 34 14.44 20.30 11.99
N ASN D 35 13.49 19.92 11.14
CA ASN D 35 12.30 20.74 11.03
C ASN D 35 11.09 19.82 10.88
N VAL D 36 9.94 20.24 11.42
CA VAL D 36 8.74 19.40 11.46
C VAL D 36 7.56 20.21 10.93
N ASP D 37 7.04 19.84 9.77
CA ASP D 37 5.86 20.51 9.21
C ASP D 37 5.28 19.67 8.09
N ASP D 38 4.14 20.12 7.60
CA ASP D 38 3.51 19.44 6.50
C ASP D 38 4.30 19.70 5.23
N SER D 39 4.15 18.78 4.29
CA SER D 39 4.83 18.84 3.02
C SER D 39 3.79 18.60 1.95
N GLY D 40 4.12 18.89 0.71
CA GLY D 40 3.18 18.69 -0.36
C GLY D 40 3.01 17.23 -0.69
N LYS D 41 1.83 16.88 -1.19
CA LYS D 41 1.58 15.52 -1.66
C LYS D 41 2.56 15.23 -2.78
N ASP D 42 3.02 13.98 -2.84
CA ASP D 42 3.94 13.54 -3.89
C ASP D 42 5.29 14.25 -3.77
N GLN D 43 5.65 14.73 -2.58
CA GLN D 43 6.98 15.27 -2.37
C GLN D 43 7.74 14.32 -1.47
N GLU D 44 8.86 13.78 -1.97
CA GLU D 44 9.58 12.75 -1.24
C GLU D 44 10.16 13.33 0.04
N GLN D 45 9.96 12.64 1.15
CA GLN D 45 10.49 13.14 2.41
C GLN D 45 11.84 12.52 2.73
N ASP D 46 12.58 13.23 3.58
CA ASP D 46 13.94 12.82 3.85
C ASP D 46 13.92 11.55 4.71
N GLN D 47 15.00 10.80 4.62
CA GLN D 47 15.05 9.51 5.26
C GLN D 47 16.12 9.52 6.34
N VAL D 48 16.00 8.55 7.24
CA VAL D 48 16.94 8.39 8.34
C VAL D 48 17.31 6.92 8.40
N LEU D 49 18.58 6.67 8.66
CA LEU D 49 19.04 5.31 8.90
C LEU D 49 18.94 5.05 10.41
N LEU D 50 18.22 4.00 10.76
CA LEU D 50 18.07 3.60 12.15
C LEU D 50 19.00 2.42 12.42
N ARG D 51 19.84 2.56 13.44
CA ARG D 51 20.66 1.45 13.91
C ARG D 51 20.03 0.91 15.20
N TYR D 52 19.71 -0.39 15.19
CA TYR D 52 19.03 -1.07 16.27
C TYR D 52 20.01 -1.89 17.09
N TYR D 53 19.96 -1.72 18.41
CA TYR D 53 20.76 -2.47 19.37
C TYR D 53 19.84 -3.00 20.46
N GLU D 54 20.40 -3.80 21.36
CA GLU D 54 19.63 -4.30 22.50
C GLU D 54 19.72 -3.28 23.62
N SER D 55 18.57 -2.85 24.13
CA SER D 55 18.57 -1.89 25.22
C SER D 55 18.66 -2.62 26.54
N PRO D 56 18.93 -1.89 27.62
CA PRO D 56 18.86 -2.50 28.96
C PRO D 56 17.46 -2.48 29.54
N SER D 57 16.51 -1.87 28.85
CA SER D 57 15.17 -1.75 29.41
C SER D 57 14.39 -3.06 29.22
N PRO D 58 13.63 -3.49 30.22
CA PRO D 58 12.77 -4.65 30.01
C PRO D 58 11.63 -4.31 29.07
N ALA D 59 11.33 -5.20 28.14
CA ALA D 59 10.06 -5.13 27.41
C ALA D 59 8.98 -5.71 28.32
N SER D 60 8.16 -4.86 28.92
CA SER D 60 7.43 -5.28 30.12
C SER D 60 6.34 -6.30 29.80
N GLN D 61 5.68 -6.18 28.65
CA GLN D 61 4.83 -7.30 28.29
C GLN D 61 5.43 -8.03 27.09
N SER D 62 6.59 -8.61 27.35
CA SER D 62 7.17 -9.67 26.54
C SER D 62 6.55 -11.00 26.88
N GLY D 63 5.83 -11.04 28.01
CA GLY D 63 5.15 -12.20 28.51
C GLY D 63 5.74 -12.56 29.85
N ASP D 64 4.95 -13.26 30.65
CA ASP D 64 5.39 -13.70 31.97
C ASP D 64 6.40 -14.84 31.83
N GLY D 65 7.62 -14.63 32.32
CA GLY D 65 8.66 -15.63 32.32
C GLY D 65 9.73 -15.48 31.27
N VAL D 66 9.50 -14.69 30.22
CA VAL D 66 10.50 -14.47 29.18
C VAL D 66 11.19 -13.13 29.43
N ASP D 67 12.52 -13.13 29.31
CA ASP D 67 13.35 -11.96 29.60
C ASP D 67 13.45 -11.08 28.35
N GLY D 68 12.30 -10.52 27.95
CA GLY D 68 12.30 -9.64 26.80
C GLY D 68 12.92 -8.30 27.11
N LYS D 69 13.53 -7.68 26.10
CA LYS D 69 14.06 -6.33 26.23
C LYS D 69 13.67 -5.49 25.03
N LYS D 70 13.61 -4.19 25.27
CA LYS D 70 13.23 -3.29 24.21
C LYS D 70 14.44 -3.01 23.32
N LEU D 71 14.17 -2.41 22.17
CA LEU D 71 15.31 -2.08 21.34
C LEU D 71 15.73 -0.65 21.60
N MET D 72 16.94 -0.37 21.15
CA MET D 72 17.57 0.92 21.33
C MET D 72 18.00 1.36 19.96
N VAL D 73 17.70 2.58 19.57
CA VAL D 73 18.03 3.02 18.23
C VAL D 73 18.95 4.23 18.31
N ASN D 74 19.66 4.45 17.21
CA ASN D 74 20.27 5.74 16.95
C ASN D 74 20.02 6.07 15.48
N MET D 75 19.85 7.36 15.20
CA MET D 75 19.36 7.77 13.91
C MET D 75 20.36 8.71 13.25
N SER D 76 20.53 8.51 11.94
CA SER D 76 21.35 9.41 11.15
C SER D 76 20.58 9.83 9.91
N PRO D 77 20.89 10.99 9.36
CA PRO D 77 20.34 11.32 8.04
C PRO D 77 20.92 10.41 6.99
N ILE D 78 20.11 10.10 5.98
CA ILE D 78 20.56 9.18 4.94
C ILE D 78 21.69 9.81 4.14
N LYS D 79 21.66 11.14 3.95
CA LYS D 79 22.70 11.82 3.18
C LYS D 79 24.08 11.64 3.79
N ASP D 80 24.21 11.87 5.09
CA ASP D 80 25.49 11.73 5.77
C ASP D 80 25.29 10.95 7.06
N THR D 81 25.97 9.82 7.18
CA THR D 81 25.82 8.91 8.30
C THR D 81 26.87 9.15 9.38
N ASP D 82 27.58 10.27 9.32
CA ASP D 82 28.53 10.67 10.34
C ASP D 82 27.92 11.72 11.27
N ILE D 83 26.61 11.86 11.23
CA ILE D 83 25.84 12.80 12.01
C ILE D 83 24.79 12.00 12.78
N TRP D 84 24.49 12.37 14.02
CA TRP D 84 23.55 11.62 14.84
C TRP D 84 22.49 12.53 15.44
N LEU D 85 21.28 11.98 15.61
CA LEU D 85 20.28 12.67 16.42
C LEU D 85 20.74 12.57 17.87
N HIS D 86 20.94 13.72 18.48
CA HIS D 86 21.62 13.84 19.76
C HIS D 86 20.71 14.60 20.69
N ALA D 87 20.55 14.11 21.91
CA ALA D 87 19.68 14.73 22.91
C ALA D 87 20.55 15.55 23.83
N ASN D 88 20.22 16.83 23.97
CA ASN D 88 21.00 17.72 24.82
C ASN D 88 20.55 17.60 26.27
N ASP D 89 21.48 17.21 27.15
CA ASP D 89 21.17 17.03 28.56
C ASP D 89 20.66 18.31 29.19
N LYS D 90 21.18 19.45 28.77
CA LYS D 90 21.00 20.71 29.48
C LYS D 90 20.16 21.72 28.70
N ASP D 91 19.90 21.45 27.41
CA ASP D 91 19.02 22.27 26.60
C ASP D 91 17.66 21.60 26.37
N TYR D 92 17.54 20.31 26.68
CA TYR D 92 16.31 19.54 26.51
C TYR D 92 15.83 19.60 25.07
N SER D 93 16.77 19.64 24.14
CA SER D 93 16.47 19.73 22.72
C SER D 93 17.03 18.51 22.01
N VAL D 94 16.51 18.26 20.80
CA VAL D 94 17.01 17.23 19.91
C VAL D 94 17.68 17.92 18.73
N GLU D 95 18.99 17.75 18.61
CA GLU D 95 19.74 18.41 17.55
C GLU D 95 20.68 17.41 16.92
N LEU D 96 21.08 17.66 15.68
CA LEU D 96 21.99 16.76 14.99
C LEU D 96 23.43 17.17 15.28
N GLN D 97 24.27 16.20 15.69
CA GLN D 97 25.64 16.51 16.09
C GLN D 97 26.61 15.48 15.52
N ARG D 98 27.84 15.95 15.25
CA ARG D 98 28.86 15.16 14.55
C ARG D 98 29.77 14.42 15.51
N SER D 102 32.04 6.49 16.72
CA SER D 102 31.04 6.03 17.69
C SER D 102 30.27 7.22 18.29
N PRO D 103 28.98 7.04 18.51
CA PRO D 103 28.18 8.08 19.18
C PRO D 103 28.14 7.85 20.68
N PRO D 104 27.94 8.90 21.47
CA PRO D 104 27.86 8.74 22.93
C PRO D 104 26.47 8.27 23.33
N GLU D 105 26.31 8.02 24.64
CA GLU D 105 25.02 7.59 25.16
C GLU D 105 23.95 8.65 24.99
N GLN D 106 24.32 9.86 24.55
CA GLN D 106 23.37 10.93 24.34
C GLN D 106 22.60 10.79 23.03
N ALA D 107 22.97 9.84 22.19
CA ALA D 107 22.35 9.64 20.89
C ALA D 107 21.54 8.34 20.80
N PHE D 108 21.34 7.63 21.90
CA PHE D 108 20.61 6.38 21.91
C PHE D 108 19.23 6.59 22.51
N PHE D 109 18.22 5.99 21.87
CA PHE D 109 16.83 6.17 22.28
C PHE D 109 16.17 4.81 22.40
N VAL D 110 15.65 4.52 23.59
CA VAL D 110 14.85 3.33 23.79
C VAL D 110 13.56 3.46 23.00
N LEU D 111 13.23 2.43 22.23
CA LEU D 111 12.09 2.43 21.33
C LEU D 111 10.92 1.73 22.01
N HIS D 112 9.80 2.45 22.11
CA HIS D 112 8.57 1.88 22.63
C HIS D 112 7.58 1.77 21.49
N LYS D 113 6.90 0.64 21.39
CA LYS D 113 5.83 0.50 20.42
C LYS D 113 4.56 0.99 21.11
N LYS D 114 3.96 2.05 20.58
CA LYS D 114 2.83 2.69 21.20
C LYS D 114 1.50 2.38 20.55
N SER D 115 1.50 1.95 19.30
CA SER D 115 0.27 1.60 18.60
C SER D 115 0.69 0.86 17.34
N SER D 116 -0.30 0.42 16.56
CA SER D 116 0.00 -0.30 15.33
C SER D 116 0.98 0.46 14.45
N ASP D 117 0.85 1.79 14.39
CA ASP D 117 1.67 2.56 13.46
C ASP D 117 2.63 3.55 14.11
N PHE D 118 2.65 3.67 15.42
CA PHE D 118 3.45 4.73 16.04
C PHE D 118 4.39 4.15 17.09
N VAL D 119 5.57 4.76 17.18
CA VAL D 119 6.59 4.39 18.15
C VAL D 119 7.02 5.66 18.88
N SER D 120 7.76 5.46 19.97
CA SER D 120 8.23 6.55 20.80
C SER D 120 9.70 6.31 21.13
N PHE D 121 10.45 7.41 21.25
CA PHE D 121 11.91 7.35 21.48
C PHE D 121 12.21 7.99 22.82
N GLU D 122 12.41 7.18 23.86
CA GLU D 122 12.80 7.70 25.17
C GLU D 122 14.30 7.85 25.25
N SER D 123 14.77 9.04 25.66
CA SER D 123 16.21 9.27 25.72
C SER D 123 16.85 8.39 26.79
N LYS D 124 17.80 7.56 26.37
CA LYS D 124 18.51 6.74 27.33
C LYS D 124 19.26 7.59 28.32
N ASN D 125 19.80 8.71 27.85
CA ASN D 125 20.53 9.58 28.73
C ASN D 125 19.63 10.19 29.80
N LEU D 126 18.36 10.44 29.49
CA LEU D 126 17.44 11.08 30.40
C LEU D 126 16.16 10.25 30.47
N PRO D 127 16.13 9.25 31.34
CA PRO D 127 14.93 8.42 31.48
C PRO D 127 13.70 9.24 31.75
N GLY D 128 12.58 8.82 31.17
CA GLY D 128 11.31 9.47 31.35
C GLY D 128 11.00 10.58 30.37
N THR D 129 11.94 10.96 29.50
CA THR D 129 11.69 11.98 28.50
C THR D 129 11.90 11.39 27.13
N TYR D 130 11.01 11.76 26.22
CA TYR D 130 10.96 11.26 24.87
C TYR D 130 11.21 12.40 23.90
N ILE D 131 11.49 12.03 22.65
CA ILE D 131 11.53 12.99 21.57
C ILE D 131 10.10 13.43 21.30
N GLY D 132 9.90 14.72 21.18
CA GLY D 132 8.57 15.23 20.90
C GLY D 132 8.65 16.43 20.00
N VAL D 133 7.51 16.74 19.37
CA VAL D 133 7.41 17.87 18.47
C VAL D 133 6.95 19.08 19.25
N LYS D 134 7.69 20.18 19.10
CA LYS D 134 7.42 21.41 19.83
C LYS D 134 7.77 22.55 18.90
N ASP D 135 6.78 23.36 18.52
CA ASP D 135 6.99 24.54 17.65
C ASP D 135 7.78 24.18 16.40
N ASN D 136 7.35 23.11 15.73
CA ASN D 136 7.98 22.63 14.49
C ASN D 136 9.47 22.32 14.67
N GLN D 137 9.86 21.90 15.87
CA GLN D 137 11.20 21.46 16.20
C GLN D 137 11.08 20.16 16.98
N LEU D 138 12.22 19.58 17.33
CA LEU D 138 12.25 18.39 18.18
C LEU D 138 12.84 18.77 19.52
N ALA D 139 12.14 18.43 20.60
CA ALA D 139 12.61 18.72 21.95
C ALA D 139 12.40 17.49 22.81
N LEU D 140 12.90 17.53 24.03
CA LEU D 140 12.68 16.45 24.99
C LEU D 140 11.50 16.81 25.88
N VAL D 141 10.46 15.98 25.85
CA VAL D 141 9.25 16.22 26.61
C VAL D 141 8.91 14.97 27.42
N GLU D 142 7.87 15.08 28.22
CA GLU D 142 7.37 13.98 29.03
C GLU D 142 6.12 13.40 28.39
N GLU D 143 5.84 12.15 28.70
CA GLU D 143 4.61 11.56 28.20
C GLU D 143 3.49 11.94 29.16
N LYS D 144 2.46 12.62 28.63
CA LYS D 144 1.26 12.98 29.40
C LYS D 144 0.07 12.63 28.54
N ASP D 145 -0.99 12.12 29.16
CA ASP D 145 -2.08 11.53 28.39
C ASP D 145 -2.76 12.56 27.54
N GLU D 146 -2.84 13.82 28.00
CA GLU D 146 -3.51 14.88 27.24
C GLU D 146 -2.79 15.14 25.93
N SER D 147 -1.45 15.09 25.94
CA SER D 147 -0.64 15.51 24.80
C SER D 147 0.31 14.43 24.30
N SER D 148 0.12 13.16 24.67
CA SER D 148 1.05 12.11 24.28
C SER D 148 1.30 12.09 22.77
N ASN D 149 0.39 12.62 21.95
CA ASN D 149 0.61 12.65 20.51
C ASN D 149 1.89 13.40 20.14
N ASN D 150 2.37 14.28 21.01
CA ASN D 150 3.64 14.96 20.81
C ASN D 150 4.75 13.97 20.52
N ILE D 151 4.72 12.82 21.18
CA ILE D 151 5.89 11.94 21.18
C ILE D 151 5.72 10.73 20.26
N MET D 152 4.62 10.65 19.51
CA MET D 152 4.37 9.48 18.66
C MET D 152 4.83 9.74 17.22
N PHE D 153 5.61 8.82 16.68
CA PHE D 153 6.20 8.95 15.35
C PHE D 153 5.96 7.68 14.54
N LYS D 154 5.76 7.85 13.24
CA LYS D 154 5.53 6.75 12.31
C LYS D 154 6.78 6.51 11.46
N LEU D 155 7.21 5.25 11.37
CA LEU D 155 8.34 4.83 10.55
C LEU D 155 7.80 4.23 9.24
N SER D 156 8.21 4.80 8.11
CA SER D 156 7.73 4.31 6.80
C SER D 156 8.90 4.02 5.86
N LYS D 157 8.71 3.05 4.97
CA LYS D 157 9.73 2.67 4.00
C LYS D 157 9.63 3.48 2.72
N SER E 4 14.79 26.01 -0.49
CA SER E 4 13.66 26.94 -0.57
C SER E 4 12.37 26.26 -0.13
N LYS E 5 11.78 26.68 0.98
CA LYS E 5 10.52 26.06 1.38
C LYS E 5 9.39 26.57 0.49
N SER E 6 8.63 25.65 -0.06
CA SER E 6 7.47 26.01 -0.87
C SER E 6 6.24 26.20 0.02
N SER E 7 5.39 27.13 -0.36
CA SER E 7 4.13 27.34 0.33
C SER E 7 3.10 27.78 -0.69
N TRP E 8 1.84 27.45 -0.42
CA TRP E 8 0.79 27.70 -1.39
C TRP E 8 -0.53 27.93 -0.67
N GLY E 9 -1.44 28.57 -1.39
CA GLY E 9 -2.75 28.80 -0.84
C GLY E 9 -3.69 29.26 -1.92
N LEU E 10 -4.98 29.19 -1.62
CA LEU E 10 -5.99 29.66 -2.56
C LEU E 10 -6.19 31.16 -2.40
N GLU E 11 -6.58 31.83 -3.48
CA GLU E 11 -6.80 33.26 -3.33
C GLU E 11 -8.11 33.53 -2.61
N ASN E 12 -8.17 34.70 -1.98
CA ASN E 12 -9.26 35.14 -1.12
C ASN E 12 -9.33 34.36 0.18
N GLU E 13 -8.24 33.67 0.51
CA GLU E 13 -8.11 32.95 1.76
C GLU E 13 -7.01 33.57 2.58
N ALA E 14 -7.10 33.45 3.90
CA ALA E 14 -5.96 33.80 4.72
C ALA E 14 -4.88 32.75 4.51
N LEU E 15 -3.63 33.20 4.45
CA LEU E 15 -2.51 32.27 4.37
C LEU E 15 -1.43 32.79 5.29
N ILE E 16 -0.87 31.91 6.10
CA ILE E 16 0.14 32.29 7.06
C ILE E 16 1.30 31.36 6.86
N VAL E 17 2.49 31.93 6.81
CA VAL E 17 3.68 31.17 6.50
C VAL E 17 4.69 31.40 7.62
N ARG E 18 5.46 30.39 7.92
CA ARG E 18 6.49 30.48 8.94
C ARG E 18 7.85 30.43 8.26
N CYS E 19 8.78 31.15 8.78
CA CYS E 19 10.10 31.19 8.19
C CYS E 19 11.00 30.11 8.78
N PRO E 20 11.90 29.54 7.97
CA PRO E 20 12.84 28.53 8.49
C PRO E 20 13.84 29.08 9.49
N GLN E 21 14.73 28.22 9.97
CA GLN E 21 15.81 28.59 10.88
C GLN E 21 15.31 29.25 12.16
N PRO E 28 13.78 39.56 17.03
CA PRO E 28 13.43 40.42 15.89
C PRO E 28 13.73 39.74 14.56
N VAL E 29 12.72 39.64 13.70
CA VAL E 29 12.85 39.01 12.39
C VAL E 29 12.36 39.98 11.33
N GLU E 30 12.96 39.91 10.15
CA GLU E 30 12.61 40.84 9.10
C GLU E 30 12.26 40.08 7.83
N TRP E 31 11.28 40.63 7.10
CA TRP E 31 10.78 40.05 5.87
C TRP E 31 10.88 41.05 4.73
N TYR E 32 11.38 40.60 3.59
CA TYR E 32 11.33 41.38 2.36
C TYR E 32 10.96 40.50 1.18
N TYR E 33 10.32 41.13 0.20
CA TYR E 33 10.28 40.56 -1.14
C TYR E 33 11.70 40.49 -1.67
N SER E 34 12.14 39.29 -2.05
CA SER E 34 13.57 39.04 -2.25
C SER E 34 14.17 39.95 -3.33
N ASP E 35 13.39 40.33 -4.33
CA ASP E 35 13.87 41.25 -5.38
C ASP E 35 14.01 42.64 -4.77
N THR E 36 15.08 42.81 -4.00
CA THR E 36 15.34 44.06 -3.29
C THR E 36 16.47 44.84 -3.95
N ARG E 47 -3.96 42.43 1.66
CA ARG E 47 -2.75 43.08 2.17
C ARG E 47 -1.89 42.08 2.95
N ILE E 48 -0.60 42.37 3.07
CA ILE E 48 0.38 41.51 3.71
C ILE E 48 0.74 42.13 5.05
N PHE E 49 0.57 41.38 6.13
CA PHE E 49 1.03 41.78 7.44
C PHE E 49 2.11 40.82 7.91
N VAL E 50 2.74 41.17 9.03
CA VAL E 50 3.82 40.36 9.58
C VAL E 50 3.66 40.38 11.10
N SER E 51 3.63 39.20 11.71
CA SER E 51 3.52 39.12 13.17
C SER E 51 4.56 38.13 13.69
N ARG E 52 5.38 38.61 14.61
CA ARG E 52 6.48 37.85 15.17
C ARG E 52 7.31 37.29 14.03
N ASP E 53 7.48 35.97 13.98
CA ASP E 53 8.32 35.33 12.98
C ASP E 53 7.53 34.72 11.84
N ARG E 54 6.31 35.20 11.60
CA ARG E 54 5.49 34.62 10.55
C ARG E 54 4.88 35.72 9.71
N LEU E 55 4.72 35.41 8.44
CA LEU E 55 4.27 36.39 7.47
C LEU E 55 2.88 35.98 7.02
N LYS E 56 1.96 36.94 6.98
CA LYS E 56 0.54 36.66 6.81
C LYS E 56 0.00 37.40 5.59
N PHE E 57 -0.80 36.70 4.80
CA PHE E 57 -1.55 37.24 3.68
C PHE E 57 -3.02 37.19 4.05
N LEU E 58 -3.64 38.35 4.25
CA LEU E 58 -5.06 38.43 4.62
C LEU E 58 -5.78 39.47 3.79
N PRO E 59 -6.53 39.05 2.75
CA PRO E 59 -6.43 37.69 2.19
C PRO E 59 -5.32 37.61 1.16
N ALA E 60 -5.03 36.42 0.68
CA ALA E 60 -4.00 36.22 -0.35
C ALA E 60 -4.62 36.32 -1.74
N ARG E 61 -3.98 37.06 -2.63
CA ARG E 61 -4.40 37.11 -4.02
C ARG E 61 -3.22 36.76 -4.90
N VAL E 62 -3.52 36.14 -6.05
CA VAL E 62 -2.48 35.48 -6.83
C VAL E 62 -1.38 36.44 -7.22
N GLU E 63 -1.66 37.75 -7.21
CA GLU E 63 -0.61 38.73 -7.45
C GLU E 63 0.50 38.62 -6.39
N ASP E 64 0.14 38.19 -5.17
CA ASP E 64 1.12 38.06 -4.09
C ASP E 64 2.07 36.87 -4.27
N SER E 65 1.82 35.98 -5.23
CA SER E 65 2.72 34.84 -5.47
C SER E 65 4.11 35.33 -5.77
N GLY E 66 5.04 35.12 -4.84
CA GLY E 66 6.39 35.52 -5.10
C GLY E 66 7.35 34.79 -4.19
N ILE E 67 8.59 35.23 -4.24
CA ILE E 67 9.65 34.64 -3.42
C ILE E 67 9.96 35.64 -2.32
N TYR E 68 9.71 35.21 -1.10
CA TYR E 68 9.89 36.05 0.06
C TYR E 68 11.07 35.53 0.86
N ALA E 69 11.81 36.45 1.45
CA ALA E 69 12.99 36.11 2.20
C ALA E 69 12.86 36.66 3.61
N CYS E 70 13.26 35.82 4.56
CA CYS E 70 13.28 36.16 5.98
C CYS E 70 14.71 36.09 6.50
N VAL E 71 15.06 37.05 7.34
CA VAL E 71 16.36 37.16 7.99
C VAL E 71 16.23 37.39 9.48
N ILE E 72 17.14 36.76 10.23
CA ILE E 72 17.21 36.81 11.69
C ILE E 72 18.62 37.25 12.07
N ARG E 73 18.72 38.27 12.91
CA ARG E 73 20.02 38.71 13.42
C ARG E 73 19.98 38.87 14.94
N LYS E 79 21.77 34.64 9.78
CA LYS E 79 21.19 33.60 8.94
C LYS E 79 19.86 34.06 8.31
N THR E 80 19.60 33.52 7.13
CA THR E 80 18.48 33.93 6.28
C THR E 80 17.83 32.67 5.71
N GLY E 81 16.70 32.87 5.03
CA GLY E 81 15.95 31.78 4.44
C GLY E 81 14.95 32.29 3.43
N TYR E 82 14.52 31.39 2.55
CA TYR E 82 13.63 31.76 1.46
C TYR E 82 12.47 30.79 1.31
N LEU E 83 11.36 31.36 0.85
CA LEU E 83 10.15 30.59 0.58
C LEU E 83 9.54 31.06 -0.73
N ASN E 84 9.09 30.08 -1.50
CA ASN E 84 8.39 30.36 -2.75
C ASN E 84 6.92 30.21 -2.40
N VAL E 85 6.25 31.33 -2.22
CA VAL E 85 4.84 31.33 -1.87
C VAL E 85 4.06 31.55 -3.16
N THR E 86 3.10 30.68 -3.43
CA THR E 86 2.28 30.82 -4.61
C THR E 86 0.82 30.63 -4.23
N ILE E 87 0.03 31.61 -4.65
CA ILE E 87 -1.41 31.64 -4.46
C ILE E 87 -2.07 31.28 -5.78
N HIS E 88 -3.11 30.46 -5.72
CA HIS E 88 -3.75 29.91 -6.89
C HIS E 88 -5.23 30.23 -6.85
N LYS E 89 -5.87 30.14 -8.02
CA LYS E 89 -7.31 30.28 -8.12
C LYS E 89 -7.92 28.89 -8.06
N LYS E 90 -8.89 28.71 -7.19
CA LYS E 90 -9.47 27.39 -6.96
C LYS E 90 -10.08 26.84 -8.24
N PRO E 91 -9.69 25.65 -8.69
CA PRO E 91 -10.24 25.12 -9.94
C PRO E 91 -11.68 25.01 -9.89
N PRO E 92 -12.42 25.07 -11.03
CA PRO E 92 -13.88 25.01 -11.03
C PRO E 92 -14.44 23.68 -10.55
N SER E 93 -13.66 22.61 -10.58
CA SER E 93 -14.18 21.30 -10.24
C SER E 93 -14.14 21.06 -8.74
N CYS E 94 -14.81 19.99 -8.33
CA CYS E 94 -14.80 19.59 -6.92
C CYS E 94 -13.44 19.03 -6.54
N ASN E 95 -12.88 18.19 -7.39
CA ASN E 95 -11.59 17.57 -7.16
C ASN E 95 -10.48 18.61 -7.16
N ILE E 96 -9.79 18.75 -6.03
CA ILE E 96 -8.62 19.62 -5.92
C ILE E 96 -7.46 18.88 -6.55
N PRO E 97 -6.63 19.54 -7.37
CA PRO E 97 -5.50 18.84 -7.98
C PRO E 97 -4.41 18.54 -6.97
N ASP E 98 -3.43 17.74 -7.42
CA ASP E 98 -2.42 17.23 -6.50
C ASP E 98 -1.49 18.32 -5.99
N TYR E 99 -1.25 19.37 -6.76
CA TYR E 99 -0.25 20.36 -6.39
C TYR E 99 -0.71 21.33 -5.31
N LEU E 100 -1.97 21.25 -4.86
CA LEU E 100 -2.37 22.01 -3.68
C LEU E 100 -2.79 21.11 -2.51
N MET E 101 -2.40 19.84 -2.55
CA MET E 101 -2.65 18.92 -1.46
C MET E 101 -1.39 18.66 -0.64
N TYR E 102 -1.62 18.31 0.63
CA TYR E 102 -0.55 18.03 1.56
C TYR E 102 -0.29 16.52 1.60
N SER E 103 0.71 16.14 2.39
CA SER E 103 1.18 14.76 2.40
C SER E 103 0.02 13.81 2.69
N THR E 104 0.02 12.67 1.98
CA THR E 104 -1.06 11.68 2.05
C THR E 104 -1.04 10.94 3.38
N VAL E 105 -2.21 10.62 3.89
CA VAL E 105 -2.33 9.85 5.13
C VAL E 105 -2.61 8.41 4.75
N ARG E 106 -1.61 7.55 4.95
CA ARG E 106 -1.79 6.11 4.73
C ARG E 106 -2.34 5.53 6.02
N GLY E 107 -3.66 5.43 6.09
CA GLY E 107 -4.35 4.85 7.22
C GLY E 107 -4.67 3.36 7.05
N SER E 108 -5.32 2.81 8.08
CA SER E 108 -5.65 1.39 8.12
C SER E 108 -6.98 1.22 8.86
N ASP E 109 -7.35 -0.04 9.09
CA ASP E 109 -8.43 -0.37 10.03
C ASP E 109 -8.02 -0.12 11.47
N LYS E 110 -6.77 0.24 11.74
CA LYS E 110 -6.33 0.57 13.08
C LYS E 110 -5.90 2.02 13.26
N ASN E 111 -5.83 2.81 12.17
CA ASN E 111 -5.42 4.22 12.24
C ASN E 111 -6.30 5.01 11.28
N PHE E 112 -7.51 5.31 11.72
CA PHE E 112 -8.51 5.97 10.88
C PHE E 112 -8.67 7.43 11.28
N LYS E 113 -7.53 8.13 11.33
CA LYS E 113 -7.47 9.51 11.75
C LYS E 113 -6.79 10.35 10.67
N ILE E 114 -7.41 11.49 10.34
CA ILE E 114 -6.89 12.44 9.34
C ILE E 114 -6.69 13.78 10.03
N THR E 115 -5.47 14.31 9.98
CA THR E 115 -5.23 15.62 10.57
C THR E 115 -5.36 16.71 9.52
N CYS E 116 -5.88 17.85 9.97
CA CYS E 116 -6.01 19.04 9.11
C CYS E 116 -4.66 19.73 8.97
N PRO E 117 -4.09 19.80 7.77
CA PRO E 117 -2.74 20.35 7.63
C PRO E 117 -2.67 21.86 7.85
N THR E 118 -1.52 22.29 8.41
CA THR E 118 -1.09 23.67 8.60
C THR E 118 -1.93 24.46 9.61
N ILE E 119 -3.00 23.88 10.16
CA ILE E 119 -3.96 24.69 10.92
C ILE E 119 -3.34 25.25 12.19
N ASP E 120 -2.27 24.64 12.66
CA ASP E 120 -1.75 25.19 13.93
C ASP E 120 -1.03 26.60 13.76
N LEU E 121 -1.09 27.20 12.56
CA LEU E 121 -0.56 28.53 12.36
C LEU E 121 -1.60 29.62 12.59
N TYR E 122 -2.88 29.30 12.44
CA TYR E 122 -3.98 30.24 12.52
C TYR E 122 -4.60 30.27 13.93
N ASN E 123 -5.37 31.33 14.19
CA ASN E 123 -6.19 31.49 15.39
C ASN E 123 -7.56 30.97 14.98
N TRP E 124 -7.75 29.66 15.18
CA TRP E 124 -8.94 28.96 14.73
C TRP E 124 -9.69 28.44 15.96
N THR E 125 -10.97 28.14 15.77
CA THR E 125 -11.80 27.68 16.87
C THR E 125 -12.64 26.52 16.39
N ALA E 126 -12.90 25.58 17.29
CA ALA E 126 -13.71 24.42 16.93
C ALA E 126 -15.14 24.88 16.65
N PRO E 127 -15.82 24.23 15.70
CA PRO E 127 -15.33 23.04 14.98
C PRO E 127 -14.77 23.31 13.59
N VAL E 128 -13.86 22.45 13.15
CA VAL E 128 -13.41 22.44 11.76
C VAL E 128 -14.37 21.56 10.98
N GLN E 129 -14.75 21.98 9.77
CA GLN E 129 -15.65 21.16 8.97
C GLN E 129 -14.87 20.38 7.93
N TRP E 130 -15.37 19.21 7.58
CA TRP E 130 -14.67 18.29 6.69
C TRP E 130 -15.56 17.97 5.49
N PHE E 131 -14.92 17.81 4.34
CA PHE E 131 -15.64 17.48 3.13
C PHE E 131 -14.90 16.37 2.41
N LYS E 132 -15.65 15.50 1.75
CA LYS E 132 -15.08 14.47 0.90
C LYS E 132 -15.82 14.53 -0.42
N ASN E 133 -15.09 14.81 -1.50
CA ASN E 133 -15.63 15.06 -2.84
C ASN E 133 -16.85 15.99 -2.81
N CYS E 134 -16.66 17.16 -2.19
CA CYS E 134 -17.61 18.27 -2.26
C CYS E 134 -18.90 18.10 -1.49
N LYS E 135 -18.95 17.24 -0.48
CA LYS E 135 -20.11 17.21 0.39
C LYS E 135 -19.63 17.07 1.81
N ALA E 136 -20.23 17.86 2.70
CA ALA E 136 -19.77 17.90 4.07
C ALA E 136 -19.95 16.54 4.69
N LEU E 137 -18.94 16.11 5.44
CA LEU E 137 -19.09 14.86 6.16
C LEU E 137 -19.90 15.24 7.38
N GLN E 138 -21.15 14.81 7.36
CA GLN E 138 -22.19 15.21 8.29
C GLN E 138 -22.84 13.92 8.74
N GLU E 139 -22.28 13.33 9.77
CA GLU E 139 -22.84 12.12 10.36
C GLU E 139 -22.29 11.84 11.74
N PRO E 140 -22.76 10.77 12.39
CA PRO E 140 -22.11 10.30 13.60
C PRO E 140 -20.90 9.46 13.30
N ARG E 141 -20.79 8.99 12.06
CA ARG E 141 -19.67 8.16 11.68
C ARG E 141 -18.38 8.98 11.52
N PHE E 142 -18.47 10.21 11.03
CA PHE E 142 -17.31 11.06 10.85
C PHE E 142 -17.29 12.07 12.00
N ARG E 143 -16.35 11.90 12.91
CA ARG E 143 -16.27 12.70 14.12
C ARG E 143 -15.08 13.64 14.03
N ALA E 144 -15.29 14.91 14.30
CA ALA E 144 -14.19 15.87 14.31
C ALA E 144 -13.83 16.18 15.75
N HIS E 145 -12.54 16.14 16.06
CA HIS E 145 -12.06 16.41 17.41
C HIS E 145 -10.73 17.13 17.27
N ARG E 146 -10.63 18.30 17.93
CA ARG E 146 -9.60 19.30 17.69
C ARG E 146 -9.29 19.44 16.20
N SER E 147 -8.07 19.08 15.81
CA SER E 147 -7.61 19.21 14.43
C SER E 147 -7.71 17.90 13.66
N TYR E 148 -8.34 16.89 14.25
CA TYR E 148 -8.43 15.55 13.69
C TYR E 148 -9.85 15.24 13.25
N LEU E 149 -9.94 14.36 12.25
CA LEU E 149 -11.19 13.73 11.82
C LEU E 149 -11.02 12.21 11.99
N PHE E 150 -11.96 11.59 12.70
CA PHE E 150 -11.97 10.15 12.93
C PHE E 150 -13.11 9.53 12.12
N ILE E 151 -12.80 8.46 11.40
CA ILE E 151 -13.80 7.78 10.58
C ILE E 151 -14.14 6.47 11.29
N ASP E 152 -15.33 6.39 11.85
CA ASP E 152 -15.79 5.19 12.52
C ASP E 152 -16.19 4.13 11.50
N ASN E 153 -15.96 2.86 11.86
CA ASN E 153 -16.29 1.73 10.99
C ASN E 153 -15.68 1.93 9.61
N VAL E 154 -14.40 2.33 9.60
CA VAL E 154 -13.69 2.66 8.37
C VAL E 154 -13.63 1.46 7.44
N THR E 155 -13.70 1.75 6.14
CA THR E 155 -13.72 0.74 5.08
C THR E 155 -12.94 1.26 3.87
N HIS E 156 -12.71 0.36 2.91
CA HIS E 156 -12.02 0.76 1.70
C HIS E 156 -12.79 1.85 0.95
N ASP E 157 -14.11 1.92 1.12
CA ASP E 157 -14.85 2.99 0.48
C ASP E 157 -14.52 4.35 1.06
N ASP E 158 -13.79 4.39 2.17
CA ASP E 158 -13.48 5.69 2.74
C ASP E 158 -12.16 6.28 2.22
N GLU E 159 -11.51 5.61 1.28
CA GLU E 159 -10.37 6.20 0.61
C GLU E 159 -10.82 7.41 -0.18
N GLY E 160 -9.93 8.38 -0.32
CA GLY E 160 -10.24 9.54 -1.15
C GLY E 160 -9.58 10.78 -0.61
N ASP E 161 -10.00 11.92 -1.14
CA ASP E 161 -9.40 13.20 -0.79
C ASP E 161 -10.30 13.98 0.17
N TYR E 162 -9.76 14.28 1.35
CA TYR E 162 -10.47 14.97 2.41
C TYR E 162 -9.99 16.41 2.49
N THR E 163 -10.93 17.34 2.56
CA THR E 163 -10.69 18.77 2.70
C THR E 163 -11.16 19.19 4.07
N CYS E 164 -10.28 19.78 4.87
CA CYS E 164 -10.70 20.47 6.09
C CYS E 164 -10.86 21.95 5.77
N GLN E 165 -11.90 22.56 6.33
CA GLN E 165 -12.09 24.00 6.23
C GLN E 165 -12.38 24.57 7.61
N PHE E 166 -11.69 25.64 7.94
CA PHE E 166 -11.83 26.31 9.22
C PHE E 166 -11.71 27.81 8.99
N THR E 167 -11.89 28.58 10.04
CA THR E 167 -11.79 30.01 9.91
C THR E 167 -10.72 30.51 10.85
N HIS E 168 -9.91 31.44 10.35
CA HIS E 168 -8.89 32.14 11.13
C HIS E 168 -9.38 33.57 11.37
N ALA E 169 -9.49 33.94 12.64
CA ALA E 169 -10.04 35.23 13.02
C ALA E 169 -8.92 36.19 13.40
N GLU E 170 -8.98 37.39 12.84
CA GLU E 170 -8.01 38.44 13.12
C GLU E 170 -8.73 39.79 13.05
N ASN E 171 -8.74 40.51 14.17
CA ASN E 171 -9.28 41.88 14.26
C ASN E 171 -10.69 41.99 13.70
N GLY E 172 -11.62 41.25 14.30
CA GLY E 172 -13.00 41.35 13.88
C GLY E 172 -13.28 40.71 12.53
N THR E 173 -12.25 40.51 11.72
CA THR E 173 -12.39 39.92 10.40
C THR E 173 -12.10 38.41 10.45
N ASN E 174 -13.01 37.61 9.91
CA ASN E 174 -12.81 36.17 9.79
C ASN E 174 -12.42 35.83 8.37
N TYR E 175 -11.32 35.10 8.22
CA TYR E 175 -10.87 34.61 6.92
C TYR E 175 -11.00 33.09 6.87
N ILE E 176 -11.43 32.58 5.74
CA ILE E 176 -11.62 31.14 5.61
C ILE E 176 -10.29 30.51 5.18
N VAL E 177 -10.08 29.26 5.58
CA VAL E 177 -8.88 28.51 5.24
C VAL E 177 -9.29 27.09 4.89
N THR E 178 -8.64 26.55 3.86
CA THR E 178 -8.87 25.24 3.31
C THR E 178 -7.54 24.48 3.28
N ALA E 179 -7.61 23.17 3.47
CA ALA E 179 -6.49 22.30 3.16
C ALA E 179 -7.04 20.95 2.76
N THR E 180 -6.31 20.25 1.89
CA THR E 180 -6.77 18.97 1.37
C THR E 180 -5.62 17.97 1.36
N ARG E 181 -5.94 16.72 1.68
CA ARG E 181 -4.97 15.65 1.57
C ARG E 181 -5.69 14.36 1.22
N SER E 182 -4.95 13.41 0.66
CA SER E 182 -5.55 12.13 0.34
C SER E 182 -5.41 11.18 1.52
N PHE E 183 -6.19 10.11 1.45
CA PHE E 183 -6.32 9.18 2.56
C PHE E 183 -6.52 7.80 1.95
N THR E 184 -5.65 6.87 2.32
CA THR E 184 -5.74 5.49 1.88
C THR E 184 -6.00 4.60 3.09
N VAL E 185 -6.39 3.35 2.81
CA VAL E 185 -6.83 2.42 3.84
C VAL E 185 -6.26 1.04 3.50
N GLU E 186 -5.22 0.62 4.23
CA GLU E 186 -4.66 -0.72 4.11
C GLU E 186 -5.16 -1.56 5.29
N GLU E 187 -5.41 -2.84 5.06
CA GLU E 187 -5.84 -3.70 6.16
C GLU E 187 -4.61 -4.23 6.87
N LYS E 188 -4.53 -3.96 8.17
CA LYS E 188 -3.23 -3.99 8.86
C LYS E 188 -2.75 -5.43 9.05
N GLY E 189 -3.48 -6.22 9.83
CA GLY E 189 -2.89 -7.41 10.36
C GLY E 189 -2.08 -7.01 11.59
N PHE E 190 -1.95 -7.89 12.57
CA PHE E 190 -1.32 -7.50 13.82
C PHE E 190 0.13 -7.98 13.91
N SER E 191 0.80 -7.47 14.94
CA SER E 191 2.14 -7.85 15.28
C SER E 191 2.24 -7.94 16.80
N MET E 192 3.18 -8.75 17.28
CA MET E 192 3.30 -9.06 18.70
C MET E 192 4.77 -8.95 19.08
N PHE E 193 5.04 -9.11 20.37
CA PHE E 193 6.41 -9.29 20.81
C PHE E 193 6.90 -10.66 20.33
N PRO E 194 8.12 -10.76 19.80
CA PRO E 194 8.55 -12.01 19.17
C PRO E 194 8.57 -13.15 20.17
N VAL E 195 8.26 -14.34 19.69
CA VAL E 195 8.28 -15.55 20.51
C VAL E 195 9.08 -16.61 19.76
N ILE E 196 10.13 -17.12 20.40
CA ILE E 196 11.00 -18.11 19.78
C ILE E 196 10.35 -19.48 19.94
N THR E 197 10.14 -20.19 18.83
CA THR E 197 9.56 -21.52 18.87
C THR E 197 10.62 -22.62 19.05
N ASN E 198 11.82 -22.44 18.48
CA ASN E 198 12.91 -23.38 18.75
C ASN E 198 14.24 -22.65 18.60
N PRO E 199 15.24 -22.96 19.43
CA PRO E 199 15.12 -23.95 20.51
C PRO E 199 14.46 -23.39 21.77
N PRO E 200 14.07 -24.26 22.69
CA PRO E 200 13.42 -23.80 23.93
C PRO E 200 14.40 -23.08 24.84
N TYR E 201 13.84 -22.47 25.88
CA TYR E 201 14.57 -21.64 26.84
C TYR E 201 15.89 -22.23 27.33
N ASN E 202 15.84 -23.32 28.08
CA ASN E 202 17.03 -23.91 28.69
C ASN E 202 17.27 -25.22 27.95
N HIS E 203 17.97 -25.13 26.82
CA HIS E 203 18.16 -26.31 26.01
C HIS E 203 19.63 -26.46 25.68
N THR E 204 19.97 -27.68 25.24
CA THR E 204 21.34 -28.14 25.10
C THR E 204 21.34 -29.24 24.04
N MET E 205 22.23 -29.10 23.07
CA MET E 205 22.31 -30.02 21.94
C MET E 205 23.66 -30.73 21.96
N GLU E 206 23.66 -31.98 21.48
CA GLU E 206 24.87 -32.80 21.36
C GLU E 206 25.57 -32.53 20.03
N PRO E 212 29.89 -31.28 12.25
CA PRO E 212 28.67 -31.46 11.45
C PRO E 212 27.38 -31.47 12.30
N ALA E 213 26.89 -30.25 12.60
CA ALA E 213 25.68 -30.05 13.40
C ALA E 213 24.91 -28.84 12.89
N SER E 214 23.60 -28.86 13.12
CA SER E 214 22.69 -27.83 12.64
C SER E 214 21.72 -27.46 13.74
N ILE E 215 21.49 -26.15 13.91
CA ILE E 215 20.58 -25.64 14.93
C ILE E 215 19.66 -24.62 14.30
N ALA E 216 18.35 -24.81 14.45
CA ALA E 216 17.40 -23.89 13.86
C ALA E 216 16.89 -22.93 14.92
N CYS E 217 16.84 -21.65 14.56
CA CYS E 217 16.32 -20.58 15.41
C CYS E 217 15.08 -20.03 14.72
N SER E 218 13.90 -20.31 15.26
CA SER E 218 12.66 -19.87 14.66
C SER E 218 11.92 -18.97 15.62
N ALA E 219 11.18 -18.02 15.05
CA ALA E 219 10.39 -17.10 15.85
C ALA E 219 9.14 -16.74 15.07
N CYS E 220 8.11 -16.31 15.78
CA CYS E 220 6.89 -15.81 15.17
C CYS E 220 6.62 -14.38 15.63
N PHE E 221 6.07 -13.57 14.72
CA PHE E 221 5.96 -12.13 14.94
C PHE E 221 4.53 -11.60 14.79
N GLY E 222 3.52 -12.46 14.83
CA GLY E 222 2.16 -12.05 14.54
C GLY E 222 1.74 -12.44 13.15
N LYS E 223 0.66 -11.83 12.67
CA LYS E 223 0.22 -12.12 11.30
C LYS E 223 -0.18 -10.83 10.62
N GLY E 224 0.58 -10.44 9.61
CA GLY E 224 0.32 -9.20 8.91
C GLY E 224 1.59 -8.69 8.25
N SER E 225 1.62 -7.38 8.04
CA SER E 225 2.78 -6.73 7.45
C SER E 225 3.65 -6.19 8.57
N HIS E 226 4.96 -6.44 8.48
CA HIS E 226 5.89 -6.08 9.53
C HIS E 226 6.91 -5.08 8.99
N PHE E 227 7.09 -4.00 9.75
CA PHE E 227 8.09 -3.00 9.37
C PHE E 227 9.49 -3.54 9.57
N LEU E 228 9.69 -4.33 10.63
CA LEU E 228 10.98 -4.91 10.94
C LEU E 228 10.73 -6.24 11.63
N ALA E 229 11.45 -7.27 11.20
CA ALA E 229 11.27 -8.62 11.76
C ALA E 229 12.52 -9.41 11.41
N ASP E 230 13.23 -9.90 12.42
CA ASP E 230 14.47 -10.61 12.14
C ASP E 230 14.70 -11.72 13.14
N VAL E 231 15.42 -12.73 12.65
CA VAL E 231 15.94 -13.86 13.41
C VAL E 231 17.42 -13.96 13.11
N LEU E 232 18.23 -14.13 14.13
CA LEU E 232 19.63 -14.24 13.85
C LEU E 232 20.30 -15.00 14.97
N TRP E 233 21.54 -15.41 14.69
CA TRP E 233 22.39 -16.11 15.63
C TRP E 233 23.51 -15.17 16.04
N GLN E 234 23.83 -15.19 17.33
CA GLN E 234 24.92 -14.41 17.88
C GLN E 234 25.79 -15.40 18.62
N ILE E 235 27.06 -15.48 18.26
CA ILE E 235 28.01 -16.39 18.88
C ILE E 235 28.90 -15.54 19.78
N ASN E 236 28.78 -15.77 21.08
CA ASN E 236 29.50 -14.99 22.08
C ASN E 236 29.19 -13.50 21.94
N LYS E 237 27.89 -13.19 21.90
CA LYS E 237 27.40 -11.81 21.81
C LYS E 237 27.97 -11.11 20.59
N THR E 238 28.14 -11.86 19.50
CA THR E 238 28.64 -11.31 18.24
C THR E 238 27.92 -11.96 17.08
N VAL E 239 27.50 -11.14 16.11
CA VAL E 239 26.76 -11.66 14.96
C VAL E 239 27.66 -12.60 14.18
N VAL E 240 27.14 -13.79 13.84
CA VAL E 240 27.99 -14.86 13.31
C VAL E 240 28.69 -14.42 12.04
N GLY E 241 27.93 -13.87 11.09
CA GLY E 241 28.46 -13.52 9.78
C GLY E 241 29.77 -12.75 9.76
N ASN E 242 29.78 -11.57 10.35
CA ASN E 242 30.91 -10.66 10.17
C ASN E 242 32.00 -10.87 11.22
N PHE E 243 31.81 -11.75 12.20
CA PHE E 243 32.86 -12.07 13.17
C PHE E 243 32.67 -13.51 13.60
N GLY E 244 33.53 -14.40 13.11
CA GLY E 244 33.42 -15.79 13.46
C GLY E 244 34.54 -16.61 12.85
N GLU E 245 34.29 -17.91 12.70
CA GLU E 245 35.28 -18.86 12.20
C GLU E 245 34.91 -19.33 10.80
N ALA E 246 34.66 -20.63 10.64
CA ALA E 246 34.13 -21.19 9.41
C ALA E 246 32.69 -21.65 9.59
N ARG E 247 32.02 -21.18 10.65
CA ARG E 247 30.59 -21.39 10.89
C ARG E 247 29.80 -20.28 10.19
N ILE E 248 28.58 -20.58 9.76
CA ILE E 248 27.78 -19.67 8.95
C ILE E 248 26.28 -19.96 9.13
N GLN E 249 25.45 -19.10 8.54
CA GLN E 249 24.02 -18.99 8.85
C GLN E 249 23.19 -19.07 7.57
N GLU E 250 22.02 -19.70 7.65
CA GLU E 250 21.16 -19.95 6.49
C GLU E 250 19.68 -19.84 6.86
N GLU E 251 18.85 -19.71 5.82
CA GLU E 251 17.40 -19.60 5.91
C GLU E 251 16.76 -20.99 6.03
N GLU E 252 15.44 -21.02 6.24
CA GLU E 252 14.65 -22.27 6.27
C GLU E 252 14.47 -22.91 4.89
N SER E 259 3.81 -25.47 10.75
CA SER E 259 3.77 -25.32 12.20
C SER E 259 2.43 -24.74 12.66
N ASN E 260 2.28 -23.43 12.49
CA ASN E 260 1.06 -22.70 12.83
C ASN E 260 0.67 -21.80 11.67
N ASP E 261 -0.24 -20.86 11.91
CA ASP E 261 -0.72 -19.92 10.89
C ASP E 261 0.02 -18.58 10.86
N MET E 262 0.74 -18.23 11.92
CA MET E 262 1.34 -16.91 11.98
C MET E 262 2.59 -16.81 11.09
N ASP E 263 3.06 -15.58 10.92
CA ASP E 263 4.27 -15.28 10.16
C ASP E 263 5.50 -15.56 11.03
N CYS E 264 6.26 -16.59 10.67
CA CYS E 264 7.42 -17.02 11.43
C CYS E 264 8.63 -17.05 10.51
N LEU E 265 9.80 -16.79 11.08
CA LEU E 265 11.07 -16.81 10.37
C LEU E 265 12.04 -17.78 11.06
N THR E 266 12.91 -18.39 10.27
CA THR E 266 13.83 -19.40 10.75
C THR E 266 15.20 -19.13 10.17
N SER E 267 16.20 -19.10 11.05
CA SER E 267 17.60 -19.02 10.66
C SER E 267 18.31 -20.26 11.18
N VAL E 268 18.91 -21.02 10.27
CA VAL E 268 19.59 -22.25 10.61
C VAL E 268 21.08 -21.95 10.77
N LEU E 269 21.65 -22.38 11.88
CA LEU E 269 23.07 -22.24 12.18
C LEU E 269 23.77 -23.55 11.84
N ARG E 270 24.86 -23.45 11.07
CA ARG E 270 25.59 -24.60 10.56
C ARG E 270 27.08 -24.34 10.70
N ILE E 271 27.81 -25.40 11.07
CA ILE E 271 29.21 -25.29 11.48
C ILE E 271 30.34 -25.42 10.42
N GLU E 276 35.29 -28.65 18.10
CA GLU E 276 36.49 -28.10 18.73
C GLU E 276 36.25 -27.75 20.19
N LYS E 277 36.58 -26.50 20.53
CA LYS E 277 36.16 -25.83 21.75
C LYS E 277 34.76 -25.23 21.63
N ASP E 278 33.98 -25.73 20.67
CA ASP E 278 32.68 -25.15 20.38
C ASP E 278 31.74 -25.29 21.57
N LEU E 279 31.82 -26.41 22.29
CA LEU E 279 31.00 -26.58 23.48
C LEU E 279 31.32 -25.56 24.57
N SER E 280 32.41 -24.81 24.43
CA SER E 280 32.79 -23.81 25.42
C SER E 280 31.98 -22.53 25.28
N LEU E 281 31.64 -22.13 24.07
CA LEU E 281 31.06 -20.81 23.85
C LEU E 281 29.53 -20.88 23.76
N GLU E 282 28.91 -19.71 23.98
CA GLU E 282 27.46 -19.57 24.11
C GLU E 282 26.83 -19.23 22.77
N TYR E 283 25.80 -19.97 22.36
CA TYR E 283 25.10 -19.68 21.11
C TYR E 283 23.75 -19.04 21.42
N ASP E 284 23.53 -17.84 20.87
CA ASP E 284 22.35 -17.04 21.15
C ASP E 284 21.46 -17.02 19.91
N CYS E 285 20.17 -17.27 20.13
CA CYS E 285 19.15 -17.14 19.11
C CYS E 285 18.35 -15.88 19.44
N LEU E 286 18.37 -14.90 18.54
CA LEU E 286 17.69 -13.63 18.78
C LEU E 286 16.57 -13.45 17.77
N ALA E 287 15.44 -12.99 18.28
CA ALA E 287 14.30 -12.62 17.47
C ALA E 287 13.91 -11.21 17.86
N LEU E 288 13.66 -10.35 16.86
CA LEU E 288 13.39 -8.94 17.14
C LEU E 288 12.37 -8.35 16.17
N ASN E 289 11.56 -7.43 16.69
CA ASN E 289 10.77 -6.47 15.91
C ASN E 289 10.70 -5.18 16.73
N LEU E 290 9.87 -4.22 16.29
CA LEU E 290 9.81 -2.94 17.02
C LEU E 290 9.34 -3.11 18.46
N HIS E 291 8.59 -4.18 18.75
CA HIS E 291 8.15 -4.43 20.11
C HIS E 291 9.32 -4.72 21.05
N GLY E 292 10.38 -5.33 20.54
CA GLY E 292 11.51 -5.66 21.38
C GLY E 292 12.26 -6.87 20.87
N MET E 293 13.12 -7.40 21.73
CA MET E 293 14.06 -8.45 21.37
C MET E 293 14.08 -9.53 22.45
N ILE E 294 14.14 -10.79 22.00
CA ILE E 294 14.25 -11.94 22.90
C ILE E 294 15.40 -12.82 22.43
N ARG E 295 16.13 -13.40 23.38
CA ARG E 295 17.25 -14.28 23.07
C ARG E 295 17.11 -15.57 23.86
N HIS E 296 17.38 -16.69 23.19
CA HIS E 296 17.45 -18.01 23.83
C HIS E 296 18.86 -18.52 23.71
N THR E 297 19.44 -18.91 24.83
CA THR E 297 20.83 -19.35 24.83
C THR E 297 20.85 -20.87 24.79
N ILE E 298 21.73 -21.41 23.95
CA ILE E 298 21.91 -22.84 23.81
C ILE E 298 23.41 -23.15 23.84
N ARG E 299 23.76 -24.24 24.51
CA ARG E 299 25.17 -24.61 24.68
C ARG E 299 25.43 -26.09 24.44
N ARG F 6 -44.32 -13.16 65.07
CA ARG F 6 -43.16 -12.89 64.21
C ARG F 6 -43.36 -13.56 62.85
N CYS F 7 -42.37 -13.38 61.96
CA CYS F 7 -42.45 -13.78 60.56
C CYS F 7 -41.61 -15.01 60.28
N ASP F 8 -41.67 -15.43 59.03
CA ASP F 8 -40.75 -16.40 58.45
C ASP F 8 -39.70 -15.61 57.69
N ASP F 9 -38.43 -15.82 58.02
CA ASP F 9 -37.36 -14.99 57.51
C ASP F 9 -36.47 -15.79 56.58
N TRP F 10 -36.17 -15.21 55.43
CA TRP F 10 -35.36 -15.83 54.40
C TRP F 10 -33.86 -15.69 54.65
N GLY F 11 -33.46 -15.22 55.83
CA GLY F 11 -32.06 -15.12 56.10
C GLY F 11 -31.40 -13.87 55.54
N LEU F 12 -30.15 -13.98 55.15
CA LEU F 12 -29.41 -12.83 54.65
C LEU F 12 -29.21 -13.06 53.16
N ASP F 13 -29.68 -12.10 52.36
CA ASP F 13 -29.72 -12.24 50.91
C ASP F 13 -28.34 -12.50 50.32
N THR F 14 -27.32 -11.76 50.78
CA THR F 14 -25.96 -11.85 50.26
C THR F 14 -25.01 -11.52 51.40
N MET F 15 -23.74 -11.83 51.18
CA MET F 15 -22.68 -11.40 52.09
C MET F 15 -21.69 -10.50 51.37
N ARG F 16 -21.95 -10.18 50.11
CA ARG F 16 -21.17 -9.22 49.35
C ARG F 16 -21.74 -7.88 49.78
N GLN F 17 -20.90 -7.02 50.36
CA GLN F 17 -21.45 -5.76 50.83
C GLN F 17 -21.87 -4.94 49.60
N ILE F 18 -23.04 -4.32 49.69
CA ILE F 18 -23.39 -3.32 48.69
C ILE F 18 -22.70 -2.03 49.10
N GLN F 19 -21.78 -1.54 48.28
CA GLN F 19 -20.97 -0.39 48.65
C GLN F 19 -21.47 0.87 47.97
N VAL F 20 -21.69 1.89 48.78
CA VAL F 20 -22.13 3.19 48.32
C VAL F 20 -21.18 4.24 48.90
N PHE F 21 -20.94 5.28 48.13
CA PHE F 21 -20.01 6.31 48.57
C PHE F 21 -20.63 7.18 49.66
N GLU F 22 -19.77 7.65 50.55
CA GLU F 22 -20.18 8.49 51.67
C GLU F 22 -20.56 9.89 51.18
N ASP F 23 -21.62 10.45 51.78
CA ASP F 23 -22.07 11.81 51.48
C ASP F 23 -22.58 11.93 50.06
N GLU F 24 -23.23 10.87 49.56
CA GLU F 24 -23.80 10.83 48.21
C GLU F 24 -25.13 10.11 48.25
N PRO F 25 -26.12 10.52 47.46
CA PRO F 25 -27.41 9.81 47.49
C PRO F 25 -27.23 8.38 46.98
N ALA F 26 -28.04 7.48 47.51
CA ALA F 26 -27.95 6.05 47.20
C ALA F 26 -29.32 5.42 47.35
N ARG F 27 -29.74 4.66 46.36
CA ARG F 27 -31.01 3.96 46.43
C ARG F 27 -30.72 2.46 46.48
N ILE F 28 -31.22 1.79 47.52
CA ILE F 28 -31.03 0.34 47.65
C ILE F 28 -32.40 -0.32 47.66
N LYS F 29 -32.50 -1.45 46.97
CA LYS F 29 -33.78 -2.10 46.74
C LYS F 29 -33.90 -3.34 47.62
N CYS F 30 -35.11 -3.53 48.16
CA CYS F 30 -35.40 -4.73 48.94
C CYS F 30 -35.36 -5.93 48.01
N PRO F 31 -34.50 -6.93 48.26
CA PRO F 31 -34.37 -8.05 47.33
C PRO F 31 -35.50 -9.06 47.44
N LEU F 32 -36.37 -8.90 48.45
CA LEU F 32 -37.43 -9.86 48.71
C LEU F 32 -38.29 -10.15 47.47
N PHE F 33 -38.35 -9.22 46.52
CA PHE F 33 -39.25 -9.39 45.38
C PHE F 33 -38.62 -10.10 44.19
N GLU F 34 -37.31 -9.98 44.00
CA GLU F 34 -36.69 -10.58 42.83
C GLU F 34 -35.82 -11.79 43.17
N HIS F 35 -35.54 -12.04 44.45
CA HIS F 35 -34.61 -13.11 44.80
C HIS F 35 -35.23 -14.28 45.58
N PHE F 36 -36.41 -14.13 46.19
CA PHE F 36 -36.98 -15.23 46.96
C PHE F 36 -38.44 -15.49 46.66
N LEU F 37 -39.18 -14.52 46.13
CA LEU F 37 -40.58 -14.68 45.81
C LEU F 37 -40.80 -14.14 44.40
N LYS F 38 -41.82 -14.69 43.71
CA LYS F 38 -42.12 -14.17 42.38
C LYS F 38 -42.80 -12.82 42.44
N TYR F 39 -43.46 -12.50 43.56
CA TYR F 39 -44.21 -11.25 43.66
C TYR F 39 -43.38 -10.05 43.22
N ASN F 40 -44.06 -9.00 42.79
CA ASN F 40 -43.48 -7.68 42.63
C ASN F 40 -44.35 -6.69 43.40
N TYR F 41 -43.77 -5.52 43.71
CA TYR F 41 -44.38 -4.61 44.68
C TYR F 41 -45.80 -4.20 44.28
N SER F 42 -46.01 -3.97 42.98
CA SER F 42 -47.34 -3.55 42.51
C SER F 42 -48.39 -4.57 42.90
N THR F 43 -48.11 -5.84 42.63
CA THR F 43 -48.97 -6.93 43.11
C THR F 43 -49.06 -6.92 44.64
N ALA F 44 -47.91 -6.75 45.31
CA ALA F 44 -47.80 -7.02 46.74
C ALA F 44 -48.64 -6.10 47.61
N HIS F 45 -48.57 -4.77 47.39
CA HIS F 45 -49.28 -3.90 48.32
C HIS F 45 -50.80 -4.05 48.27
N SER F 46 -51.36 -4.51 47.16
CA SER F 46 -52.81 -4.49 47.01
C SER F 46 -53.53 -5.48 47.94
N SER F 47 -52.86 -6.56 48.35
CA SER F 47 -53.53 -7.53 49.22
C SER F 47 -53.52 -7.10 50.67
N GLY F 48 -53.28 -5.82 50.93
CA GLY F 48 -53.33 -5.30 52.27
C GLY F 48 -52.05 -5.62 53.04
N LEU F 49 -50.89 -5.25 52.48
CA LEU F 49 -49.58 -5.50 53.08
C LEU F 49 -48.73 -4.24 53.06
N THR F 50 -47.72 -4.24 53.94
CA THR F 50 -46.83 -3.11 54.07
C THR F 50 -45.39 -3.61 53.99
N LEU F 51 -44.47 -2.73 53.64
CA LEU F 51 -43.05 -3.06 53.67
C LEU F 51 -42.39 -2.11 54.66
N ILE F 52 -41.72 -2.67 55.66
CA ILE F 52 -41.10 -1.90 56.72
C ILE F 52 -39.62 -2.28 56.79
N TRP F 53 -38.84 -1.38 57.39
CA TRP F 53 -37.40 -1.50 57.40
C TRP F 53 -36.84 -1.47 58.81
N TYR F 54 -35.78 -2.24 59.02
CA TYR F 54 -35.03 -2.31 60.25
C TYR F 54 -33.56 -2.35 59.88
N TRP F 55 -32.68 -2.14 60.85
CA TRP F 55 -31.26 -2.32 60.57
C TRP F 55 -30.51 -2.52 61.88
N THR F 56 -29.30 -3.07 61.74
CA THR F 56 -28.34 -3.19 62.82
C THR F 56 -27.06 -2.49 62.39
N ARG F 57 -26.68 -1.46 63.11
CA ARG F 57 -25.52 -0.71 62.67
C ARG F 57 -24.24 -1.48 63.01
N GLN F 58 -23.22 -1.32 62.16
CA GLN F 58 -22.00 -2.13 62.23
C GLN F 58 -21.47 -2.30 63.65
N ASP F 59 -21.53 -1.26 64.47
CA ASP F 59 -20.91 -1.29 65.79
C ASP F 59 -21.87 -1.69 66.89
N ARG F 60 -23.07 -2.17 66.56
CA ARG F 60 -24.06 -2.53 67.57
C ARG F 60 -24.45 -4.00 67.44
N ASP F 61 -25.32 -4.45 68.35
CA ASP F 61 -25.74 -5.84 68.33
C ASP F 61 -27.25 -5.97 68.49
N LEU F 62 -27.99 -4.90 68.25
CA LEU F 62 -29.44 -4.96 68.34
C LEU F 62 -30.07 -4.30 67.11
N GLU F 63 -31.32 -4.68 66.84
CA GLU F 63 -32.02 -4.15 65.68
C GLU F 63 -32.96 -3.04 66.12
N GLU F 64 -32.99 -1.98 65.34
CA GLU F 64 -33.81 -0.81 65.60
C GLU F 64 -34.57 -0.44 64.34
N PRO F 65 -35.77 0.10 64.48
CA PRO F 65 -36.49 0.57 63.30
C PRO F 65 -35.77 1.73 62.66
N ILE F 66 -35.82 1.78 61.34
CA ILE F 66 -35.22 2.90 60.62
C ILE F 66 -36.05 4.15 60.86
N ASN F 67 -35.39 5.25 61.22
CA ASN F 67 -36.09 6.50 61.48
C ASN F 67 -36.33 7.16 60.13
N PHE F 68 -37.59 7.40 59.78
CA PHE F 68 -37.92 8.02 58.51
C PHE F 68 -38.24 9.51 58.63
N ARG F 69 -38.08 10.09 59.82
CA ARG F 69 -38.36 11.50 60.03
C ARG F 69 -37.08 12.28 60.38
N LEU F 70 -35.93 11.82 59.87
CA LEU F 70 -34.68 12.51 60.14
C LEU F 70 -34.71 13.90 59.48
N PRO F 71 -33.97 14.87 60.02
CA PRO F 71 -33.99 16.21 59.42
C PRO F 71 -33.56 16.17 57.96
N GLU F 72 -34.37 16.80 57.10
CA GLU F 72 -34.19 16.88 55.66
C GLU F 72 -34.51 15.57 54.94
N ASN F 73 -35.33 14.72 55.58
CA ASN F 73 -35.70 13.36 55.12
C ASN F 73 -34.48 12.59 54.63
N ARG F 74 -33.40 12.64 55.42
CA ARG F 74 -32.14 12.03 54.99
C ARG F 74 -32.37 10.61 54.48
N ILE F 75 -33.14 9.83 55.22
CA ILE F 75 -33.51 8.46 54.85
C ILE F 75 -35.01 8.44 54.62
N SER F 76 -35.44 8.00 53.45
CA SER F 76 -36.86 7.93 53.17
C SER F 76 -37.16 6.64 52.42
N LYS F 77 -38.41 6.20 52.48
CA LYS F 77 -38.79 4.97 51.79
C LYS F 77 -39.65 5.36 50.59
N GLU F 78 -39.23 4.92 49.41
CA GLU F 78 -39.84 5.19 48.12
C GLU F 78 -40.19 3.88 47.46
N LYS F 79 -41.49 3.63 47.29
CA LYS F 79 -41.96 2.40 46.66
C LYS F 79 -41.24 1.18 47.22
N ASP F 80 -40.51 0.45 46.36
CA ASP F 80 -39.79 -0.77 46.74
C ASP F 80 -38.31 -0.52 47.06
N VAL F 81 -37.92 0.74 47.17
CA VAL F 81 -36.55 1.17 47.40
C VAL F 81 -36.49 1.92 48.72
N LEU F 82 -35.32 1.91 49.33
CA LEU F 82 -35.00 2.78 50.45
C LEU F 82 -33.93 3.76 49.97
N TRP F 83 -34.19 5.04 50.16
CA TRP F 83 -33.40 6.12 49.61
C TRP F 83 -32.60 6.79 50.72
N PHE F 84 -31.35 7.10 50.40
CA PHE F 84 -30.51 7.94 51.23
C PHE F 84 -30.13 9.18 50.41
N ARG F 85 -30.40 10.36 50.96
CA ARG F 85 -29.96 11.60 50.31
C ARG F 85 -29.58 12.62 51.36
N PRO F 86 -28.30 12.70 51.72
CA PRO F 86 -27.34 11.73 51.18
C PRO F 86 -27.09 10.58 52.13
N THR F 87 -26.10 9.75 51.78
CA THR F 87 -25.60 8.72 52.66
C THR F 87 -24.75 9.34 53.76
N LEU F 88 -24.74 8.70 54.92
CA LEU F 88 -23.82 9.07 55.98
C LEU F 88 -22.98 7.85 56.34
N LEU F 89 -21.74 8.10 56.80
CA LEU F 89 -20.85 6.99 57.12
C LEU F 89 -21.46 6.06 58.16
N GLN F 90 -22.25 6.61 59.09
CA GLN F 90 -22.85 5.84 60.16
C GLN F 90 -23.76 4.72 59.67
N ASP F 91 -24.26 4.79 58.42
CA ASP F 91 -25.28 3.85 57.96
C ASP F 91 -24.73 2.51 57.51
N THR F 92 -23.41 2.29 57.60
CA THR F 92 -22.87 0.95 57.33
C THR F 92 -23.49 -0.03 58.31
N GLY F 93 -24.26 -0.98 57.79
CA GLY F 93 -24.86 -1.93 58.70
C GLY F 93 -25.58 -3.00 57.93
N GLN F 94 -26.32 -3.81 58.65
CA GLN F 94 -27.11 -4.87 58.05
C GLN F 94 -28.56 -4.40 58.05
N TYR F 95 -29.13 -4.24 56.87
CA TYR F 95 -30.50 -3.75 56.76
C TYR F 95 -31.44 -4.93 56.51
N THR F 96 -32.69 -4.75 56.92
CA THR F 96 -33.72 -5.77 56.81
C THR F 96 -35.00 -5.13 56.30
N CYS F 97 -35.56 -5.69 55.23
CA CYS F 97 -36.88 -5.29 54.78
C CYS F 97 -37.85 -6.44 55.04
N MET F 98 -39.02 -6.09 55.56
CA MET F 98 -40.01 -7.09 55.93
C MET F 98 -41.40 -6.59 55.57
N LEU F 99 -42.14 -7.38 54.80
CA LEU F 99 -43.53 -7.03 54.46
C LEU F 99 -44.49 -7.84 55.32
N ARG F 100 -45.56 -7.19 55.78
CA ARG F 100 -46.42 -7.83 56.78
C ARG F 100 -47.82 -7.24 56.79
N ASN F 101 -48.75 -8.06 57.30
CA ASN F 101 -50.11 -7.72 57.74
C ASN F 101 -50.41 -8.64 58.92
N THR F 102 -51.66 -8.68 59.35
CA THR F 102 -52.07 -9.58 60.42
C THR F 102 -52.21 -11.03 59.97
N THR F 103 -51.96 -11.35 58.69
CA THR F 103 -52.11 -12.73 58.22
C THR F 103 -50.80 -13.38 57.78
N TYR F 104 -49.87 -12.59 57.27
CA TYR F 104 -48.68 -13.11 56.59
C TYR F 104 -47.57 -12.07 56.65
N CYS F 105 -46.34 -12.55 56.86
CA CYS F 105 -45.16 -11.69 56.96
C CYS F 105 -44.02 -12.39 56.23
N SER F 106 -42.97 -11.63 55.94
CA SER F 106 -41.73 -12.20 55.41
C SER F 106 -40.65 -11.14 55.50
N LYS F 107 -39.43 -11.59 55.75
CA LYS F 107 -38.33 -10.71 56.12
C LYS F 107 -37.06 -11.19 55.42
N VAL F 108 -36.21 -10.25 55.01
CA VAL F 108 -34.88 -10.60 54.52
C VAL F 108 -33.92 -9.50 54.92
N ALA F 109 -32.64 -9.85 54.98
CA ALA F 109 -31.60 -8.90 55.35
C ALA F 109 -30.46 -8.93 54.33
N PHE F 110 -29.71 -7.83 54.27
CA PHE F 110 -28.58 -7.70 53.37
C PHE F 110 -27.65 -6.62 53.90
N PRO F 111 -26.34 -6.71 53.60
CA PRO F 111 -25.39 -5.74 54.13
C PRO F 111 -25.11 -4.54 53.23
N LEU F 112 -24.99 -3.38 53.87
CA LEU F 112 -24.61 -2.14 53.21
C LEU F 112 -23.34 -1.59 53.83
N GLU F 113 -22.41 -1.19 52.98
CA GLU F 113 -21.11 -0.65 53.36
C GLU F 113 -20.95 0.73 52.74
N VAL F 114 -20.80 1.75 53.58
CA VAL F 114 -20.50 3.09 53.13
C VAL F 114 -19.00 3.26 53.07
N VAL F 115 -18.51 3.78 51.95
CA VAL F 115 -17.08 3.81 51.67
C VAL F 115 -16.59 5.25 51.73
N GLN F 116 -15.46 5.48 52.36
CA GLN F 116 -14.83 6.78 52.26
C GLN F 116 -13.96 6.79 51.02
N LYS F 117 -14.01 7.89 50.28
CA LYS F 117 -13.14 8.01 49.12
C LYS F 117 -12.23 9.20 49.31
N ASP F 118 -11.12 9.17 48.60
CA ASP F 118 -10.02 10.10 48.68
C ASP F 118 -10.31 11.33 47.81
N SER F 119 -9.34 12.25 47.79
CA SER F 119 -9.35 13.32 46.79
C SER F 119 -8.96 12.80 45.42
N CYS F 120 -8.19 11.72 45.37
CA CYS F 120 -7.86 11.04 44.13
C CYS F 120 -8.78 9.83 43.88
N PHE F 121 -9.93 9.78 44.56
CA PHE F 121 -10.91 8.70 44.38
C PHE F 121 -10.34 7.33 44.77
N ASN F 122 -9.43 7.33 45.74
CA ASN F 122 -8.94 6.09 46.31
C ASN F 122 -9.88 5.64 47.41
N SER F 123 -10.36 4.40 47.30
CA SER F 123 -11.34 3.89 48.24
C SER F 123 -11.38 2.37 48.17
N ALA F 124 -12.01 1.78 49.17
CA ALA F 124 -12.24 0.34 49.21
C ALA F 124 -13.31 -0.11 48.23
N MET F 125 -13.82 0.81 47.42
CA MET F 125 -14.83 0.47 46.43
C MET F 125 -14.25 -0.52 45.42
N ARG F 126 -15.10 -1.43 44.95
CA ARG F 126 -14.70 -2.39 43.92
C ARG F 126 -15.29 -1.92 42.59
N PHE F 127 -14.42 -1.48 41.69
CA PHE F 127 -14.91 -0.93 40.44
C PHE F 127 -15.18 -2.07 39.46
N PRO F 128 -16.03 -1.83 38.48
CA PRO F 128 -16.10 -2.77 37.35
C PRO F 128 -15.02 -2.48 36.33
N VAL F 129 -14.62 -3.55 35.64
CA VAL F 129 -13.68 -3.46 34.52
C VAL F 129 -14.48 -3.43 33.24
N HIS F 130 -14.20 -2.43 32.40
CA HIS F 130 -14.84 -2.21 31.12
C HIS F 130 -13.78 -2.41 30.04
N LYS F 131 -13.97 -3.42 29.21
CA LYS F 131 -13.00 -3.76 28.18
C LYS F 131 -13.36 -3.07 26.86
N MET F 132 -12.32 -2.69 26.13
CA MET F 132 -12.41 -1.88 24.91
C MET F 132 -11.54 -2.54 23.85
N TYR F 133 -12.10 -2.73 22.64
CA TYR F 133 -11.30 -3.32 21.57
C TYR F 133 -10.22 -2.36 21.10
N ILE F 134 -8.99 -2.86 20.99
CA ILE F 134 -7.85 -2.00 20.69
C ILE F 134 -7.92 -1.57 19.22
N GLU F 135 -7.74 -0.26 18.99
CA GLU F 135 -7.57 0.31 17.64
C GLU F 135 -8.69 -0.12 16.70
N HIS F 136 -9.89 -0.22 17.26
CA HIS F 136 -11.04 -0.85 16.59
C HIS F 136 -12.26 0.08 16.73
N GLY F 137 -12.31 1.11 15.88
CA GLY F 137 -13.42 2.04 15.91
C GLY F 137 -13.54 2.91 17.15
N ILE F 138 -14.50 3.84 17.13
CA ILE F 138 -14.72 4.76 18.25
C ILE F 138 -15.57 4.09 19.32
N HIS F 139 -15.06 4.07 20.55
CA HIS F 139 -15.75 3.43 21.66
C HIS F 139 -16.16 4.46 22.72
N LYS F 140 -17.33 4.24 23.35
CA LYS F 140 -17.89 5.15 24.33
C LYS F 140 -18.20 4.42 25.62
N ILE F 141 -17.82 4.99 26.75
CA ILE F 141 -18.30 4.49 28.03
C ILE F 141 -19.27 5.50 28.60
N THR F 142 -20.11 5.03 29.51
CA THR F 142 -21.17 5.83 30.06
C THR F 142 -21.08 5.75 31.58
N CYS F 143 -21.25 6.90 32.23
CA CYS F 143 -21.30 6.96 33.67
C CYS F 143 -22.34 5.98 34.19
N PRO F 144 -21.97 5.05 35.06
CA PRO F 144 -22.89 3.99 35.47
C PRO F 144 -23.74 4.37 36.67
N ASN F 145 -24.87 3.69 36.79
CA ASN F 145 -25.81 3.89 37.90
C ASN F 145 -26.15 5.38 38.09
N VAL F 146 -26.82 5.92 37.07
CA VAL F 146 -27.27 7.30 37.08
C VAL F 146 -28.79 7.42 36.93
N ASP F 147 -29.48 6.38 36.47
CA ASP F 147 -30.93 6.43 36.29
C ASP F 147 -31.66 6.59 37.62
N GLY F 148 -32.78 7.29 37.58
CA GLY F 148 -33.65 7.40 38.74
C GLY F 148 -33.22 8.37 39.82
N TYR F 149 -32.07 9.02 39.68
CA TYR F 149 -31.61 9.96 40.69
C TYR F 149 -32.14 11.37 40.49
N PHE F 150 -32.55 11.72 39.27
CA PHE F 150 -33.07 13.05 38.96
C PHE F 150 -33.86 12.96 37.67
N PRO F 151 -34.87 13.80 37.48
CA PRO F 151 -35.68 13.72 36.25
C PRO F 151 -34.89 14.18 35.03
N SER F 152 -35.48 13.95 33.85
CA SER F 152 -34.83 14.35 32.60
C SER F 152 -34.77 15.87 32.44
N SER F 153 -35.69 16.59 33.06
CA SER F 153 -35.70 18.05 33.01
C SER F 153 -34.49 18.66 33.71
N VAL F 154 -33.81 17.91 34.56
CA VAL F 154 -32.62 18.40 35.27
C VAL F 154 -31.43 17.93 34.48
N LYS F 155 -30.68 18.85 33.89
CA LYS F 155 -29.48 18.45 33.17
C LYS F 155 -28.29 18.62 34.11
N PRO F 156 -27.63 17.54 34.51
CA PRO F 156 -26.57 17.64 35.52
C PRO F 156 -25.24 18.07 34.92
N SER F 157 -24.32 18.42 35.82
CA SER F 157 -22.93 18.69 35.43
C SER F 157 -22.13 17.41 35.61
N VAL F 158 -21.50 16.94 34.54
CA VAL F 158 -20.65 15.76 34.61
C VAL F 158 -19.22 16.20 34.31
N THR F 159 -18.27 15.72 35.11
CA THR F 159 -16.86 15.88 34.78
C THR F 159 -16.18 14.54 34.95
N TRP F 160 -15.21 14.24 34.09
CA TRP F 160 -14.45 13.00 34.11
C TRP F 160 -13.02 13.25 34.56
N TYR F 161 -12.47 12.25 35.26
CA TYR F 161 -11.09 12.24 35.70
C TYR F 161 -10.46 10.94 35.23
N LYS F 162 -9.20 11.02 34.82
CA LYS F 162 -8.35 9.86 34.68
C LYS F 162 -7.37 9.91 35.85
N GLY F 163 -7.32 8.84 36.63
CA GLY F 163 -6.58 8.91 37.87
C GLY F 163 -7.10 10.05 38.71
N CYS F 164 -6.19 10.92 39.14
CA CYS F 164 -6.52 12.09 39.93
C CYS F 164 -6.74 13.35 39.10
N THR F 165 -6.43 13.32 37.81
CA THR F 165 -6.37 14.52 36.97
C THR F 165 -7.65 14.70 36.17
N GLU F 166 -8.18 15.93 36.16
CA GLU F 166 -9.41 16.21 35.45
C GLU F 166 -9.19 16.13 33.94
N ILE F 167 -10.17 15.59 33.23
CA ILE F 167 -10.11 15.47 31.79
C ILE F 167 -10.89 16.63 31.21
N VAL F 168 -10.20 17.54 30.53
CA VAL F 168 -10.93 18.52 29.74
C VAL F 168 -11.13 17.87 28.37
N ASP F 169 -10.02 17.53 27.71
CA ASP F 169 -10.02 16.64 26.54
C ASP F 169 -8.59 16.15 26.30
N PHE F 170 -8.48 14.95 25.73
CA PHE F 170 -7.21 14.41 25.26
C PHE F 170 -7.17 14.46 23.74
N HIS F 171 -6.00 14.17 23.18
CA HIS F 171 -5.94 14.18 21.73
C HIS F 171 -6.77 13.05 21.13
N ASN F 172 -7.04 11.99 21.90
CA ASN F 172 -7.88 10.89 21.44
C ASN F 172 -9.02 10.57 22.41
N VAL F 173 -9.26 11.41 23.41
CA VAL F 173 -10.34 11.20 24.37
C VAL F 173 -11.14 12.49 24.45
N LEU F 174 -12.48 12.38 24.38
CA LEU F 174 -13.32 13.55 24.51
C LEU F 174 -14.51 13.26 25.43
N PRO F 175 -14.73 14.06 26.46
CA PRO F 175 -15.93 13.93 27.29
C PRO F 175 -17.09 14.69 26.67
N GLU F 176 -18.26 14.05 26.61
CA GLU F 176 -19.51 14.64 26.16
C GLU F 176 -20.56 14.30 27.22
N GLY F 177 -20.65 15.14 28.25
CA GLY F 177 -21.63 14.93 29.30
C GLY F 177 -21.48 13.59 29.97
N MET F 178 -22.54 12.80 29.94
CA MET F 178 -22.56 11.51 30.60
C MET F 178 -21.73 10.46 29.87
N GLN F 179 -21.10 10.80 28.75
CA GLN F 179 -20.36 9.80 28.00
C GLN F 179 -18.92 10.23 27.78
N LEU F 180 -18.04 9.25 27.69
CA LEU F 180 -16.62 9.46 27.44
C LEU F 180 -16.26 8.72 26.17
N SER F 181 -15.63 9.42 25.23
CA SER F 181 -15.34 8.86 23.90
C SER F 181 -13.85 8.66 23.71
N PHE F 182 -13.48 7.43 23.32
CA PHE F 182 -12.14 7.03 22.94
C PHE F 182 -12.14 6.83 21.43
N PHE F 183 -11.45 7.70 20.70
CA PHE F 183 -11.55 7.65 19.24
C PHE F 183 -10.76 6.48 18.65
N ILE F 184 -9.56 6.21 19.16
CA ILE F 184 -8.80 5.03 18.73
C ILE F 184 -8.16 4.42 19.96
N PRO F 185 -8.82 3.49 20.63
CA PRO F 185 -8.33 3.03 21.93
C PRO F 185 -6.95 2.39 21.83
N LEU F 186 -6.02 2.85 22.67
CA LEU F 186 -4.69 2.30 22.77
C LEU F 186 -4.39 1.81 24.18
N VAL F 187 -3.23 1.15 24.30
CA VAL F 187 -2.73 0.78 25.61
C VAL F 187 -2.66 2.01 26.51
N SER F 188 -2.27 3.16 25.93
CA SER F 188 -2.07 4.41 26.65
C SER F 188 -3.35 4.89 27.31
N ASN F 189 -4.51 4.44 26.81
CA ASN F 189 -5.82 4.82 27.33
C ASN F 189 -6.28 3.97 28.49
N ASN F 190 -5.48 3.01 28.95
CA ASN F 190 -5.88 2.24 30.11
C ASN F 190 -5.90 3.13 31.34
N GLY F 191 -6.77 2.80 32.28
CA GLY F 191 -6.67 3.42 33.59
C GLY F 191 -8.02 3.56 34.27
N GLN F 192 -7.97 4.22 35.42
CA GLN F 192 -9.17 4.48 36.21
C GLN F 192 -9.82 5.75 35.71
N TYR F 193 -11.05 5.66 35.26
CA TYR F 193 -11.80 6.82 34.82
C TYR F 193 -12.99 7.00 35.75
N THR F 194 -13.08 8.15 36.41
CA THR F 194 -14.16 8.42 37.35
C THR F 194 -15.03 9.54 36.79
N CYS F 195 -16.35 9.32 36.78
CA CYS F 195 -17.28 10.40 36.49
C CYS F 195 -17.84 10.93 37.80
N VAL F 196 -17.95 12.26 37.88
CA VAL F 196 -18.68 12.93 38.95
C VAL F 196 -19.87 13.64 38.33
N VAL F 197 -21.04 13.42 38.95
CA VAL F 197 -22.32 13.94 38.47
C VAL F 197 -22.90 14.79 39.59
N THR F 198 -23.06 16.09 39.33
CA THR F 198 -23.61 17.01 40.30
C THR F 198 -24.96 17.49 39.79
N TYR F 199 -25.97 17.47 40.66
CA TYR F 199 -27.31 17.91 40.27
C TYR F 199 -28.02 18.55 41.44
N PRO F 200 -28.98 19.41 41.19
CA PRO F 200 -29.77 19.95 42.31
C PRO F 200 -31.07 19.18 42.48
N GLU F 201 -31.63 19.23 43.68
CA GLU F 201 -32.96 18.69 43.97
C GLU F 201 -33.45 19.24 45.30
N ASN F 202 -34.67 19.79 45.32
CA ASN F 202 -35.25 20.45 46.50
C ASN F 202 -34.29 21.49 47.06
N GLY F 203 -33.59 22.18 46.15
CA GLY F 203 -32.68 23.22 46.50
C GLY F 203 -31.30 22.74 46.94
N ARG F 204 -31.16 21.47 47.31
CA ARG F 204 -29.84 21.01 47.72
C ARG F 204 -29.04 20.44 46.54
N LEU F 205 -27.74 20.36 46.73
CA LEU F 205 -26.81 19.93 45.70
C LEU F 205 -26.31 18.53 46.03
N PHE F 206 -26.41 17.61 45.07
CA PHE F 206 -26.04 16.22 45.25
C PHE F 206 -24.95 15.79 44.28
N HIS F 207 -24.12 14.84 44.74
CA HIS F 207 -23.03 14.29 43.94
C HIS F 207 -23.16 12.78 43.85
N LEU F 208 -22.80 12.24 42.69
CA LEU F 208 -22.65 10.82 42.47
C LEU F 208 -21.30 10.60 41.80
N THR F 209 -20.47 9.76 42.40
CA THR F 209 -19.14 9.43 41.88
C THR F 209 -19.12 7.97 41.44
N ARG F 210 -18.53 7.71 40.27
CA ARG F 210 -18.42 6.32 39.82
C ARG F 210 -17.08 6.09 39.12
N THR F 211 -16.41 5.01 39.49
CA THR F 211 -15.10 4.65 38.97
C THR F 211 -15.22 3.45 38.05
N VAL F 212 -14.64 3.56 36.87
CA VAL F 212 -14.64 2.49 35.88
C VAL F 212 -13.20 2.22 35.49
N THR F 213 -12.78 0.96 35.59
CA THR F 213 -11.46 0.58 35.09
C THR F 213 -11.55 0.29 33.61
N VAL F 214 -10.86 1.09 32.80
CA VAL F 214 -10.83 0.86 31.36
C VAL F 214 -9.61 0.02 31.01
N LYS F 215 -9.88 -1.10 30.35
CA LYS F 215 -8.86 -2.07 29.96
C LYS F 215 -9.02 -2.30 28.47
N VAL F 216 -7.92 -2.23 27.74
CA VAL F 216 -7.94 -2.46 26.30
C VAL F 216 -7.54 -3.90 25.99
N VAL F 217 -8.33 -4.56 25.13
CA VAL F 217 -8.19 -5.97 24.80
C VAL F 217 -8.11 -6.18 23.28
N GLY F 218 -7.65 -7.37 22.89
CA GLY F 218 -7.37 -7.63 21.48
C GLY F 218 -8.63 -7.57 20.63
N SER F 219 -8.50 -6.97 19.44
CA SER F 219 -9.68 -6.73 18.63
C SER F 219 -10.13 -8.01 17.93
N PRO F 220 -11.40 -8.08 17.55
CA PRO F 220 -11.86 -9.27 16.81
C PRO F 220 -11.18 -9.47 15.47
N LYS F 221 -10.70 -8.39 14.84
CA LYS F 221 -10.08 -8.51 13.52
C LYS F 221 -8.77 -9.28 13.58
N ASP F 222 -8.10 -9.26 14.72
CA ASP F 222 -6.88 -10.03 14.91
C ASP F 222 -7.14 -11.40 15.53
N ALA F 223 -8.41 -11.80 15.67
CA ALA F 223 -8.72 -13.05 16.34
C ALA F 223 -8.35 -14.23 15.46
N LEU F 224 -7.56 -15.14 16.00
CA LEU F 224 -7.15 -16.34 15.28
C LEU F 224 -7.55 -17.62 16.01
N PRO F 225 -7.49 -18.76 15.34
CA PRO F 225 -7.62 -20.04 16.02
C PRO F 225 -6.34 -20.30 16.81
N PRO F 226 -6.35 -21.26 17.74
CA PRO F 226 -5.17 -21.49 18.58
C PRO F 226 -3.93 -21.73 17.73
N GLN F 227 -2.85 -21.06 18.09
CA GLN F 227 -1.57 -21.27 17.43
C GLN F 227 -0.63 -21.98 18.39
N ILE F 228 -0.14 -23.14 17.97
CA ILE F 228 0.67 -24.02 18.81
C ILE F 228 2.14 -23.77 18.51
N TYR F 229 2.90 -23.31 19.51
CA TYR F 229 4.32 -23.07 19.34
C TYR F 229 5.15 -24.33 19.54
N SER F 230 4.87 -25.07 20.61
CA SER F 230 5.50 -26.30 21.01
C SER F 230 4.41 -27.34 21.28
N PRO F 231 4.61 -28.61 20.90
CA PRO F 231 5.84 -29.14 20.29
C PRO F 231 5.89 -28.74 18.84
N ASN F 232 7.06 -28.80 18.22
CA ASN F 232 7.14 -28.59 16.79
C ASN F 232 8.22 -29.50 16.23
N ASP F 233 8.22 -29.66 14.91
CA ASP F 233 9.04 -30.71 14.28
C ASP F 233 10.53 -30.55 14.59
N ARG F 234 11.02 -29.31 14.74
CA ARG F 234 12.46 -29.13 14.86
C ARG F 234 13.02 -29.54 16.21
N VAL F 235 12.18 -29.94 17.16
CA VAL F 235 12.61 -30.51 18.43
C VAL F 235 12.07 -31.93 18.56
N VAL F 236 12.89 -32.85 19.07
CA VAL F 236 12.50 -34.24 19.31
C VAL F 236 12.89 -34.65 20.72
N TYR F 237 12.03 -35.43 21.36
CA TYR F 237 12.15 -35.81 22.76
C TYR F 237 12.72 -37.20 22.87
N GLY F 242 16.49 -41.50 31.19
CA GLY F 242 15.54 -41.00 32.17
C GLY F 242 14.13 -41.49 31.94
N GLU F 243 13.53 -42.09 32.97
CA GLU F 243 12.22 -42.73 32.82
C GLU F 243 11.12 -41.69 32.57
N GLU F 244 10.96 -40.71 33.45
CA GLU F 244 9.87 -39.74 33.32
C GLU F 244 10.20 -38.64 32.32
N LEU F 245 9.29 -38.40 31.39
CA LEU F 245 9.50 -37.43 30.33
C LEU F 245 8.52 -36.26 30.47
N VAL F 246 8.94 -35.08 30.02
CA VAL F 246 8.11 -33.88 30.09
C VAL F 246 8.06 -33.23 28.71
N ILE F 247 6.85 -33.03 28.19
CA ILE F 247 6.66 -32.35 26.91
C ILE F 247 5.72 -31.17 27.15
N PRO F 248 6.09 -29.99 26.72
CA PRO F 248 5.23 -28.84 26.92
C PRO F 248 4.42 -28.57 25.67
N CYS F 249 3.15 -28.26 25.86
CA CYS F 249 2.32 -27.75 24.79
C CYS F 249 2.11 -26.27 25.05
N LYS F 250 2.61 -25.42 24.16
CA LYS F 250 2.55 -23.96 24.30
C LYS F 250 1.64 -23.41 23.21
N VAL F 251 0.46 -22.89 23.59
CA VAL F 251 -0.55 -22.39 22.66
C VAL F 251 -0.83 -20.91 22.91
N TYR F 252 -0.85 -20.14 21.83
CA TYR F 252 -1.24 -18.74 21.87
C TYR F 252 -2.71 -18.64 21.47
N PHE F 253 -3.45 -17.80 22.19
CA PHE F 253 -4.87 -17.56 21.96
C PHE F 253 -5.12 -16.07 21.80
N SER F 254 -5.61 -15.67 20.63
CA SER F 254 -6.16 -14.34 20.47
C SER F 254 -7.30 -14.11 21.46
N PHE F 255 -7.40 -12.90 21.98
CA PHE F 255 -8.50 -12.61 22.90
C PHE F 255 -9.82 -12.60 22.14
N ILE F 256 -10.80 -13.38 22.62
CA ILE F 256 -12.15 -13.43 22.06
C ILE F 256 -13.13 -13.46 23.22
N MET F 257 -14.13 -12.57 23.19
CA MET F 257 -14.86 -12.17 24.40
C MET F 257 -15.40 -13.35 25.19
N ASP F 258 -16.34 -14.10 24.63
CA ASP F 258 -16.99 -15.19 25.36
C ASP F 258 -16.50 -16.50 24.78
N SER F 259 -15.20 -16.75 24.92
CA SER F 259 -14.55 -17.91 24.32
C SER F 259 -13.93 -18.79 25.39
N HIS F 260 -13.98 -20.09 25.13
CA HIS F 260 -13.61 -21.09 26.11
C HIS F 260 -12.29 -21.63 25.56
N ASN F 261 -11.17 -21.12 26.03
CA ASN F 261 -9.90 -21.59 25.48
C ASN F 261 -9.53 -22.92 26.12
N GLU F 262 -9.16 -23.90 25.30
CA GLU F 262 -8.91 -25.25 25.79
C GLU F 262 -7.64 -25.80 25.16
N VAL F 263 -6.80 -26.40 25.99
CA VAL F 263 -5.65 -27.17 25.51
C VAL F 263 -5.60 -28.49 26.29
N TRP F 264 -5.37 -29.59 25.58
CA TRP F 264 -5.30 -30.91 26.19
C TRP F 264 -4.44 -31.83 25.36
N TRP F 265 -3.95 -32.92 25.98
CA TRP F 265 -3.07 -33.90 25.37
C TRP F 265 -3.83 -35.20 25.05
N THR F 266 -3.31 -35.95 24.08
CA THR F 266 -3.78 -37.30 23.78
C THR F 266 -2.63 -38.29 23.75
N ILE F 267 -2.82 -39.39 24.48
CA ILE F 267 -1.95 -40.54 24.44
C ILE F 267 -2.73 -41.54 23.60
N ASP F 268 -2.48 -41.56 22.29
CA ASP F 268 -3.26 -42.35 21.35
C ASP F 268 -4.76 -42.21 21.59
N GLY F 269 -5.18 -41.00 21.99
CA GLY F 269 -6.60 -40.66 22.04
C GLY F 269 -7.27 -40.61 23.40
N LYS F 270 -6.54 -40.46 24.51
CA LYS F 270 -7.21 -40.39 25.81
C LYS F 270 -6.28 -39.82 26.87
N LYS F 271 -6.90 -39.29 27.92
CA LYS F 271 -6.22 -38.81 29.14
C LYS F 271 -4.93 -38.05 28.90
N ASN F 282 0.35 -30.42 34.52
CA ASN F 282 0.47 -29.04 34.97
C ASN F 282 0.10 -27.97 33.93
N GLU F 283 -0.95 -27.22 34.21
CA GLU F 283 -1.40 -26.14 33.37
C GLU F 283 -0.87 -24.82 33.93
N SER F 284 -0.44 -23.92 33.04
CA SER F 284 -0.12 -22.55 33.44
C SER F 284 -0.53 -21.58 32.32
N VAL F 285 -0.74 -20.31 32.69
CA VAL F 285 -1.29 -19.32 31.76
C VAL F 285 -0.55 -17.98 31.93
N SER F 286 -0.36 -17.29 30.81
CA SER F 286 0.27 -15.97 30.80
C SER F 286 -0.58 -14.99 29.99
N TYR F 287 -0.73 -13.77 30.50
CA TYR F 287 -1.60 -12.79 29.88
C TYR F 287 -0.76 -11.66 29.31
N SER F 288 -1.13 -11.19 28.11
CA SER F 288 -0.47 -10.06 27.50
C SER F 288 -1.12 -8.76 27.98
N SER F 289 -0.63 -7.64 27.45
CA SER F 289 -1.26 -6.36 27.76
C SER F 289 -2.71 -6.35 27.30
N THR F 290 -2.96 -6.76 26.07
CA THR F 290 -4.32 -6.80 25.53
C THR F 290 -5.07 -8.08 25.86
N GLU F 291 -4.56 -8.87 26.81
CA GLU F 291 -5.22 -10.05 27.37
C GLU F 291 -5.31 -11.22 26.40
N ASP F 292 -4.47 -11.25 25.37
CA ASP F 292 -4.26 -12.49 24.63
C ASP F 292 -3.52 -13.48 25.54
N GLU F 293 -3.87 -14.75 25.47
CA GLU F 293 -3.36 -15.73 26.43
C GLU F 293 -2.34 -16.66 25.81
N THR F 294 -1.30 -17.00 26.57
CA THR F 294 -0.36 -18.06 26.21
C THR F 294 -0.40 -19.11 27.30
N ARG F 295 -0.94 -20.29 26.98
CA ARG F 295 -1.08 -21.38 27.93
C ARG F 295 -0.02 -22.42 27.63
N THR F 296 0.66 -22.88 28.68
CA THR F 296 1.60 -23.98 28.54
C THR F 296 1.13 -25.11 29.44
N GLN F 297 0.88 -26.28 28.85
CA GLN F 297 0.46 -27.46 29.59
C GLN F 297 1.53 -28.53 29.43
N ILE F 298 2.21 -28.85 30.52
CA ILE F 298 3.34 -29.76 30.52
C ILE F 298 2.90 -31.13 31.01
N LEU F 299 3.28 -32.17 30.29
CA LEU F 299 2.91 -33.52 30.72
C LEU F 299 4.17 -34.33 31.02
N PRO F 306 9.39 -46.18 29.53
CA PRO F 306 9.41 -47.64 29.48
C PRO F 306 8.99 -48.19 28.10
N GLU F 307 7.76 -48.68 27.98
CA GLU F 307 7.18 -48.95 26.67
C GLU F 307 6.50 -47.73 26.06
N ASP F 308 6.19 -46.72 26.89
CA ASP F 308 5.42 -45.54 26.50
C ASP F 308 6.07 -44.74 25.37
N LEU F 309 7.33 -44.98 25.07
CA LEU F 309 8.05 -44.16 24.10
C LEU F 309 7.72 -44.51 22.65
N ARG F 310 6.98 -45.61 22.39
CA ARG F 310 6.45 -45.86 21.05
C ARG F 310 5.21 -45.02 20.73
N ARG F 311 4.43 -44.63 21.76
CA ARG F 311 3.11 -44.02 21.58
C ARG F 311 3.19 -42.67 20.85
N ASN F 312 2.02 -42.22 20.36
CA ASN F 312 1.86 -40.99 19.59
C ASN F 312 1.16 -39.94 20.45
N TYR F 313 1.90 -38.91 20.84
CA TYR F 313 1.42 -37.87 21.75
C TYR F 313 0.98 -36.68 20.92
N VAL F 314 -0.27 -36.25 21.05
CA VAL F 314 -0.69 -35.11 20.24
C VAL F 314 -1.29 -34.06 21.16
N CYS F 315 -0.83 -32.82 21.01
CA CYS F 315 -1.42 -31.70 21.72
C CYS F 315 -2.50 -31.03 20.89
N HIS F 316 -3.63 -30.76 21.53
CA HIS F 316 -4.81 -30.17 20.91
C HIS F 316 -5.16 -28.86 21.60
N ALA F 317 -5.68 -27.92 20.81
CA ALA F 317 -6.21 -26.69 21.37
C ALA F 317 -7.40 -26.26 20.53
N ARG F 318 -8.29 -25.50 21.16
CA ARG F 318 -9.50 -25.01 20.50
C ARG F 318 -9.96 -23.71 21.16
N ASN F 319 -10.47 -22.82 20.30
CA ASN F 319 -11.19 -21.62 20.71
C ASN F 319 -12.29 -21.37 19.70
N THR F 320 -13.02 -20.27 19.89
CA THR F 320 -14.19 -19.99 19.06
C THR F 320 -13.86 -19.97 17.57
N LYS F 321 -12.62 -19.65 17.20
CA LYS F 321 -12.29 -19.55 15.78
C LYS F 321 -11.76 -20.84 15.18
N GLY F 322 -11.55 -21.87 15.98
CA GLY F 322 -11.12 -23.11 15.35
C GLY F 322 -10.38 -24.00 16.32
N GLU F 323 -9.67 -24.95 15.73
CA GLU F 323 -8.99 -26.03 16.43
C GLU F 323 -7.64 -26.27 15.80
N ALA F 324 -6.63 -26.52 16.64
CA ALA F 324 -5.29 -26.81 16.15
C ALA F 324 -4.77 -28.04 16.87
N GLU F 325 -3.87 -28.75 16.20
CA GLU F 325 -3.30 -29.99 16.73
C GLU F 325 -1.87 -30.13 16.26
N GLN F 326 -1.02 -30.68 17.12
CA GLN F 326 0.38 -30.92 16.74
C GLN F 326 0.92 -32.12 17.52
N ALA F 327 1.57 -33.03 16.79
CA ALA F 327 2.10 -34.25 17.38
C ALA F 327 3.53 -34.03 17.84
N ALA F 328 3.85 -34.55 19.01
CA ALA F 328 5.21 -34.51 19.51
C ALA F 328 5.96 -35.71 18.97
N LYS F 329 7.24 -35.53 18.70
CA LYS F 329 8.12 -36.61 18.23
C LYS F 329 8.76 -37.27 19.44
N VAL F 330 8.42 -38.54 19.68
CA VAL F 330 8.84 -39.29 20.87
C VAL F 330 9.54 -40.58 20.46
N LYS F 331 10.84 -40.67 20.72
CA LYS F 331 11.63 -41.86 20.45
C LYS F 331 12.18 -42.43 21.76
#